data_4E7Z
#
_entry.id   4E7Z
#
_cell.length_a   98.148
_cell.length_b   93.319
_cell.length_c   101.875
_cell.angle_alpha   90.00
_cell.angle_beta   90.60
_cell.angle_gamma   90.00
#
_symmetry.space_group_name_H-M   'P 1 21 1'
#
loop_
_entity.id
_entity.type
_entity.pdbx_description
1 polymer Myosin-VI
2 non-polymer "ADENOSINE-5'-DIPHOSPHATE"
3 non-polymer 'VANADATE ION'
4 non-polymer 'MAGNESIUM ION'
5 non-polymer GLYCEROL
6 water water
#
_entity_poly.entity_id   1
_entity_poly.type   'polypeptide(L)'
_entity_poly.pdbx_seq_one_letter_code
;MDYKDDDDKGEDGKPVWAPHPTDGFQVGNIVDIGPDSLTIEPLNQKGKTFLALINQVFPAEEDSKKDVEDNCSLMYLNEA
TLLHNIKVRYSKDRIYTYVANILIAVNPYFDIPKIYSSETIKSYQGKSLGTMPPHVFAIADKAFRDMKVLKLSQSIIVSG
ESGAGKTENTKFVLRYLTESYGTGQDIDDRIVEANPLLEAFGNAKTVRNNNSSRFGKFVEIHFNEKSSVVGGFVSHYLLE
KSRICVQGKEERNYHIFYRLCAGASEDIRERLHLSSPDNFRYLNRGCTRYFANKETDKQILQNRKSPEYLKAGSLKDPLL
DDHGDFIRMCTAMKKIGLDDEEKLDLFRVVAGVLHLGNIDFEEAGSTSGGCNLKNKSTQALEYCAELLGLDQDDLRVSLT
TRVMLTTAGGAKGTVIKVPLKVEQANNARDALAKTVYSHLFDHVVNRVNQCFPFETSSYFIGVLDIAGFEYFEHNSFEQF
CINYCNEKLQQFFNERILKEEQELYQKEGLGVNEVHYVDNQDCIDLIEARLVGILDILDEENRLPQPSDQHFTSAVHQKH
KDHFRLSIPRKSKLAIHRNIRDDEGFIIRHFAGAVCYETTQFVEKNNDALHMSLESLICESRDKFIRELFESSTNNNKDT
KQKAGKLSFISVGNKFKTQLNLLLDKLRSTGASFIRCIKPNLKMTSHHFEGAQILSQLQCSGMVSVLDLMQGGFPSRASF
HELYNMYKKYMPDKLARLDPRLFCKALFKALGLNEIDYKFGLTKVFFRPGKFAEFDQIMKSDPDHLAELVKRVNHWLI
;
_entity_poly.pdbx_strand_id   A,B
#
loop_
_chem_comp.id
_chem_comp.type
_chem_comp.name
_chem_comp.formula
ADP non-polymer ADENOSINE-5'-DIPHOSPHATE 'C10 H15 N5 O10 P2'
GOL non-polymer GLYCEROL 'C3 H8 O3'
MG non-polymer 'MAGNESIUM ION' 'Mg 2'
VO4 non-polymer 'VANADATE ION' 'O4 V -3'
#
# COMPACT_ATOMS: atom_id res chain seq x y z
N LYS A 14 16.17 41.63 -10.17
CA LYS A 14 15.03 41.02 -10.87
C LYS A 14 14.85 39.53 -10.51
N PRO A 15 13.61 39.16 -10.12
CA PRO A 15 13.30 37.81 -9.64
C PRO A 15 13.65 36.70 -10.63
N VAL A 16 14.06 35.54 -10.09
CA VAL A 16 14.45 34.38 -10.87
C VAL A 16 13.76 33.07 -10.39
N TRP A 17 13.93 32.01 -11.15
CA TRP A 17 13.40 30.71 -10.84
C TRP A 17 14.54 29.87 -10.30
N ALA A 18 14.29 29.19 -9.19
CA ALA A 18 15.29 28.29 -8.60
C ALA A 18 14.63 26.99 -8.17
N PRO A 19 15.40 25.87 -8.10
CA PRO A 19 14.83 24.56 -7.78
C PRO A 19 13.98 24.51 -6.51
N HIS A 20 12.98 23.63 -6.55
CA HIS A 20 12.14 23.34 -5.40
C HIS A 20 11.72 21.88 -5.54
N PRO A 21 11.86 21.09 -4.45
CA PRO A 21 11.73 19.64 -4.53
C PRO A 21 10.32 19.14 -4.94
N THR A 22 9.27 19.88 -4.56
CA THR A 22 7.91 19.51 -4.96
C THR A 22 7.25 20.47 -5.96
N ASP A 23 7.61 21.76 -5.92
CA ASP A 23 7.08 22.65 -6.95
C ASP A 23 7.89 22.68 -8.25
N GLY A 24 9.06 22.06 -8.25
CA GLY A 24 9.90 22.08 -9.47
C GLY A 24 10.81 23.31 -9.49
N PHE A 25 10.19 24.50 -9.51
CA PHE A 25 10.92 25.75 -9.33
C PHE A 25 10.16 26.65 -8.35
N GLN A 26 10.89 27.56 -7.70
CA GLN A 26 10.28 28.57 -6.85
C GLN A 26 10.88 29.92 -7.20
N VAL A 27 10.15 31.00 -6.91
CA VAL A 27 10.64 32.29 -7.34
C VAL A 27 11.35 33.02 -6.21
N GLY A 28 12.51 33.58 -6.51
CA GLY A 28 13.25 34.38 -5.56
C GLY A 28 14.19 35.39 -6.21
N ASN A 29 15.05 36.00 -5.39
CA ASN A 29 16.04 36.94 -5.87
C ASN A 29 17.45 36.45 -5.59
N ILE A 30 18.35 36.60 -6.55
CA ILE A 30 19.77 36.35 -6.26
C ILE A 30 20.34 37.47 -5.36
N VAL A 31 20.82 37.10 -4.17
CA VAL A 31 21.28 38.10 -3.20
C VAL A 31 22.78 38.11 -2.99
N ASP A 32 23.44 37.09 -3.51
CA ASP A 32 24.89 36.99 -3.48
C ASP A 32 25.30 35.92 -4.47
N ILE A 33 26.57 35.90 -4.84
CA ILE A 33 27.11 34.92 -5.78
C ILE A 33 28.47 34.45 -5.29
N GLY A 34 28.75 33.17 -5.48
CA GLY A 34 29.97 32.59 -4.96
C GLY A 34 30.59 31.69 -6.00
N PRO A 35 31.70 31.02 -5.63
CA PRO A 35 32.51 30.16 -6.51
C PRO A 35 31.68 29.44 -7.56
N ASP A 36 30.98 28.38 -7.20
CA ASP A 36 30.18 27.66 -8.19
C ASP A 36 28.69 27.59 -7.87
N SER A 37 28.16 28.64 -7.25
CA SER A 37 26.79 28.62 -6.74
C SER A 37 26.16 30.00 -6.69
N LEU A 38 24.83 30.02 -6.47
CA LEU A 38 24.08 31.25 -6.26
C LEU A 38 23.29 31.19 -4.96
N THR A 39 23.15 32.33 -4.31
CA THR A 39 22.41 32.41 -3.07
C THR A 39 21.07 33.08 -3.34
N ILE A 40 19.97 32.39 -3.00
CA ILE A 40 18.62 32.81 -3.38
C ILE A 40 17.76 33.18 -2.19
N GLU A 41 17.05 34.29 -2.29
CA GLU A 41 16.14 34.72 -1.24
C GLU A 41 14.71 34.62 -1.74
N PRO A 42 14.02 33.53 -1.40
CA PRO A 42 12.66 33.22 -1.86
C PRO A 42 11.72 34.36 -1.55
N LEU A 43 10.86 34.70 -2.50
CA LEU A 43 10.04 35.91 -2.43
C LEU A 43 9.24 35.96 -1.15
N ASN A 44 9.25 37.12 -0.52
CA ASN A 44 8.62 37.32 0.78
C ASN A 44 9.16 36.38 1.88
N GLN A 45 10.48 36.21 1.93
CA GLN A 45 11.12 35.52 3.03
C GLN A 45 12.44 36.17 3.36
N LYS A 46 12.37 37.47 3.68
CA LYS A 46 13.55 38.30 3.95
C LYS A 46 14.61 37.63 4.82
N GLY A 47 14.17 36.73 5.68
CA GLY A 47 15.11 35.94 6.44
C GLY A 47 15.88 35.01 5.52
N LYS A 48 15.24 33.90 5.16
CA LYS A 48 15.93 32.74 4.59
C LYS A 48 16.63 32.95 3.25
N THR A 49 17.72 32.22 3.08
CA THR A 49 18.35 32.04 1.78
C THR A 49 18.65 30.56 1.61
N PHE A 50 18.94 30.15 0.38
CA PHE A 50 19.37 28.79 0.09
C PHE A 50 20.26 28.80 -1.13
N LEU A 51 21.07 27.78 -1.31
CA LEU A 51 22.03 27.74 -2.39
C LEU A 51 21.52 26.96 -3.59
N ALA A 52 21.88 27.43 -4.78
CA ALA A 52 21.52 26.73 -6.01
C ALA A 52 22.71 26.74 -6.95
N LEU A 53 22.92 25.64 -7.65
CA LEU A 53 23.87 25.63 -8.73
C LEU A 53 23.47 26.70 -9.74
N ILE A 54 24.47 27.24 -10.42
CA ILE A 54 24.27 28.33 -11.37
C ILE A 54 23.45 27.87 -12.57
N ASN A 55 23.70 26.65 -13.03
CA ASN A 55 22.94 26.12 -14.16
C ASN A 55 21.51 25.65 -13.81
N GLN A 56 21.08 25.92 -12.59
CA GLN A 56 19.74 25.54 -12.12
C GLN A 56 18.87 26.77 -11.81
N VAL A 57 19.40 27.95 -12.06
CA VAL A 57 18.65 29.18 -11.86
C VAL A 57 18.29 29.78 -13.23
N PHE A 58 17.05 30.22 -13.40
CA PHE A 58 16.57 30.72 -14.70
C PHE A 58 15.86 32.07 -14.58
N PRO A 59 16.01 32.92 -15.63
CA PRO A 59 15.26 34.17 -15.63
C PRO A 59 13.76 33.87 -15.75
N ALA A 60 12.96 34.73 -15.14
CA ALA A 60 11.50 34.59 -15.06
C ALA A 60 10.78 35.75 -15.77
N GLU A 61 9.59 35.50 -16.31
CA GLU A 61 8.79 36.57 -16.90
C GLU A 61 8.56 37.63 -15.85
N GLU A 62 8.54 38.89 -16.24
CA GLU A 62 8.42 40.00 -15.27
C GLU A 62 7.03 40.04 -14.64
N ASP A 63 6.00 39.74 -15.42
CA ASP A 63 4.65 39.67 -14.88
C ASP A 63 4.35 38.20 -14.56
N SER A 64 4.21 37.86 -13.27
CA SER A 64 4.04 36.47 -12.86
C SER A 64 2.60 35.96 -12.96
N LYS A 65 1.68 36.82 -13.37
CA LYS A 65 0.27 36.42 -13.44
C LYS A 65 -0.21 36.38 -14.88
N LYS A 66 0.69 36.73 -15.80
CA LYS A 66 0.33 36.72 -17.22
C LYS A 66 0.66 35.37 -17.82
N ASP A 67 -0.02 35.06 -18.90
CA ASP A 67 0.34 33.89 -19.65
C ASP A 67 0.27 34.19 -21.13
N VAL A 68 0.96 33.39 -21.91
CA VAL A 68 0.90 33.46 -23.34
C VAL A 68 0.34 32.15 -23.88
N GLU A 69 -0.35 32.24 -25.02
CA GLU A 69 -1.04 31.11 -25.62
C GLU A 69 -0.04 30.17 -26.29
N ASP A 70 1.03 30.74 -26.82
CA ASP A 70 2.12 29.97 -27.40
C ASP A 70 3.34 30.20 -26.50
N ASN A 71 3.92 29.11 -25.98
CA ASN A 71 5.12 29.24 -25.15
C ASN A 71 6.32 29.85 -25.91
N CYS A 72 6.29 29.79 -27.24
CA CYS A 72 7.29 30.46 -28.07
C CYS A 72 7.31 31.98 -27.90
N SER A 73 6.25 32.57 -27.35
CA SER A 73 6.16 34.02 -27.20
C SER A 73 6.71 34.52 -25.87
N LEU A 74 7.22 33.61 -25.04
CA LEU A 74 7.72 33.99 -23.72
C LEU A 74 8.95 34.90 -23.92
N MET A 75 9.17 35.85 -23.03
CA MET A 75 10.42 36.61 -23.09
C MET A 75 11.64 35.69 -22.93
N TYR A 76 11.61 34.88 -21.88
CA TYR A 76 12.66 33.90 -21.62
C TYR A 76 12.15 32.48 -21.83
N LEU A 77 12.81 31.73 -22.69
CA LEU A 77 12.31 30.43 -23.07
C LEU A 77 13.16 29.35 -22.42
N ASN A 78 12.73 28.90 -21.24
CA ASN A 78 13.41 27.81 -20.53
C ASN A 78 12.41 26.91 -19.79
N GLU A 79 12.88 25.81 -19.21
CA GLU A 79 11.99 24.81 -18.60
C GLU A 79 11.16 25.37 -17.46
N ALA A 80 11.76 26.28 -16.69
CA ALA A 80 11.08 26.95 -15.60
C ALA A 80 9.99 27.91 -16.07
N THR A 81 10.23 28.65 -17.16
CA THR A 81 9.18 29.55 -17.64
C THR A 81 8.05 28.78 -18.31
N LEU A 82 8.41 27.65 -18.94
CA LEU A 82 7.42 26.80 -19.57
C LEU A 82 6.49 26.23 -18.50
N LEU A 83 7.08 25.69 -17.43
CA LEU A 83 6.33 25.13 -16.33
C LEU A 83 5.36 26.17 -15.78
N HIS A 84 5.88 27.35 -15.42
CA HIS A 84 5.05 28.42 -14.84
C HIS A 84 3.93 28.90 -15.76
N ASN A 85 4.22 29.04 -17.05
CA ASN A 85 3.19 29.50 -18.00
C ASN A 85 2.02 28.50 -18.09
N ILE A 86 2.33 27.22 -18.14
CA ILE A 86 1.30 26.17 -18.19
C ILE A 86 0.50 26.15 -16.89
N LYS A 87 1.17 26.38 -15.79
CA LYS A 87 0.51 26.47 -14.49
C LYS A 87 -0.49 27.64 -14.41
N VAL A 88 -0.05 28.85 -14.75
CA VAL A 88 -0.95 30.00 -14.73
C VAL A 88 -2.20 29.74 -15.58
N ARG A 89 -2.01 29.21 -16.77
CA ARG A 89 -3.15 28.82 -17.61
C ARG A 89 -4.04 27.75 -16.95
N TYR A 90 -3.45 26.69 -16.41
CA TYR A 90 -4.22 25.67 -15.69
C TYR A 90 -5.03 26.28 -14.57
N SER A 91 -4.43 27.20 -13.82
CA SER A 91 -5.12 27.81 -12.68
C SER A 91 -6.34 28.60 -13.15
N LYS A 92 -6.35 28.98 -14.43
CA LYS A 92 -7.51 29.69 -14.99
C LYS A 92 -8.39 28.76 -15.84
N ASP A 93 -8.31 27.45 -15.62
CA ASP A 93 -9.03 26.45 -16.41
C ASP A 93 -8.76 26.52 -17.91
N ARG A 94 -7.55 26.88 -18.28
CA ARG A 94 -7.12 26.76 -19.67
C ARG A 94 -6.14 25.62 -19.73
N ILE A 95 -6.58 24.48 -20.22
CA ILE A 95 -5.77 23.26 -20.10
C ILE A 95 -4.90 23.08 -21.33
N TYR A 96 -5.16 23.90 -22.34
CA TYR A 96 -4.44 23.82 -23.61
C TYR A 96 -3.50 25.00 -23.83
N THR A 97 -2.29 24.68 -24.29
CA THR A 97 -1.23 25.66 -24.59
C THR A 97 -0.37 25.13 -25.74
N TYR A 98 0.10 26.01 -26.64
CA TYR A 98 0.97 25.55 -27.72
C TYR A 98 2.45 25.67 -27.40
N VAL A 99 3.23 24.88 -28.12
CA VAL A 99 4.63 25.17 -28.38
C VAL A 99 4.65 25.14 -29.90
N ALA A 100 4.49 26.32 -30.50
CA ALA A 100 4.27 26.46 -31.95
C ALA A 100 3.03 25.68 -32.39
N ASN A 101 3.22 24.69 -33.25
CA ASN A 101 2.12 23.86 -33.73
C ASN A 101 1.90 22.55 -32.95
N ILE A 102 2.57 22.39 -31.80
CA ILE A 102 2.36 21.23 -30.97
C ILE A 102 1.51 21.65 -29.78
N LEU A 103 0.52 20.84 -29.45
CA LEU A 103 -0.40 21.16 -28.34
C LEU A 103 0.00 20.50 -27.02
N ILE A 104 0.03 21.27 -25.94
CA ILE A 104 0.12 20.70 -24.60
C ILE A 104 -1.24 20.74 -23.90
N ALA A 105 -1.67 19.59 -23.35
CA ALA A 105 -2.98 19.43 -22.71
C ALA A 105 -2.87 18.89 -21.30
N VAL A 106 -3.15 19.73 -20.31
CA VAL A 106 -3.11 19.30 -18.92
C VAL A 106 -4.49 18.84 -18.43
N ASN A 107 -4.61 17.56 -18.07
CA ASN A 107 -5.87 17.01 -17.54
C ASN A 107 -6.49 17.87 -16.43
N PRO A 108 -7.69 18.42 -16.64
CA PRO A 108 -8.43 19.18 -15.62
C PRO A 108 -9.07 18.32 -14.49
N TYR A 109 -9.40 17.07 -14.82
CA TYR A 109 -10.13 16.20 -13.87
C TYR A 109 -11.49 16.75 -13.39
N PHE A 110 -12.10 17.64 -14.17
CA PHE A 110 -13.54 17.95 -14.05
C PHE A 110 -13.92 18.49 -15.40
N ASP A 111 -15.23 18.61 -15.68
CA ASP A 111 -15.70 19.15 -16.96
C ASP A 111 -15.77 20.69 -16.95
N ILE A 112 -14.94 21.33 -17.76
CA ILE A 112 -14.94 22.77 -17.83
C ILE A 112 -16.07 23.11 -18.78
N PRO A 113 -17.02 23.94 -18.32
CA PRO A 113 -18.27 24.19 -19.06
C PRO A 113 -18.03 24.74 -20.45
N LYS A 114 -18.69 24.13 -21.43
CA LYS A 114 -18.87 24.73 -22.75
C LYS A 114 -17.66 24.66 -23.68
N ILE A 115 -16.48 24.33 -23.17
CA ILE A 115 -15.31 24.41 -24.05
C ILE A 115 -15.31 23.34 -25.14
N TYR A 116 -16.24 22.38 -25.05
CA TYR A 116 -16.40 21.42 -26.14
C TYR A 116 -17.78 21.48 -26.82
N SER A 117 -18.54 22.55 -26.59
CA SER A 117 -19.89 22.69 -27.17
C SER A 117 -19.88 22.80 -28.68
N SER A 118 -21.03 22.57 -29.29
CA SER A 118 -21.20 22.70 -30.75
C SER A 118 -20.84 24.10 -31.23
N GLU A 119 -21.16 25.09 -30.40
CA GLU A 119 -20.85 26.48 -30.62
C GLU A 119 -19.32 26.71 -30.71
N THR A 120 -18.57 26.10 -29.79
CA THR A 120 -17.11 26.22 -29.80
C THR A 120 -16.55 25.51 -31.02
N ILE A 121 -17.13 24.35 -31.35
CA ILE A 121 -16.73 23.64 -32.55
C ILE A 121 -16.80 24.56 -33.79
N LYS A 122 -17.93 25.24 -33.97
CA LYS A 122 -18.12 26.07 -35.17
C LYS A 122 -17.17 27.26 -35.19
N SER A 123 -16.87 27.81 -34.02
CA SER A 123 -15.96 28.93 -33.91
C SER A 123 -14.52 28.58 -34.31
N TYR A 124 -14.18 27.29 -34.32
CA TYR A 124 -12.85 26.88 -34.69
C TYR A 124 -12.75 26.59 -36.18
N GLN A 125 -13.89 26.45 -36.83
CA GLN A 125 -13.87 25.96 -38.21
C GLN A 125 -13.13 26.91 -39.18
N GLY A 126 -12.16 26.35 -39.90
CA GLY A 126 -11.37 27.11 -40.85
C GLY A 126 -10.37 28.11 -40.28
N LYS A 127 -10.28 28.20 -38.97
CA LYS A 127 -9.37 29.17 -38.35
C LYS A 127 -7.91 28.68 -38.34
N SER A 128 -6.98 29.61 -38.53
CA SER A 128 -5.58 29.25 -38.48
C SER A 128 -5.12 29.15 -37.04
N LEU A 129 -4.08 28.35 -36.80
CA LEU A 129 -3.44 28.29 -35.49
C LEU A 129 -3.04 29.70 -35.08
N GLY A 130 -3.35 30.07 -33.85
CA GLY A 130 -3.01 31.41 -33.40
C GLY A 130 -4.19 32.38 -33.37
N THR A 131 -5.18 32.18 -34.26
CA THR A 131 -6.29 33.14 -34.33
C THR A 131 -7.44 32.81 -33.38
N MET A 132 -7.37 31.64 -32.76
CA MET A 132 -8.29 31.22 -31.68
C MET A 132 -7.42 30.71 -30.52
N PRO A 133 -7.96 30.67 -29.30
CA PRO A 133 -7.18 30.10 -28.19
C PRO A 133 -6.71 28.67 -28.49
N PRO A 134 -5.59 28.24 -27.86
CA PRO A 134 -5.14 26.84 -28.02
C PRO A 134 -6.28 25.88 -27.68
N HIS A 135 -6.47 24.88 -28.52
CA HIS A 135 -7.54 23.93 -28.31
C HIS A 135 -7.27 22.69 -29.14
N VAL A 136 -7.78 21.55 -28.70
CA VAL A 136 -7.69 20.32 -29.44
C VAL A 136 -8.42 20.50 -30.79
N PHE A 137 -9.48 21.31 -30.79
CA PHE A 137 -10.24 21.59 -32.01
C PHE A 137 -9.36 22.23 -33.10
N ALA A 138 -8.42 23.07 -32.69
CA ALA A 138 -7.54 23.72 -33.66
C ALA A 138 -6.55 22.75 -34.26
N ILE A 139 -6.10 21.76 -33.47
CA ILE A 139 -5.21 20.73 -33.99
C ILE A 139 -5.91 19.87 -35.05
N ALA A 140 -7.17 19.52 -34.77
CA ALA A 140 -7.96 18.73 -35.72
C ALA A 140 -8.21 19.51 -37.00
N ASP A 141 -8.63 20.78 -36.87
CA ASP A 141 -8.88 21.60 -38.05
C ASP A 141 -7.64 21.74 -38.93
N LYS A 142 -6.50 21.92 -38.28
CA LYS A 142 -5.23 22.10 -38.97
C LYS A 142 -4.87 20.84 -39.75
N ALA A 143 -5.26 19.66 -39.23
CA ALA A 143 -5.02 18.40 -39.94
C ALA A 143 -5.95 18.24 -41.14
N PHE A 144 -7.20 18.70 -41.00
CA PHE A 144 -8.13 18.60 -42.12
C PHE A 144 -7.68 19.52 -43.27
N ARG A 145 -7.28 20.73 -42.91
CA ARG A 145 -6.80 21.67 -43.89
C ARG A 145 -5.53 21.18 -44.61
N ASP A 146 -4.55 20.70 -43.85
CA ASP A 146 -3.35 20.14 -44.47
C ASP A 146 -3.70 18.98 -45.37
N MET A 147 -4.63 18.15 -44.93
CA MET A 147 -5.08 17.04 -45.76
C MET A 147 -5.50 17.60 -47.14
N LYS A 148 -6.45 18.52 -47.11
CA LYS A 148 -7.08 19.06 -48.31
C LYS A 148 -6.07 19.73 -49.25
N VAL A 149 -5.25 20.61 -48.68
CA VAL A 149 -4.30 21.46 -49.39
C VAL A 149 -3.01 20.75 -49.83
N LEU A 150 -2.56 19.78 -49.03
CA LEU A 150 -1.35 19.06 -49.37
C LEU A 150 -1.65 17.74 -50.06
N LYS A 151 -2.92 17.37 -50.10
CA LYS A 151 -3.33 16.07 -50.63
C LYS A 151 -2.55 14.91 -49.97
N LEU A 152 -2.66 14.82 -48.64
CA LEU A 152 -1.80 13.95 -47.86
C LEU A 152 -2.47 13.50 -46.56
N SER A 153 -2.71 12.20 -46.44
CA SER A 153 -3.32 11.63 -45.23
C SER A 153 -2.59 12.12 -43.97
N GLN A 154 -3.33 12.26 -42.88
CA GLN A 154 -2.81 12.94 -41.70
C GLN A 154 -2.96 12.07 -40.46
N SER A 155 -2.08 12.28 -39.49
N SER A 155 -2.09 12.28 -39.48
CA SER A 155 -2.17 11.55 -38.22
CA SER A 155 -2.20 11.53 -38.23
C SER A 155 -2.02 12.51 -37.07
C SER A 155 -2.01 12.48 -37.07
N ILE A 156 -2.84 12.30 -36.04
CA ILE A 156 -2.80 13.10 -34.84
C ILE A 156 -2.40 12.14 -33.72
N ILE A 157 -1.21 12.35 -33.17
CA ILE A 157 -0.68 11.44 -32.18
C ILE A 157 -0.95 12.03 -30.80
N VAL A 158 -1.77 11.38 -30.00
CA VAL A 158 -2.01 11.83 -28.63
C VAL A 158 -1.19 10.98 -27.64
N SER A 159 -0.26 11.62 -26.93
CA SER A 159 0.66 10.89 -26.10
C SER A 159 0.49 11.29 -24.65
N GLY A 160 1.12 10.53 -23.76
CA GLY A 160 1.12 10.85 -22.34
C GLY A 160 1.05 9.60 -21.49
N GLU A 161 1.38 9.72 -20.21
CA GLU A 161 1.22 8.59 -19.29
C GLU A 161 -0.25 8.29 -18.94
N SER A 162 -0.48 7.15 -18.30
CA SER A 162 -1.81 6.69 -17.92
C SER A 162 -2.54 7.77 -17.13
N GLY A 163 -3.79 8.06 -17.51
CA GLY A 163 -4.57 9.11 -16.88
C GLY A 163 -4.26 10.55 -17.31
N ALA A 164 -3.35 10.72 -18.25
CA ALA A 164 -3.02 12.08 -18.72
C ALA A 164 -4.17 12.72 -19.48
N GLY A 165 -5.02 11.89 -20.07
CA GLY A 165 -6.06 12.43 -20.94
C GLY A 165 -6.03 12.13 -22.44
N LYS A 166 -5.28 11.11 -22.85
CA LYS A 166 -5.26 10.71 -24.27
C LYS A 166 -6.63 10.36 -24.86
N THR A 167 -7.41 9.55 -24.15
CA THR A 167 -8.69 9.08 -24.71
C THR A 167 -9.76 10.14 -24.81
N GLU A 168 -9.81 11.00 -23.81
CA GLU A 168 -10.79 12.07 -23.81
C GLU A 168 -10.50 12.98 -24.99
N ASN A 169 -9.24 13.36 -25.16
CA ASN A 169 -8.84 14.18 -26.28
C ASN A 169 -9.01 13.52 -27.66
N THR A 170 -8.77 12.22 -27.74
CA THR A 170 -9.02 11.49 -28.97
C THR A 170 -10.50 11.62 -29.34
N LYS A 171 -11.39 11.49 -28.35
CA LYS A 171 -12.83 11.66 -28.59
C LYS A 171 -13.22 13.09 -28.99
N PHE A 172 -12.52 14.09 -28.44
CA PHE A 172 -12.78 15.49 -28.85
C PHE A 172 -12.41 15.72 -30.30
N VAL A 173 -11.27 15.18 -30.71
CA VAL A 173 -10.85 15.26 -32.12
C VAL A 173 -11.88 14.59 -33.07
N LEU A 174 -12.29 13.36 -32.76
CA LEU A 174 -13.26 12.64 -33.60
C LEU A 174 -14.60 13.38 -33.69
N ARG A 175 -15.09 13.86 -32.55
CA ARG A 175 -16.28 14.69 -32.47
C ARG A 175 -16.15 15.97 -33.33
N TYR A 176 -15.03 16.69 -33.20
CA TYR A 176 -14.82 17.90 -33.99
C TYR A 176 -14.86 17.61 -35.47
N LEU A 177 -14.15 16.57 -35.88
CA LEU A 177 -14.04 16.26 -37.30
C LEU A 177 -15.36 15.80 -37.89
N THR A 178 -16.11 14.97 -37.16
CA THR A 178 -17.38 14.46 -37.66
C THR A 178 -18.44 15.56 -37.71
N GLU A 179 -18.57 16.33 -36.65
CA GLU A 179 -19.46 17.49 -36.64
C GLU A 179 -19.12 18.55 -37.71
N SER A 180 -17.84 18.77 -37.98
CA SER A 180 -17.42 19.87 -38.85
C SER A 180 -17.31 19.45 -40.30
N TYR A 181 -16.86 18.25 -40.55
CA TYR A 181 -16.56 17.87 -41.92
C TYR A 181 -17.32 16.62 -42.36
N GLY A 182 -18.27 16.21 -41.52
CA GLY A 182 -19.07 15.03 -41.77
C GLY A 182 -20.18 15.21 -42.79
N THR A 183 -20.89 14.14 -43.08
CA THR A 183 -21.91 14.15 -44.12
C THR A 183 -23.14 14.94 -43.69
N GLY A 184 -23.44 14.89 -42.39
CA GLY A 184 -24.55 15.67 -41.84
C GLY A 184 -25.80 14.87 -41.56
N ASP A 186 -25.56 10.70 -40.66
CA ASP A 186 -25.69 9.51 -39.82
C ASP A 186 -24.37 8.73 -39.76
N ILE A 187 -23.54 8.80 -40.80
CA ILE A 187 -22.17 8.27 -40.70
C ILE A 187 -21.46 8.91 -39.50
N ASP A 188 -21.51 10.25 -39.43
CA ASP A 188 -21.13 10.94 -38.21
C ASP A 188 -22.13 10.50 -37.14
N ASP A 189 -21.74 10.59 -35.88
CA ASP A 189 -22.42 9.92 -34.75
C ASP A 189 -21.91 8.50 -34.68
N ARG A 190 -21.87 7.80 -35.81
CA ARG A 190 -21.49 6.40 -35.76
C ARG A 190 -20.02 6.21 -35.39
N ILE A 191 -19.17 7.01 -36.02
CA ILE A 191 -17.77 7.09 -35.65
C ILE A 191 -17.61 7.53 -34.19
N VAL A 192 -18.37 8.53 -33.78
CA VAL A 192 -18.35 8.94 -32.37
C VAL A 192 -18.92 7.90 -31.37
N GLU A 193 -20.03 7.23 -31.71
CA GLU A 193 -20.63 6.26 -30.77
C GLU A 193 -19.86 4.94 -30.65
N ALA A 194 -19.06 4.62 -31.65
CA ALA A 194 -18.15 3.49 -31.59
C ALA A 194 -17.30 3.48 -30.32
N ASN A 195 -16.82 4.64 -29.89
CA ASN A 195 -15.86 4.66 -28.79
C ASN A 195 -16.40 4.18 -27.45
N PRO A 196 -17.52 4.76 -26.97
CA PRO A 196 -18.09 4.23 -25.72
C PRO A 196 -18.38 2.76 -25.82
N LEU A 197 -18.65 2.27 -27.03
CA LEU A 197 -18.89 0.84 -27.18
C LEU A 197 -17.61 0.05 -26.94
N LEU A 198 -16.51 0.50 -27.53
CA LEU A 198 -15.24 -0.17 -27.31
C LEU A 198 -14.70 0.02 -25.90
N GLU A 199 -15.04 1.14 -25.27
CA GLU A 199 -14.59 1.32 -23.89
C GLU A 199 -15.21 0.28 -22.97
N ALA A 200 -16.43 -0.15 -23.30
CA ALA A 200 -17.15 -1.10 -22.46
C ALA A 200 -16.37 -2.40 -22.39
N PHE A 201 -15.81 -2.80 -23.53
CA PHE A 201 -15.09 -4.07 -23.64
C PHE A 201 -13.57 -3.99 -23.44
N GLY A 202 -12.98 -2.80 -23.50
CA GLY A 202 -11.54 -2.74 -23.44
C GLY A 202 -10.96 -1.74 -22.45
N ASN A 203 -11.82 -1.13 -21.65
CA ASN A 203 -11.38 -0.17 -20.63
C ASN A 203 -11.75 -0.70 -19.25
N ALA A 204 -10.98 -0.33 -18.24
CA ALA A 204 -11.14 -0.89 -16.89
C ALA A 204 -10.52 0.05 -15.87
N LYS A 205 -11.00 -0.05 -14.63
CA LYS A 205 -10.43 0.70 -13.51
C LYS A 205 -9.04 0.12 -13.17
N THR A 206 -7.99 0.95 -13.27
CA THR A 206 -6.69 0.60 -12.70
C THR A 206 -6.47 1.66 -11.63
N VAL A 207 -5.41 1.52 -10.84
CA VAL A 207 -5.14 2.54 -9.83
C VAL A 207 -4.73 3.91 -10.40
N ARG A 208 -4.35 4.00 -11.67
CA ARG A 208 -3.97 5.31 -12.26
C ARG A 208 -5.16 5.99 -12.92
N ASN A 209 -6.12 5.21 -13.38
CA ASN A 209 -7.20 5.76 -14.18
C ASN A 209 -8.43 4.93 -13.96
N ASN A 210 -9.53 5.55 -13.56
CA ASN A 210 -10.80 4.85 -13.43
C ASN A 210 -11.30 4.30 -14.77
N ASN A 211 -10.91 4.93 -15.88
CA ASN A 211 -11.31 4.49 -17.21
C ASN A 211 -10.08 4.18 -18.10
N SER A 212 -9.14 3.38 -17.59
CA SER A 212 -7.91 3.02 -18.32
C SER A 212 -8.16 2.18 -19.59
N SER A 213 -7.62 2.63 -20.72
CA SER A 213 -7.64 1.82 -21.93
C SER A 213 -6.63 0.67 -21.81
N ARG A 214 -7.08 -0.56 -22.02
CA ARG A 214 -6.21 -1.70 -21.87
C ARG A 214 -5.92 -2.32 -23.25
N PHE A 215 -6.05 -1.47 -24.27
CA PHE A 215 -5.65 -1.77 -25.64
C PHE A 215 -5.30 -0.46 -26.28
N GLY A 216 -4.51 -0.51 -27.37
CA GLY A 216 -4.24 0.65 -28.18
C GLY A 216 -5.16 0.72 -29.38
N LYS A 217 -5.51 1.94 -29.80
CA LYS A 217 -6.32 2.12 -31.00
C LYS A 217 -5.84 3.19 -31.95
N PHE A 218 -6.04 2.93 -33.23
CA PHE A 218 -5.83 3.92 -34.29
C PHE A 218 -7.12 4.07 -35.04
N VAL A 219 -7.74 5.25 -34.94
CA VAL A 219 -9.04 5.49 -35.57
C VAL A 219 -8.94 6.34 -36.85
N GLU A 220 -9.31 5.75 -37.98
CA GLU A 220 -9.18 6.43 -39.27
C GLU A 220 -10.52 6.90 -39.80
N ILE A 221 -10.66 8.21 -39.95
CA ILE A 221 -11.74 8.80 -40.73
C ILE A 221 -11.29 8.96 -42.19
N HIS A 222 -11.97 8.25 -43.08
CA HIS A 222 -11.63 8.31 -44.51
C HIS A 222 -12.45 9.33 -45.31
N PHE A 223 -11.81 9.92 -46.31
CA PHE A 223 -12.43 10.96 -47.14
C PHE A 223 -12.26 10.67 -48.64
N ASN A 224 -13.18 11.18 -49.45
CA ASN A 224 -13.03 11.05 -50.91
C ASN A 224 -12.20 12.17 -51.50
N GLU A 225 -12.31 12.35 -52.82
CA GLU A 225 -11.56 13.40 -53.52
C GLU A 225 -11.98 14.81 -53.10
N LYS A 226 -13.27 14.99 -52.82
CA LYS A 226 -13.74 16.30 -52.42
C LYS A 226 -13.77 16.49 -50.91
N SER A 227 -12.92 15.73 -50.21
CA SER A 227 -12.75 15.84 -48.76
C SER A 227 -14.04 15.66 -47.98
N SER A 228 -14.87 14.73 -48.45
CA SER A 228 -16.05 14.36 -47.68
C SER A 228 -15.87 12.95 -47.10
N VAL A 229 -16.37 12.80 -45.87
CA VAL A 229 -16.26 11.55 -45.12
C VAL A 229 -17.01 10.40 -45.78
N VAL A 230 -16.28 9.34 -46.13
CA VAL A 230 -16.84 8.16 -46.77
C VAL A 230 -16.95 6.96 -45.84
N GLY A 231 -16.34 7.07 -44.67
CA GLY A 231 -16.34 5.99 -43.71
C GLY A 231 -15.16 6.02 -42.76
N GLY A 232 -15.02 4.95 -41.97
CA GLY A 232 -14.00 4.88 -40.93
C GLY A 232 -13.35 3.53 -40.78
N PHE A 233 -12.22 3.51 -40.07
CA PHE A 233 -11.58 2.24 -39.76
C PHE A 233 -10.79 2.25 -38.46
N VAL A 234 -11.13 1.32 -37.57
CA VAL A 234 -10.52 1.24 -36.25
C VAL A 234 -9.58 0.04 -36.18
N SER A 235 -8.30 0.32 -35.96
CA SER A 235 -7.33 -0.73 -35.69
C SER A 235 -7.20 -0.87 -34.18
N HIS A 236 -7.02 -2.09 -33.70
CA HIS A 236 -6.84 -2.34 -32.26
C HIS A 236 -5.60 -3.17 -31.97
N TYR A 237 -4.94 -2.84 -30.88
CA TYR A 237 -3.65 -3.44 -30.57
C TYR A 237 -3.61 -3.99 -29.16
N LEU A 238 -3.36 -5.30 -29.07
CA LEU A 238 -3.04 -6.00 -27.82
C LEU A 238 -3.96 -5.72 -26.63
N LEU A 239 -5.16 -6.26 -26.69
CA LEU A 239 -6.00 -6.30 -25.50
C LEU A 239 -5.27 -7.02 -24.35
N GLU A 240 -5.21 -6.38 -23.18
CA GLU A 240 -4.71 -7.02 -21.95
C GLU A 240 -5.53 -8.24 -21.53
N LYS A 241 -4.90 -9.42 -21.50
CA LYS A 241 -5.63 -10.70 -21.28
C LYS A 241 -5.84 -11.07 -19.83
N SER A 242 -4.81 -10.89 -19.02
CA SER A 242 -4.81 -11.36 -17.64
C SER A 242 -5.93 -10.75 -16.79
N ARG A 243 -6.33 -9.53 -17.14
CA ARG A 243 -7.39 -8.81 -16.44
C ARG A 243 -8.75 -9.48 -16.59
N ILE A 244 -8.93 -10.18 -17.70
CA ILE A 244 -10.14 -10.96 -17.92
C ILE A 244 -10.39 -11.90 -16.75
N CYS A 245 -9.32 -12.38 -16.11
CA CYS A 245 -9.44 -13.42 -15.06
C CYS A 245 -9.14 -12.99 -13.61
N VAL A 246 -8.24 -12.03 -13.43
CA VAL A 246 -7.85 -11.66 -12.08
C VAL A 246 -7.45 -10.18 -12.05
N GLN A 247 -7.71 -9.50 -10.94
CA GLN A 247 -7.32 -8.11 -10.78
C GLN A 247 -6.82 -7.86 -9.35
N GLY A 248 -6.01 -6.82 -9.18
CA GLY A 248 -5.65 -6.35 -7.84
C GLY A 248 -6.88 -5.74 -7.16
N LYS A 249 -6.86 -5.66 -5.82
CA LYS A 249 -8.05 -5.29 -5.04
C LYS A 249 -8.59 -3.87 -5.29
N GLU A 250 -7.78 -3.00 -5.86
CA GLU A 250 -8.28 -1.68 -6.19
C GLU A 250 -8.61 -1.49 -7.68
N GLU A 251 -8.55 -2.58 -8.44
CA GLU A 251 -8.77 -2.53 -9.87
C GLU A 251 -10.06 -3.29 -10.19
N ARG A 252 -10.51 -3.24 -11.44
CA ARG A 252 -11.67 -4.02 -11.85
C ARG A 252 -11.33 -4.71 -13.14
N ASN A 253 -12.20 -5.64 -13.54
CA ASN A 253 -12.19 -6.24 -14.86
C ASN A 253 -12.80 -5.20 -15.79
N TYR A 254 -12.89 -5.50 -17.08
CA TYR A 254 -13.50 -4.59 -18.07
C TYR A 254 -14.91 -4.14 -17.70
N HIS A 255 -15.27 -2.91 -18.09
CA HIS A 255 -16.47 -2.24 -17.59
C HIS A 255 -17.72 -3.03 -17.88
N ILE A 256 -17.74 -3.71 -19.03
CA ILE A 256 -18.92 -4.44 -19.47
C ILE A 256 -19.44 -5.37 -18.38
N PHE A 257 -18.55 -6.04 -17.65
CA PHE A 257 -19.01 -6.92 -16.58
C PHE A 257 -19.88 -6.18 -15.55
N TYR A 258 -19.48 -4.97 -15.19
CA TYR A 258 -20.20 -4.24 -14.14
C TYR A 258 -21.38 -3.44 -14.68
N ARG A 259 -21.28 -3.00 -15.93
CA ARG A 259 -22.41 -2.34 -16.55
C ARG A 259 -23.60 -3.31 -16.62
N LEU A 260 -23.29 -4.55 -16.99
CA LEU A 260 -24.29 -5.60 -17.15
C LEU A 260 -24.92 -5.97 -15.80
N CYS A 261 -24.09 -6.25 -14.81
CA CYS A 261 -24.59 -6.57 -13.47
C CYS A 261 -25.41 -5.43 -12.86
N ALA A 262 -25.06 -4.19 -13.17
CA ALA A 262 -25.74 -3.09 -12.53
C ALA A 262 -27.01 -2.75 -13.25
N GLY A 263 -27.03 -2.90 -14.57
CA GLY A 263 -28.05 -2.27 -15.39
C GLY A 263 -29.00 -3.21 -16.12
N ALA A 264 -28.61 -4.46 -16.29
CA ALA A 264 -29.47 -5.43 -16.94
C ALA A 264 -30.86 -5.49 -16.29
N SER A 265 -31.88 -5.68 -17.12
CA SER A 265 -33.22 -5.94 -16.62
C SER A 265 -33.24 -7.28 -15.89
N GLU A 266 -34.24 -7.47 -15.04
CA GLU A 266 -34.38 -8.72 -14.29
C GLU A 266 -34.52 -9.92 -15.23
N ASP A 267 -35.21 -9.72 -16.35
CA ASP A 267 -35.35 -10.78 -17.32
C ASP A 267 -33.96 -11.22 -17.81
N ILE A 268 -33.14 -10.23 -18.16
CA ILE A 268 -31.77 -10.49 -18.60
C ILE A 268 -30.91 -11.11 -17.50
N ARG A 269 -31.03 -10.65 -16.26
CA ARG A 269 -30.24 -11.21 -15.17
C ARG A 269 -30.60 -12.68 -14.94
N GLU A 270 -31.88 -13.00 -15.05
CA GLU A 270 -32.35 -14.38 -14.86
C GLU A 270 -31.81 -15.27 -15.96
N ARG A 271 -32.00 -14.84 -17.20
CA ARG A 271 -31.57 -15.62 -18.37
C ARG A 271 -30.06 -15.96 -18.37
N LEU A 272 -29.26 -15.08 -17.79
CA LEU A 272 -27.81 -15.19 -17.87
C LEU A 272 -27.26 -15.59 -16.53
N HIS A 273 -28.14 -15.69 -15.55
CA HIS A 273 -27.78 -16.11 -14.19
C HIS A 273 -26.75 -15.20 -13.54
N LEU A 274 -26.93 -13.91 -13.75
CA LEU A 274 -26.04 -12.94 -13.14
C LEU A 274 -26.43 -12.73 -11.70
N SER A 275 -25.52 -12.14 -10.94
CA SER A 275 -25.84 -11.71 -9.57
C SER A 275 -24.78 -10.68 -9.19
N SER A 276 -24.70 -10.29 -7.93
CA SER A 276 -23.75 -9.26 -7.55
C SER A 276 -22.30 -9.70 -7.82
N PRO A 277 -21.41 -8.75 -8.19
CA PRO A 277 -20.07 -9.13 -8.67
C PRO A 277 -19.25 -9.97 -7.69
N ASP A 278 -19.54 -9.95 -6.39
CA ASP A 278 -18.82 -10.81 -5.47
C ASP A 278 -19.04 -12.31 -5.76
N ASN A 279 -20.02 -12.63 -6.59
CA ASN A 279 -20.32 -14.03 -6.80
C ASN A 279 -19.52 -14.65 -7.93
N PHE A 280 -18.63 -13.88 -8.53
CA PHE A 280 -17.83 -14.40 -9.63
C PHE A 280 -16.34 -14.26 -9.39
N ARG A 281 -15.61 -15.37 -9.43
CA ARG A 281 -14.15 -15.37 -9.31
C ARG A 281 -13.44 -14.36 -10.22
N TYR A 282 -13.98 -14.16 -11.42
CA TYR A 282 -13.29 -13.35 -12.39
C TYR A 282 -13.48 -11.85 -12.08
N LEU A 283 -14.31 -11.56 -11.10
CA LEU A 283 -14.49 -10.20 -10.64
C LEU A 283 -14.09 -10.00 -9.17
N ASN A 284 -14.09 -11.05 -8.35
CA ASN A 284 -14.09 -10.81 -6.90
C ASN A 284 -12.73 -10.70 -6.20
N ARG A 285 -11.64 -10.90 -6.94
CA ARG A 285 -10.32 -10.59 -6.38
C ARG A 285 -10.09 -9.11 -6.53
N GLY A 286 -10.88 -8.51 -7.42
CA GLY A 286 -10.83 -7.08 -7.62
C GLY A 286 -11.83 -6.33 -6.78
N CYS A 287 -11.93 -5.05 -7.05
CA CYS A 287 -12.90 -4.21 -6.40
C CYS A 287 -14.27 -4.54 -6.99
N THR A 288 -15.27 -4.79 -6.14
CA THR A 288 -16.58 -5.22 -6.61
C THR A 288 -17.60 -4.09 -6.50
N ARG A 289 -17.10 -2.87 -6.35
CA ARG A 289 -17.99 -1.73 -6.20
C ARG A 289 -18.32 -1.09 -7.53
N TYR A 290 -19.51 -0.51 -7.64
CA TYR A 290 -19.91 0.19 -8.85
C TYR A 290 -19.53 1.66 -8.78
N PHE A 291 -19.32 2.27 -9.95
CA PHE A 291 -19.28 3.72 -10.04
C PHE A 291 -20.73 4.17 -10.00
N ALA A 292 -21.05 5.07 -9.07
CA ALA A 292 -22.41 5.62 -8.98
C ALA A 292 -22.43 6.86 -8.11
N ASN A 293 -23.41 7.72 -8.33
CA ASN A 293 -23.59 8.87 -7.45
C ASN A 293 -24.85 8.64 -6.62
N LYS A 294 -25.19 9.60 -5.77
CA LYS A 294 -26.26 9.38 -4.79
C LYS A 294 -27.55 8.94 -5.47
N GLU A 295 -27.84 9.53 -6.62
CA GLU A 295 -29.06 9.24 -7.36
C GLU A 295 -29.01 7.95 -8.21
N THR A 296 -27.86 7.67 -8.83
CA THR A 296 -27.78 6.49 -9.70
C THR A 296 -27.73 5.21 -8.85
N ASP A 297 -27.20 5.32 -7.64
CA ASP A 297 -27.17 4.21 -6.71
C ASP A 297 -28.57 3.64 -6.54
N LYS A 298 -29.53 4.55 -6.42
CA LYS A 298 -30.90 4.16 -6.14
C LYS A 298 -31.56 3.46 -7.31
N GLN A 299 -30.97 3.59 -8.50
CA GLN A 299 -31.52 2.97 -9.70
C GLN A 299 -31.01 1.53 -9.90
N ILE A 300 -30.01 1.15 -9.13
CA ILE A 300 -29.45 -0.18 -9.19
C ILE A 300 -30.15 -1.06 -8.16
N LEU A 301 -30.68 -2.20 -8.59
CA LEU A 301 -31.39 -3.07 -7.66
C LEU A 301 -30.50 -3.58 -6.55
N GLN A 302 -31.06 -3.74 -5.36
CA GLN A 302 -30.31 -4.26 -4.22
C GLN A 302 -29.58 -5.56 -4.50
N ASN A 303 -30.18 -6.43 -5.30
CA ASN A 303 -29.59 -7.75 -5.54
C ASN A 303 -28.39 -7.70 -6.50
N ARG A 304 -28.04 -6.51 -6.98
CA ARG A 304 -26.84 -6.38 -7.79
C ARG A 304 -25.68 -5.93 -6.93
N LYS A 305 -25.95 -5.53 -5.69
CA LYS A 305 -24.88 -4.93 -4.87
C LYS A 305 -24.10 -5.91 -4.00
N SER A 306 -22.78 -5.77 -4.02
CA SER A 306 -21.89 -6.61 -3.25
C SER A 306 -21.84 -6.13 -1.80
N PRO A 307 -21.37 -6.98 -0.87
CA PRO A 307 -21.23 -6.55 0.53
C PRO A 307 -20.22 -5.40 0.67
N GLU A 308 -19.18 -5.44 -0.15
CA GLU A 308 -18.18 -4.37 -0.20
C GLU A 308 -18.89 -3.07 -0.60
N TYR A 309 -19.78 -3.12 -1.57
CA TYR A 309 -20.53 -1.92 -1.98
C TYR A 309 -21.48 -1.45 -0.86
N LEU A 310 -22.07 -2.41 -0.17
CA LEU A 310 -23.06 -2.07 0.84
C LEU A 310 -22.39 -1.42 2.04
N LYS A 311 -21.15 -1.83 2.31
CA LYS A 311 -20.40 -1.28 3.42
C LYS A 311 -19.73 0.05 3.06
N ALA A 312 -18.94 0.02 1.99
CA ALA A 312 -18.07 1.14 1.67
C ALA A 312 -18.74 2.20 0.77
N GLY A 313 -19.91 1.88 0.20
CA GLY A 313 -20.57 2.81 -0.71
C GLY A 313 -19.97 2.75 -2.11
N SER A 314 -20.46 3.60 -3.02
CA SER A 314 -20.07 3.55 -4.43
C SER A 314 -18.68 4.14 -4.70
N LEU A 315 -18.14 3.87 -5.88
CA LEU A 315 -16.91 4.54 -6.28
C LEU A 315 -17.37 5.85 -6.90
N LYS A 316 -16.66 6.94 -6.64
CA LYS A 316 -16.99 8.23 -7.25
C LYS A 316 -16.09 8.53 -8.43
N ASP A 317 -16.68 9.09 -9.48
CA ASP A 317 -15.96 9.54 -10.66
C ASP A 317 -16.80 10.63 -11.36
N PRO A 318 -16.14 11.63 -11.95
CA PRO A 318 -16.89 12.68 -12.67
C PRO A 318 -17.52 12.15 -13.93
N LEU A 319 -16.92 11.14 -14.54
CA LEU A 319 -17.42 10.64 -15.82
C LEU A 319 -18.17 9.29 -15.73
N LEU A 320 -17.53 8.27 -15.18
CA LEU A 320 -18.09 6.91 -15.17
C LEU A 320 -19.29 6.71 -14.24
N ASP A 321 -20.29 5.98 -14.74
CA ASP A 321 -21.46 5.60 -13.94
C ASP A 321 -21.97 4.27 -14.51
N ASP A 322 -21.76 3.17 -13.80
CA ASP A 322 -21.98 1.85 -14.38
C ASP A 322 -23.43 1.68 -14.84
N HIS A 323 -24.37 2.17 -14.03
CA HIS A 323 -25.77 2.04 -14.42
C HIS A 323 -26.06 2.92 -15.62
N GLY A 324 -25.67 4.19 -15.52
CA GLY A 324 -25.90 5.12 -16.60
C GLY A 324 -25.09 4.77 -17.86
N ASP A 325 -23.89 4.25 -17.69
CA ASP A 325 -23.10 3.77 -18.84
C ASP A 325 -23.66 2.52 -19.54
N PHE A 326 -24.36 1.66 -18.82
CA PHE A 326 -25.07 0.54 -19.47
C PHE A 326 -26.16 1.03 -20.41
N ILE A 327 -26.91 2.04 -19.96
CA ILE A 327 -28.00 2.63 -20.75
C ILE A 327 -27.40 3.27 -22.00
N ARG A 328 -26.41 4.13 -21.80
CA ARG A 328 -25.70 4.75 -22.91
C ARG A 328 -25.05 3.76 -23.88
N MET A 329 -24.53 2.67 -23.37
CA MET A 329 -23.91 1.68 -24.24
C MET A 329 -24.96 1.00 -25.11
N CYS A 330 -26.15 0.73 -24.55
CA CYS A 330 -27.24 0.14 -25.33
C CYS A 330 -27.79 1.10 -26.40
N THR A 331 -27.99 2.36 -26.01
CA THR A 331 -28.29 3.40 -26.99
C THR A 331 -27.22 3.39 -28.10
N ALA A 332 -25.96 3.49 -27.72
CA ALA A 332 -24.88 3.44 -28.73
C ALA A 332 -24.97 2.20 -29.64
N MET A 333 -25.22 1.03 -29.07
CA MET A 333 -25.40 -0.16 -29.90
C MET A 333 -26.54 0.03 -30.91
N LYS A 334 -27.68 0.53 -30.42
CA LYS A 334 -28.83 0.76 -31.31
C LYS A 334 -28.54 1.85 -32.36
N LYS A 335 -27.64 2.80 -32.06
CA LYS A 335 -27.34 3.90 -32.98
C LYS A 335 -26.48 3.44 -34.14
N ILE A 336 -25.60 2.49 -33.86
CA ILE A 336 -24.73 2.03 -34.92
C ILE A 336 -25.31 0.84 -35.70
N GLY A 337 -26.41 0.27 -35.20
CA GLY A 337 -27.17 -0.69 -35.98
C GLY A 337 -27.23 -2.14 -35.52
N LEU A 338 -26.75 -2.41 -34.32
CA LEU A 338 -26.88 -3.76 -33.73
C LEU A 338 -28.34 -4.02 -33.33
N ASP A 339 -28.92 -5.12 -33.78
CA ASP A 339 -30.28 -5.41 -33.37
C ASP A 339 -30.28 -5.97 -31.95
N ASP A 340 -31.44 -6.30 -31.41
CA ASP A 340 -31.46 -6.81 -30.04
C ASP A 340 -30.91 -8.23 -29.94
N GLU A 341 -30.85 -8.93 -31.05
CA GLU A 341 -30.28 -10.27 -31.05
C GLU A 341 -28.75 -10.19 -30.90
N GLU A 342 -28.11 -9.32 -31.68
CA GLU A 342 -26.66 -9.09 -31.56
C GLU A 342 -26.29 -8.65 -30.13
N LYS A 343 -27.07 -7.74 -29.56
CA LYS A 343 -26.82 -7.27 -28.20
C LYS A 343 -26.85 -8.41 -27.18
N LEU A 344 -27.91 -9.21 -27.23
CA LEU A 344 -28.07 -10.32 -26.30
C LEU A 344 -26.98 -11.37 -26.49
N ASP A 345 -26.58 -11.60 -27.74
CA ASP A 345 -25.45 -12.48 -28.00
C ASP A 345 -24.14 -12.01 -27.32
N LEU A 346 -23.83 -10.72 -27.42
CA LEU A 346 -22.67 -10.15 -26.76
C LEU A 346 -22.73 -10.38 -25.25
N PHE A 347 -23.87 -10.07 -24.66
CA PHE A 347 -24.08 -10.27 -23.22
C PHE A 347 -23.97 -11.74 -22.78
N ARG A 348 -24.48 -12.65 -23.62
CA ARG A 348 -24.50 -14.07 -23.30
C ARG A 348 -23.07 -14.59 -23.19
N VAL A 349 -22.24 -14.24 -24.16
CA VAL A 349 -20.83 -14.64 -24.14
C VAL A 349 -20.10 -14.06 -22.94
N VAL A 350 -20.47 -12.83 -22.55
CA VAL A 350 -19.85 -12.20 -21.38
C VAL A 350 -20.21 -12.97 -20.11
N ALA A 351 -21.49 -13.31 -19.96
CA ALA A 351 -21.95 -14.02 -18.78
C ALA A 351 -21.40 -15.45 -18.76
N GLY A 352 -21.23 -16.02 -19.96
CA GLY A 352 -20.60 -17.33 -20.09
C GLY A 352 -19.16 -17.36 -19.61
N VAL A 353 -18.42 -16.29 -19.91
CA VAL A 353 -17.05 -16.18 -19.40
C VAL A 353 -17.09 -16.10 -17.87
N LEU A 354 -18.04 -15.35 -17.33
CA LEU A 354 -18.16 -15.25 -15.87
C LEU A 354 -18.38 -16.61 -15.22
N HIS A 355 -19.32 -17.39 -15.75
CA HIS A 355 -19.68 -18.67 -15.15
C HIS A 355 -18.54 -19.66 -15.30
N LEU A 356 -17.85 -19.60 -16.43
CA LEU A 356 -16.66 -20.38 -16.69
C LEU A 356 -15.66 -20.23 -15.55
N GLY A 357 -15.40 -18.98 -15.14
CA GLY A 357 -14.51 -18.70 -14.03
C GLY A 357 -14.91 -19.25 -12.67
N ASN A 358 -16.19 -19.59 -12.49
CA ASN A 358 -16.67 -20.18 -11.24
C ASN A 358 -16.50 -21.72 -11.17
N ILE A 359 -16.12 -22.32 -12.29
CA ILE A 359 -15.80 -23.74 -12.31
C ILE A 359 -14.53 -23.99 -11.51
N ASP A 360 -14.68 -24.58 -10.33
CA ASP A 360 -13.52 -24.76 -9.48
C ASP A 360 -13.08 -26.23 -9.33
N PHE A 361 -11.80 -26.44 -9.01
CA PHE A 361 -11.20 -27.78 -9.00
C PHE A 361 -10.62 -28.22 -7.63
N GLU A 362 -10.86 -29.47 -7.25
CA GLU A 362 -10.19 -30.07 -6.09
C GLU A 362 -9.32 -31.27 -6.48
N GLU A 363 -8.22 -31.48 -5.76
CA GLU A 363 -7.26 -32.54 -6.08
C GLU A 363 -7.90 -33.91 -5.97
N ALA A 364 -7.46 -34.82 -6.83
CA ALA A 364 -7.92 -36.21 -6.78
C ALA A 364 -6.74 -37.15 -7.02
N GLY A 365 -5.61 -36.87 -6.39
CA GLY A 365 -4.39 -37.61 -6.64
C GLY A 365 -4.42 -39.12 -6.39
N SER A 366 -5.13 -39.54 -5.36
CA SER A 366 -5.14 -40.96 -5.01
C SER A 366 -5.96 -41.75 -6.03
N THR A 367 -6.96 -41.11 -6.62
CA THR A 367 -7.84 -41.74 -7.62
C THR A 367 -7.39 -41.58 -9.08
N SER A 368 -7.70 -40.44 -9.71
CA SER A 368 -7.29 -40.25 -11.11
C SER A 368 -5.83 -39.85 -11.23
N GLY A 369 -5.28 -39.32 -10.15
CA GLY A 369 -3.97 -38.71 -10.21
C GLY A 369 -4.09 -37.24 -10.58
N GLY A 370 -5.31 -36.79 -10.89
CA GLY A 370 -5.55 -35.41 -11.29
C GLY A 370 -6.48 -34.61 -10.37
N CYS A 371 -7.63 -34.21 -10.90
CA CYS A 371 -8.57 -33.43 -10.12
C CYS A 371 -10.01 -33.65 -10.57
N ASN A 372 -10.95 -33.30 -9.72
CA ASN A 372 -12.36 -33.28 -10.09
C ASN A 372 -12.88 -31.85 -9.93
N LEU A 373 -14.05 -31.57 -10.47
CA LEU A 373 -14.73 -30.33 -10.15
C LEU A 373 -15.17 -30.38 -8.72
N LYS A 374 -15.07 -29.26 -8.01
CA LYS A 374 -15.70 -29.16 -6.70
C LYS A 374 -17.21 -29.30 -6.84
N ASN A 375 -17.85 -29.97 -5.87
CA ASN A 375 -19.29 -30.20 -5.98
C ASN A 375 -20.09 -28.90 -6.11
N LYS A 376 -19.65 -27.87 -5.39
CA LYS A 376 -20.26 -26.55 -5.49
C LYS A 376 -20.23 -25.91 -6.90
N SER A 377 -19.34 -26.39 -7.78
CA SER A 377 -19.19 -25.78 -9.10
C SER A 377 -20.17 -26.36 -10.10
N THR A 378 -21.04 -27.24 -9.62
CA THR A 378 -22.04 -27.90 -10.47
C THR A 378 -22.89 -26.93 -11.30
N GLN A 379 -23.48 -25.93 -10.65
CA GLN A 379 -24.29 -24.96 -11.39
C GLN A 379 -23.47 -24.15 -12.40
N ALA A 380 -22.25 -23.75 -12.01
CA ALA A 380 -21.37 -22.95 -12.86
C ALA A 380 -21.11 -23.69 -14.15
N LEU A 381 -20.87 -24.99 -14.02
CA LEU A 381 -20.63 -25.87 -15.16
C LEU A 381 -21.85 -25.85 -16.06
N GLU A 382 -23.02 -25.93 -15.42
CA GLU A 382 -24.29 -25.94 -16.14
C GLU A 382 -24.49 -24.62 -16.86
N TYR A 383 -24.42 -23.52 -16.12
CA TYR A 383 -24.63 -22.19 -16.71
C TYR A 383 -23.64 -21.91 -17.81
N CYS A 384 -22.36 -22.14 -17.52
CA CYS A 384 -21.33 -21.98 -18.54
C CYS A 384 -21.66 -22.74 -19.82
N ALA A 385 -21.89 -24.04 -19.68
CA ALA A 385 -22.14 -24.90 -20.84
C ALA A 385 -23.35 -24.45 -21.63
N GLU A 386 -24.42 -24.12 -20.92
CA GLU A 386 -25.62 -23.59 -21.56
C GLU A 386 -25.32 -22.30 -22.33
N LEU A 387 -24.68 -21.33 -21.67
CA LEU A 387 -24.44 -20.02 -22.32
C LEU A 387 -23.42 -20.09 -23.47
N LEU A 388 -22.53 -21.08 -23.41
CA LEU A 388 -21.51 -21.23 -24.46
C LEU A 388 -21.85 -22.35 -25.43
N GLY A 389 -23.04 -22.95 -25.27
CA GLY A 389 -23.50 -24.01 -26.15
C GLY A 389 -22.55 -25.20 -26.24
N LEU A 390 -22.05 -25.62 -25.10
CA LEU A 390 -21.19 -26.79 -25.04
C LEU A 390 -21.90 -27.86 -24.22
N ASP A 391 -21.51 -29.12 -24.41
CA ASP A 391 -21.95 -30.20 -23.54
C ASP A 391 -21.20 -30.11 -22.22
N GLN A 392 -21.93 -30.20 -21.12
CA GLN A 392 -21.33 -30.13 -19.79
C GLN A 392 -20.17 -31.11 -19.65
N ASP A 393 -20.36 -32.33 -20.13
CA ASP A 393 -19.32 -33.35 -19.98
C ASP A 393 -18.10 -33.06 -20.87
N ASP A 394 -18.34 -32.67 -22.11
CA ASP A 394 -17.23 -32.23 -22.97
C ASP A 394 -16.38 -31.17 -22.23
N LEU A 395 -17.05 -30.21 -21.59
CA LEU A 395 -16.34 -29.09 -20.95
C LEU A 395 -15.58 -29.61 -19.73
N ARG A 396 -16.28 -30.37 -18.88
CA ARG A 396 -15.65 -31.06 -17.74
C ARG A 396 -14.36 -31.76 -18.15
N VAL A 397 -14.44 -32.55 -19.21
CA VAL A 397 -13.28 -33.30 -19.67
C VAL A 397 -12.14 -32.45 -20.24
N SER A 398 -12.49 -31.42 -21.01
CA SER A 398 -11.46 -30.55 -21.59
C SER A 398 -10.72 -29.77 -20.51
N LEU A 399 -11.39 -29.46 -19.41
CA LEU A 399 -10.78 -28.69 -18.34
C LEU A 399 -10.00 -29.57 -17.34
N THR A 400 -10.29 -30.87 -17.29
CA THR A 400 -9.67 -31.70 -16.26
C THR A 400 -8.72 -32.77 -16.78
N THR A 401 -8.75 -33.00 -18.08
CA THR A 401 -7.89 -33.98 -18.72
C THR A 401 -7.39 -33.41 -20.04
N ARG A 402 -6.34 -34.01 -20.56
CA ARG A 402 -5.75 -33.56 -21.82
C ARG A 402 -5.01 -34.72 -22.45
N VAL A 403 -5.24 -34.95 -23.75
CA VAL A 403 -4.47 -35.95 -24.49
C VAL A 403 -3.02 -35.49 -24.67
N MET A 404 -2.08 -36.36 -24.32
CA MET A 404 -0.65 -36.01 -24.37
C MET A 404 0.24 -37.13 -24.92
N LEU A 405 1.49 -36.78 -25.25
CA LEU A 405 2.48 -37.75 -25.72
C LEU A 405 3.44 -38.13 -24.60
N VAL A 415 -0.92 -39.70 -27.36
CA VAL A 415 -0.69 -41.06 -26.91
C VAL A 415 -1.80 -41.53 -25.94
N ILE A 416 -1.99 -40.84 -24.81
CA ILE A 416 -2.87 -41.41 -23.77
C ILE A 416 -4.22 -40.73 -23.48
N LYS A 417 -4.16 -39.55 -22.84
CA LYS A 417 -5.24 -38.84 -22.11
C LYS A 417 -4.87 -38.83 -20.64
N VAL A 418 -4.25 -37.74 -20.16
CA VAL A 418 -3.79 -37.67 -18.78
C VAL A 418 -4.59 -36.69 -17.92
N PRO A 419 -4.88 -37.10 -16.69
CA PRO A 419 -5.59 -36.22 -15.76
C PRO A 419 -4.71 -35.04 -15.36
N LEU A 420 -5.28 -33.84 -15.38
CA LEU A 420 -4.53 -32.64 -15.03
C LEU A 420 -4.62 -32.36 -13.54
N LYS A 421 -3.52 -31.83 -12.98
CA LYS A 421 -3.52 -31.35 -11.60
C LYS A 421 -4.37 -30.08 -11.50
N VAL A 422 -4.78 -29.76 -10.27
CA VAL A 422 -5.59 -28.60 -9.98
C VAL A 422 -5.04 -27.32 -10.63
N GLU A 423 -3.75 -27.07 -10.50
CA GLU A 423 -3.15 -25.88 -11.07
C GLU A 423 -3.28 -25.85 -12.59
N GLN A 424 -3.23 -27.02 -13.21
CA GLN A 424 -3.29 -27.10 -14.66
C GLN A 424 -4.71 -26.92 -15.20
N ALA A 425 -5.69 -27.34 -14.41
CA ALA A 425 -7.08 -27.20 -14.79
C ALA A 425 -7.45 -25.72 -14.75
N ASN A 426 -6.95 -25.01 -13.74
CA ASN A 426 -7.10 -23.57 -13.59
C ASN A 426 -6.59 -22.85 -14.82
N ASN A 427 -5.40 -23.24 -15.27
CA ASN A 427 -4.78 -22.67 -16.47
C ASN A 427 -5.59 -22.94 -17.72
N ALA A 428 -6.16 -24.13 -17.80
CA ALA A 428 -6.97 -24.48 -18.95
C ALA A 428 -8.26 -23.66 -18.93
N ARG A 429 -8.86 -23.54 -17.74
CA ARG A 429 -10.08 -22.74 -17.57
C ARG A 429 -9.80 -21.30 -17.99
N ASP A 430 -8.77 -20.71 -17.39
CA ASP A 430 -8.39 -19.33 -17.69
C ASP A 430 -7.98 -19.08 -19.14
N ALA A 431 -7.31 -20.05 -19.77
CA ALA A 431 -6.83 -19.83 -21.12
C ALA A 431 -8.03 -19.80 -22.06
N LEU A 432 -8.97 -20.69 -21.81
CA LEU A 432 -10.21 -20.70 -22.56
C LEU A 432 -10.98 -19.40 -22.34
N ALA A 433 -11.01 -18.90 -21.11
CA ALA A 433 -11.77 -17.68 -20.84
C ALA A 433 -11.13 -16.49 -21.55
N LYS A 434 -9.80 -16.43 -21.53
CA LYS A 434 -9.08 -15.35 -22.16
C LYS A 434 -9.31 -15.33 -23.66
N THR A 435 -9.28 -16.51 -24.28
CA THR A 435 -9.43 -16.61 -25.72
C THR A 435 -10.85 -16.28 -26.18
N VAL A 436 -11.86 -16.78 -25.45
CA VAL A 436 -13.25 -16.44 -25.78
C VAL A 436 -13.49 -14.91 -25.69
N TYR A 437 -13.04 -14.30 -24.60
CA TYR A 437 -13.26 -12.89 -24.42
C TYR A 437 -12.47 -12.08 -25.45
N SER A 438 -11.24 -12.49 -25.72
CA SER A 438 -10.41 -11.82 -26.72
C SER A 438 -11.08 -11.84 -28.09
N HIS A 439 -11.63 -13.00 -28.44
CA HIS A 439 -12.32 -13.17 -29.71
C HIS A 439 -13.62 -12.39 -29.73
N LEU A 440 -14.27 -12.27 -28.57
CA LEU A 440 -15.43 -11.41 -28.49
C LEU A 440 -15.00 -9.94 -28.77
N PHE A 441 -13.87 -9.51 -28.21
CA PHE A 441 -13.44 -8.11 -28.38
C PHE A 441 -13.12 -7.87 -29.84
N ASP A 442 -12.41 -8.82 -30.43
CA ASP A 442 -12.12 -8.77 -31.86
C ASP A 442 -13.43 -8.68 -32.66
N HIS A 443 -14.41 -9.48 -32.29
CA HIS A 443 -15.66 -9.40 -33.01
C HIS A 443 -16.29 -8.01 -32.88
N VAL A 444 -16.27 -7.45 -31.66
CA VAL A 444 -16.83 -6.12 -31.43
C VAL A 444 -16.18 -5.03 -32.30
N VAL A 445 -14.86 -5.01 -32.39
CA VAL A 445 -14.16 -3.99 -33.14
C VAL A 445 -14.53 -4.14 -34.60
N ASN A 446 -14.55 -5.38 -35.09
CA ASN A 446 -14.92 -5.64 -36.48
C ASN A 446 -16.34 -5.22 -36.78
N ARG A 447 -17.27 -5.50 -35.86
CA ARG A 447 -18.67 -5.08 -36.00
C ARG A 447 -18.81 -3.56 -36.10
N VAL A 448 -17.97 -2.85 -35.35
CA VAL A 448 -17.89 -1.40 -35.42
C VAL A 448 -17.38 -0.94 -36.79
N ASN A 449 -16.36 -1.59 -37.35
CA ASN A 449 -15.89 -1.20 -38.67
C ASN A 449 -16.94 -1.48 -39.76
N GLN A 450 -17.80 -2.48 -39.50
CA GLN A 450 -18.87 -2.83 -40.42
C GLN A 450 -19.96 -1.77 -40.44
N CYS A 451 -20.03 -0.93 -39.42
CA CYS A 451 -21.05 0.11 -39.27
CA CYS A 451 -21.09 0.05 -39.37
C CYS A 451 -20.76 1.29 -40.19
N PHE A 452 -19.50 1.42 -40.61
CA PHE A 452 -19.09 2.54 -41.47
C PHE A 452 -18.03 2.13 -42.50
N PRO A 453 -18.32 1.12 -43.33
CA PRO A 453 -17.33 0.65 -44.30
C PRO A 453 -17.25 1.57 -45.50
N PHE A 454 -16.25 1.32 -46.35
CA PHE A 454 -16.04 2.09 -47.56
C PHE A 454 -15.22 1.21 -48.51
N GLU A 455 -15.34 1.45 -49.81
CA GLU A 455 -14.67 0.60 -50.78
C GLU A 455 -13.37 1.26 -51.23
N THR A 456 -13.38 2.58 -51.28
CA THR A 456 -12.22 3.33 -51.70
C THR A 456 -12.18 4.66 -50.94
N SER A 457 -11.01 5.27 -50.87
CA SER A 457 -10.91 6.61 -50.28
C SER A 457 -9.66 7.29 -50.80
N SER A 458 -9.58 8.61 -50.61
CA SER A 458 -8.44 9.38 -51.12
C SER A 458 -7.40 9.60 -50.03
N TYR A 459 -7.87 10.01 -48.86
CA TYR A 459 -7.02 10.25 -47.70
C TYR A 459 -7.78 9.86 -46.43
N PHE A 460 -7.05 9.80 -45.33
CA PHE A 460 -7.67 9.58 -44.03
C PHE A 460 -7.09 10.59 -43.06
N ILE A 461 -7.85 10.94 -42.03
CA ILE A 461 -7.25 11.50 -40.84
C ILE A 461 -7.35 10.43 -39.75
N GLY A 462 -6.21 9.97 -39.27
CA GLY A 462 -6.15 8.95 -38.23
C GLY A 462 -5.77 9.56 -36.90
N VAL A 463 -6.42 9.10 -35.82
CA VAL A 463 -6.06 9.58 -34.49
C VAL A 463 -5.51 8.40 -33.67
N LEU A 464 -4.34 8.57 -33.07
CA LEU A 464 -3.76 7.46 -32.33
C LEU A 464 -3.90 7.62 -30.82
N ASP A 465 -4.44 6.58 -30.20
CA ASP A 465 -4.67 6.58 -28.77
C ASP A 465 -4.19 5.24 -28.17
N ILE A 466 -2.98 5.23 -27.63
CA ILE A 466 -2.40 3.99 -27.09
C ILE A 466 -2.67 3.90 -25.59
N ALA A 467 -2.43 2.73 -25.01
CA ALA A 467 -2.36 2.64 -23.55
C ALA A 467 -1.08 3.34 -23.09
N GLY A 468 -1.21 4.27 -22.15
CA GLY A 468 -0.11 5.12 -21.77
C GLY A 468 0.86 4.55 -20.76
N PHE A 469 2.05 5.15 -20.69
CA PHE A 469 3.10 4.70 -19.79
C PHE A 469 2.59 4.47 -18.35
N GLU A 470 2.82 3.30 -17.79
CA GLU A 470 2.29 2.98 -16.45
C GLU A 470 3.21 2.05 -15.67
N TYR A 471 3.17 2.16 -14.35
CA TYR A 471 3.90 1.28 -13.46
C TYR A 471 3.19 1.26 -12.13
N PHE A 472 3.36 0.15 -11.41
CA PHE A 472 2.74 -0.07 -10.11
C PHE A 472 3.74 -0.74 -9.20
N GLU A 473 3.32 -1.10 -7.99
CA GLU A 473 4.25 -1.77 -7.08
C GLU A 473 4.77 -3.08 -7.69
N HIS A 474 3.89 -3.75 -8.43
CA HIS A 474 4.21 -4.96 -9.17
C HIS A 474 3.93 -4.80 -10.65
N ASN A 475 4.98 -4.97 -11.45
CA ASN A 475 4.86 -4.82 -12.90
C ASN A 475 5.17 -6.11 -13.61
N SER A 476 4.28 -6.50 -14.51
CA SER A 476 4.40 -7.79 -15.15
C SER A 476 4.47 -7.57 -16.66
N PHE A 477 4.09 -8.58 -17.42
CA PHE A 477 4.23 -8.58 -18.86
C PHE A 477 3.37 -7.53 -19.55
N GLU A 478 2.25 -7.22 -18.92
CA GLU A 478 1.26 -6.31 -19.45
C GLU A 478 1.85 -4.92 -19.45
N GLN A 479 2.50 -4.54 -18.36
CA GLN A 479 3.12 -3.22 -18.25
C GLN A 479 4.31 -3.09 -19.15
N PHE A 480 4.99 -4.21 -19.39
CA PHE A 480 6.17 -4.24 -20.26
C PHE A 480 5.79 -4.00 -21.72
N CYS A 481 4.73 -4.66 -22.17
CA CYS A 481 4.23 -4.51 -23.54
C CYS A 481 3.74 -3.09 -23.73
N ILE A 482 2.92 -2.61 -22.79
CA ILE A 482 2.41 -1.25 -22.84
C ILE A 482 3.53 -0.21 -22.84
N ASN A 483 4.53 -0.33 -21.97
CA ASN A 483 5.59 0.70 -21.94
C ASN A 483 6.52 0.64 -23.15
N TYR A 484 6.63 -0.56 -23.73
CA TYR A 484 7.36 -0.78 -24.98
C TYR A 484 6.68 0.03 -26.09
N CYS A 485 5.37 -0.11 -26.19
CA CYS A 485 4.60 0.67 -27.17
C CYS A 485 4.73 2.19 -26.95
N ASN A 486 4.77 2.66 -25.69
CA ASN A 486 5.03 4.10 -25.45
C ASN A 486 6.40 4.53 -25.89
N GLU A 487 7.35 3.61 -25.74
CA GLU A 487 8.74 3.84 -26.12
C GLU A 487 8.87 4.10 -27.63
N LYS A 488 8.21 3.27 -28.45
CA LYS A 488 8.25 3.41 -29.91
C LYS A 488 7.61 4.73 -30.36
N LEU A 489 6.52 5.11 -29.69
CA LEU A 489 5.81 6.36 -29.97
C LEU A 489 6.64 7.57 -29.67
N GLN A 490 7.27 7.57 -28.50
CA GLN A 490 8.17 8.65 -28.16
C GLN A 490 9.29 8.74 -29.22
N GLN A 491 9.78 7.59 -29.65
CA GLN A 491 10.82 7.58 -30.68
C GLN A 491 10.38 8.21 -32.00
N PHE A 492 9.13 7.96 -32.37
CA PHE A 492 8.59 8.55 -33.57
C PHE A 492 8.44 10.08 -33.42
N PHE A 493 8.03 10.54 -32.25
CA PHE A 493 8.09 11.97 -31.98
C PHE A 493 9.50 12.52 -32.13
N ASN A 494 10.49 11.83 -31.58
CA ASN A 494 11.89 12.28 -31.69
C ASN A 494 12.32 12.41 -33.16
N GLU A 495 12.02 11.37 -33.93
CA GLU A 495 12.28 11.25 -35.35
C GLU A 495 11.68 12.38 -36.17
N ARG A 496 10.38 12.60 -36.01
CA ARG A 496 9.68 13.57 -36.80
C ARG A 496 10.00 15.01 -36.34
N ILE A 497 9.93 15.27 -35.03
CA ILE A 497 10.10 16.63 -34.52
C ILE A 497 11.55 17.06 -34.21
N LEU A 498 12.33 16.22 -33.53
CA LEU A 498 13.66 16.66 -33.11
C LEU A 498 14.78 16.34 -34.12
N LYS A 499 14.63 15.26 -34.86
CA LYS A 499 15.64 14.77 -35.76
C LYS A 499 15.41 15.38 -37.15
N GLU A 500 14.30 14.98 -37.79
CA GLU A 500 14.01 15.39 -39.16
C GLU A 500 13.90 16.90 -39.31
N GLU A 501 13.32 17.55 -38.31
CA GLU A 501 13.17 18.98 -38.39
C GLU A 501 14.56 19.65 -38.48
N GLN A 502 15.48 19.25 -37.60
CA GLN A 502 16.83 19.82 -37.64
C GLN A 502 17.60 19.48 -38.92
N GLU A 503 17.34 18.30 -39.46
CA GLU A 503 17.86 17.86 -40.76
C GLU A 503 17.34 18.67 -41.94
N LEU A 504 16.19 19.31 -41.79
CA LEU A 504 15.59 20.09 -42.85
C LEU A 504 16.16 21.50 -42.79
N TYR A 505 16.32 22.01 -41.58
CA TYR A 505 16.91 23.32 -41.41
C TYR A 505 18.35 23.33 -41.97
N GLN A 506 19.09 22.24 -41.73
CA GLN A 506 20.48 22.13 -42.18
C GLN A 506 20.56 21.96 -43.71
N LYS A 507 19.82 20.98 -44.22
CA LYS A 507 19.70 20.74 -45.66
C LYS A 507 19.31 21.99 -46.46
N GLU A 508 18.54 22.88 -45.85
CA GLU A 508 18.11 24.10 -46.50
C GLU A 508 18.94 25.32 -46.09
N GLY A 509 20.03 25.06 -45.37
CA GLY A 509 21.02 26.08 -45.07
C GLY A 509 20.58 27.21 -44.17
N LEU A 510 19.72 26.92 -43.19
CA LEU A 510 19.12 27.99 -42.37
C LEU A 510 20.00 28.47 -41.21
N GLY A 511 21.09 27.77 -40.93
CA GLY A 511 21.89 28.06 -39.75
C GLY A 511 21.07 28.13 -38.46
N VAL A 512 20.30 27.08 -38.18
CA VAL A 512 19.60 27.05 -36.90
C VAL A 512 20.49 26.32 -35.90
N ASN A 513 20.71 26.94 -34.75
CA ASN A 513 21.56 26.35 -33.72
C ASN A 513 21.07 24.96 -33.35
N GLU A 514 21.97 23.98 -33.41
CA GLU A 514 21.60 22.60 -33.17
C GLU A 514 21.16 22.40 -31.71
N VAL A 515 20.12 21.58 -31.51
CA VAL A 515 19.68 21.24 -30.17
C VAL A 515 19.89 19.75 -29.94
N HIS A 516 20.58 19.42 -28.87
CA HIS A 516 20.83 18.03 -28.52
C HIS A 516 19.81 17.55 -27.52
N TYR A 517 19.57 16.23 -27.53
CA TYR A 517 18.56 15.61 -26.69
C TYR A 517 18.95 14.16 -26.43
N VAL A 518 18.38 13.55 -25.40
CA VAL A 518 18.64 12.15 -25.17
C VAL A 518 17.67 11.34 -26.01
N ASP A 519 18.20 10.49 -26.87
CA ASP A 519 17.36 9.67 -27.75
C ASP A 519 17.08 8.33 -27.09
N ASN A 520 15.99 7.67 -27.46
CA ASN A 520 15.62 6.44 -26.78
C ASN A 520 15.66 5.19 -27.66
N GLN A 521 16.30 5.29 -28.81
CA GLN A 521 16.42 4.15 -29.73
C GLN A 521 17.18 2.98 -29.09
N ASP A 522 18.15 3.26 -28.23
CA ASP A 522 18.84 2.20 -27.52
C ASP A 522 17.89 1.37 -26.64
N CYS A 523 16.87 2.00 -26.08
CA CYS A 523 15.90 1.28 -25.26
C CYS A 523 15.04 0.37 -26.14
N ILE A 524 14.64 0.87 -27.29
CA ILE A 524 13.91 0.06 -28.25
C ILE A 524 14.75 -1.13 -28.76
N ASP A 525 16.04 -0.90 -29.01
CA ASP A 525 16.94 -1.97 -29.45
C ASP A 525 17.05 -3.10 -28.42
N LEU A 526 17.28 -2.74 -27.16
CA LEU A 526 17.28 -3.67 -26.05
C LEU A 526 16.08 -4.61 -26.07
N ILE A 527 14.93 -4.06 -26.42
CA ILE A 527 13.70 -4.82 -26.48
C ILE A 527 13.55 -5.58 -27.81
N GLU A 528 13.87 -4.93 -28.92
CA GLU A 528 13.42 -5.56 -30.16
C GLU A 528 14.50 -6.10 -31.10
N ALA A 529 15.77 -5.88 -30.78
CA ALA A 529 16.86 -6.32 -31.65
C ALA A 529 16.78 -7.83 -31.92
N ARG A 530 17.19 -8.26 -33.11
CA ARG A 530 17.08 -9.67 -33.48
C ARG A 530 17.98 -10.58 -32.64
N LEU A 531 17.47 -11.77 -32.34
CA LEU A 531 18.21 -12.80 -31.58
C LEU A 531 18.53 -12.45 -30.12
N VAL A 532 19.03 -11.25 -29.84
CA VAL A 532 19.42 -10.89 -28.48
C VAL A 532 18.57 -9.81 -27.81
N GLY A 533 17.46 -9.43 -28.45
CA GLY A 533 16.50 -8.51 -27.85
C GLY A 533 15.65 -9.28 -26.86
N ILE A 534 15.11 -8.59 -25.87
CA ILE A 534 14.31 -9.22 -24.84
C ILE A 534 13.20 -10.05 -25.47
N LEU A 535 12.51 -9.48 -26.45
CA LEU A 535 11.42 -10.19 -27.11
C LEU A 535 11.86 -11.53 -27.74
N ASP A 536 13.02 -11.55 -28.39
CA ASP A 536 13.52 -12.78 -28.99
C ASP A 536 14.06 -13.77 -27.94
N ILE A 537 14.80 -13.27 -26.96
CA ILE A 537 15.21 -14.11 -25.84
C ILE A 537 14.00 -14.78 -25.19
N LEU A 538 12.91 -14.04 -25.03
CA LEU A 538 11.70 -14.63 -24.45
C LEU A 538 11.10 -15.71 -25.36
N ASP A 539 11.19 -15.50 -26.67
CA ASP A 539 10.62 -16.43 -27.65
C ASP A 539 11.42 -17.72 -27.62
N GLU A 540 12.74 -17.56 -27.57
CA GLU A 540 13.66 -18.68 -27.47
C GLU A 540 13.35 -19.53 -26.22
N GLU A 541 13.10 -18.85 -25.09
CA GLU A 541 12.71 -19.55 -23.88
C GLU A 541 11.45 -20.39 -24.06
N ASN A 542 10.42 -19.84 -24.70
CA ASN A 542 9.17 -20.58 -24.93
C ASN A 542 9.38 -21.89 -25.72
N ARG A 543 10.50 -21.97 -26.44
CA ARG A 543 10.77 -23.07 -27.36
C ARG A 543 11.73 -24.12 -26.76
N LEU A 544 12.28 -23.80 -25.58
CA LEU A 544 13.14 -24.73 -24.87
C LEU A 544 12.32 -25.87 -24.31
N PRO A 545 12.96 -27.01 -24.02
CA PRO A 545 12.30 -28.16 -23.39
C PRO A 545 11.75 -27.86 -21.99
N GLN A 546 12.52 -27.12 -21.19
CA GLN A 546 12.07 -26.72 -19.87
C GLN A 546 12.04 -25.21 -19.73
N PRO A 547 11.00 -24.56 -20.28
CA PRO A 547 10.89 -23.10 -20.27
C PRO A 547 10.90 -22.56 -18.84
N SER A 548 11.82 -21.63 -18.56
CA SER A 548 11.97 -21.07 -17.22
C SER A 548 12.05 -19.54 -17.25
N ASP A 549 11.23 -18.91 -16.42
CA ASP A 549 11.21 -17.45 -16.31
C ASP A 549 12.57 -17.04 -15.83
N GLN A 550 13.08 -17.83 -14.90
CA GLN A 550 14.39 -17.59 -14.33
C GLN A 550 15.50 -17.71 -15.38
N HIS A 551 15.38 -18.69 -16.26
CA HIS A 551 16.40 -18.90 -17.28
C HIS A 551 16.35 -17.75 -18.28
N PHE A 552 15.15 -17.43 -18.74
CA PHE A 552 14.92 -16.23 -19.58
C PHE A 552 15.57 -14.96 -19.00
N THR A 553 15.32 -14.67 -17.72
CA THR A 553 15.78 -13.43 -17.12
C THR A 553 17.30 -13.35 -17.01
N SER A 554 17.93 -14.47 -16.63
CA SER A 554 19.38 -14.55 -16.52
C SER A 554 20.03 -14.28 -17.87
N ALA A 555 19.45 -14.86 -18.92
CA ALA A 555 19.96 -14.65 -20.26
C ALA A 555 19.85 -13.17 -20.66
N VAL A 556 18.77 -12.50 -20.23
CA VAL A 556 18.63 -11.08 -20.54
C VAL A 556 19.76 -10.25 -19.89
N HIS A 557 20.01 -10.49 -18.61
CA HIS A 557 21.09 -9.78 -17.91
C HIS A 557 22.45 -10.07 -18.52
N GLN A 558 22.65 -11.33 -18.91
CA GLN A 558 23.93 -11.81 -19.40
C GLN A 558 24.29 -11.18 -20.74
N LYS A 559 23.31 -11.15 -21.67
CA LYS A 559 23.56 -10.59 -22.99
C LYS A 559 23.51 -9.06 -23.05
N HIS A 560 23.23 -8.41 -21.93
CA HIS A 560 23.19 -6.94 -21.96
C HIS A 560 23.97 -6.31 -20.84
N LYS A 561 25.14 -6.88 -20.60
CA LYS A 561 26.05 -6.38 -19.58
C LYS A 561 26.39 -4.93 -19.86
N ASP A 562 26.25 -4.11 -18.84
CA ASP A 562 26.59 -2.68 -18.91
C ASP A 562 25.73 -1.89 -19.88
N HIS A 563 24.59 -2.45 -20.28
CA HIS A 563 23.68 -1.69 -21.15
C HIS A 563 23.05 -0.64 -20.27
N PHE A 564 23.02 0.59 -20.76
CA PHE A 564 22.53 1.74 -20.00
C PHE A 564 21.03 1.69 -19.71
N ARG A 565 20.29 0.87 -20.43
CA ARG A 565 18.85 0.84 -20.21
C ARG A 565 18.37 -0.32 -19.35
N LEU A 566 19.32 -1.17 -18.92
CA LEU A 566 18.97 -2.38 -18.15
C LEU A 566 19.70 -2.45 -16.81
N SER A 567 19.01 -2.91 -15.76
CA SER A 567 19.63 -3.14 -14.46
C SER A 567 18.94 -4.28 -13.78
N ILE A 568 19.55 -4.77 -12.70
CA ILE A 568 18.96 -5.79 -11.87
C ILE A 568 18.06 -5.12 -10.84
N PRO A 569 16.98 -5.80 -10.43
CA PRO A 569 15.97 -5.23 -9.51
C PRO A 569 16.53 -4.62 -8.23
N ARG A 570 17.60 -5.17 -7.68
CA ARG A 570 18.04 -4.66 -6.39
C ARG A 570 18.67 -3.27 -6.46
N LYS A 571 18.85 -2.74 -7.67
CA LYS A 571 19.35 -1.37 -7.83
C LYS A 571 18.23 -0.33 -7.87
N SER A 572 17.00 -0.79 -7.68
CA SER A 572 15.82 0.08 -7.69
C SER A 572 15.94 1.15 -6.60
N LYS A 573 15.27 2.27 -6.82
CA LYS A 573 15.17 3.29 -5.79
C LYS A 573 14.08 2.95 -4.73
N LEU A 574 13.16 2.04 -5.08
CA LEU A 574 12.09 1.64 -4.16
C LEU A 574 12.46 0.41 -3.31
N ALA A 575 12.18 0.48 -2.02
CA ALA A 575 12.54 -0.58 -1.07
C ALA A 575 11.82 -1.91 -1.33
N ILE A 576 10.55 -1.84 -1.73
CA ILE A 576 9.80 -3.04 -2.06
C ILE A 576 10.48 -3.96 -3.08
N HIS A 577 11.40 -3.40 -3.87
CA HIS A 577 12.11 -4.18 -4.90
C HIS A 577 13.43 -4.81 -4.41
N ARG A 578 13.91 -4.36 -3.25
CA ARG A 578 15.21 -4.74 -2.71
C ARG A 578 15.44 -6.26 -2.56
N ASN A 579 14.35 -7.01 -2.40
CA ASN A 579 14.48 -8.45 -2.18
C ASN A 579 14.16 -9.30 -3.41
N ILE A 580 13.99 -8.65 -4.56
CA ILE A 580 13.85 -9.37 -5.82
C ILE A 580 15.21 -9.83 -6.34
N ARG A 581 15.40 -11.13 -6.50
CA ARG A 581 16.68 -11.66 -6.98
C ARG A 581 16.93 -11.22 -8.42
N ASP A 582 18.21 -11.16 -8.80
CA ASP A 582 18.62 -10.84 -10.18
C ASP A 582 17.84 -11.59 -11.25
N ASP A 583 17.47 -12.84 -10.98
CA ASP A 583 16.85 -13.68 -11.99
C ASP A 583 15.34 -13.74 -11.84
N GLU A 584 14.83 -12.81 -11.02
CA GLU A 584 13.41 -12.67 -10.81
C GLU A 584 12.86 -11.35 -11.41
N GLY A 585 13.76 -10.52 -11.96
CA GLY A 585 13.33 -9.38 -12.73
C GLY A 585 14.40 -8.48 -13.33
N PHE A 586 13.97 -7.38 -13.90
CA PHE A 586 14.91 -6.38 -14.40
C PHE A 586 14.28 -5.00 -14.43
N ILE A 587 15.14 -4.00 -14.38
CA ILE A 587 14.72 -2.63 -14.55
C ILE A 587 15.02 -2.22 -15.98
N ILE A 588 14.00 -1.73 -16.68
CA ILE A 588 14.20 -1.03 -17.94
C ILE A 588 14.16 0.47 -17.67
N ARG A 589 15.18 1.19 -18.13
CA ARG A 589 15.18 2.64 -17.99
C ARG A 589 14.51 3.30 -19.19
N HIS A 590 13.18 3.25 -19.20
CA HIS A 590 12.35 3.89 -20.21
C HIS A 590 12.59 5.39 -20.23
N PHE A 591 12.27 6.01 -21.36
CA PHE A 591 12.35 7.45 -21.52
C PHE A 591 11.57 8.17 -20.43
N ALA A 592 10.45 7.58 -20.01
CA ALA A 592 9.58 8.18 -19.01
C ALA A 592 9.94 7.76 -17.59
N GLY A 593 10.95 6.91 -17.44
CA GLY A 593 11.42 6.54 -16.12
C GLY A 593 11.65 5.05 -15.91
N ALA A 594 12.45 4.76 -14.89
CA ALA A 594 12.77 3.38 -14.53
C ALA A 594 11.54 2.59 -14.13
N VAL A 595 11.42 1.38 -14.64
CA VAL A 595 10.35 0.51 -14.18
C VAL A 595 10.93 -0.86 -13.84
N CYS A 596 10.61 -1.35 -12.65
CA CYS A 596 11.15 -2.63 -12.26
C CYS A 596 10.12 -3.70 -12.61
N TYR A 597 10.51 -4.64 -13.44
CA TYR A 597 9.58 -5.72 -13.79
C TYR A 597 9.90 -6.99 -13.01
N GLU A 598 8.87 -7.69 -12.56
CA GLU A 598 9.04 -9.02 -12.01
C GLU A 598 8.72 -9.97 -13.15
N THR A 599 9.66 -10.87 -13.46
CA THR A 599 9.52 -11.71 -14.66
C THR A 599 8.70 -13.01 -14.54
N THR A 600 8.27 -13.37 -13.32
CA THR A 600 7.44 -14.56 -13.19
C THR A 600 6.24 -14.48 -14.14
N GLN A 601 5.95 -15.58 -14.81
CA GLN A 601 4.85 -15.66 -15.78
C GLN A 601 5.11 -15.02 -17.17
N PHE A 602 6.26 -14.36 -17.37
CA PHE A 602 6.56 -13.80 -18.69
C PHE A 602 6.41 -14.88 -19.77
N VAL A 603 6.92 -16.08 -19.51
CA VAL A 603 6.96 -17.10 -20.54
C VAL A 603 5.57 -17.55 -20.93
N GLU A 604 4.74 -17.87 -19.96
CA GLU A 604 3.39 -18.33 -20.29
C GLU A 604 2.51 -17.20 -20.81
N LYS A 605 2.75 -15.96 -20.35
CA LYS A 605 2.04 -14.78 -20.87
C LYS A 605 2.45 -14.42 -22.31
N ASN A 606 3.67 -14.81 -22.71
CA ASN A 606 4.16 -14.57 -24.08
C ASN A 606 3.59 -15.56 -25.14
N ASN A 607 2.96 -16.63 -24.68
CA ASN A 607 2.33 -17.57 -25.60
C ASN A 607 0.86 -17.27 -25.85
N ASP A 608 0.53 -17.01 -27.10
CA ASP A 608 -0.82 -16.65 -27.46
C ASP A 608 -1.65 -17.87 -27.88
N ALA A 609 -0.98 -19.01 -28.03
CA ALA A 609 -1.64 -20.21 -28.56
C ALA A 609 -2.59 -20.89 -27.57
N LEU A 610 -3.77 -21.24 -28.04
CA LEU A 610 -4.70 -22.00 -27.22
C LEU A 610 -4.53 -23.47 -27.58
N HIS A 611 -4.44 -24.36 -26.59
CA HIS A 611 -4.30 -25.79 -26.88
C HIS A 611 -5.46 -26.33 -27.73
N MET A 612 -5.15 -27.22 -28.66
CA MET A 612 -6.14 -27.74 -29.62
C MET A 612 -7.42 -28.26 -28.99
N SER A 613 -7.31 -28.91 -27.83
CA SER A 613 -8.49 -29.51 -27.21
C SER A 613 -9.51 -28.43 -26.89
N LEU A 614 -9.04 -27.32 -26.33
CA LEU A 614 -9.91 -26.19 -25.99
C LEU A 614 -10.40 -25.46 -27.24
N GLU A 615 -9.54 -25.32 -28.24
CA GLU A 615 -9.93 -24.70 -29.50
C GLU A 615 -11.02 -25.52 -30.18
N SER A 616 -10.80 -26.82 -30.31
CA SER A 616 -11.79 -27.74 -30.87
C SER A 616 -13.09 -27.72 -30.08
N LEU A 617 -12.96 -27.60 -28.77
CA LEU A 617 -14.14 -27.55 -27.91
C LEU A 617 -15.01 -26.33 -28.22
N ILE A 618 -14.38 -25.17 -28.34
CA ILE A 618 -15.19 -23.98 -28.55
C ILE A 618 -15.62 -23.80 -30.01
N CYS A 619 -14.80 -24.26 -30.97
CA CYS A 619 -15.20 -24.16 -32.39
C CYS A 619 -16.39 -25.05 -32.75
N GLU A 620 -16.64 -26.04 -31.92
CA GLU A 620 -17.68 -26.99 -32.19
C GLU A 620 -18.89 -26.72 -31.31
N SER A 621 -18.97 -25.52 -30.77
CA SER A 621 -20.14 -25.11 -29.99
C SER A 621 -21.43 -25.31 -30.78
N ARG A 622 -22.54 -25.49 -30.07
CA ARG A 622 -23.84 -25.62 -30.72
C ARG A 622 -24.30 -24.24 -31.18
N ASP A 623 -23.80 -23.20 -30.52
CA ASP A 623 -24.24 -21.84 -30.80
C ASP A 623 -23.53 -21.23 -32.01
N LYS A 624 -24.33 -20.89 -33.02
CA LYS A 624 -23.83 -20.30 -34.25
C LYS A 624 -22.87 -19.12 -34.01
N PHE A 625 -23.32 -18.13 -33.24
CA PHE A 625 -22.51 -16.94 -32.93
C PHE A 625 -21.10 -17.27 -32.40
N ILE A 626 -21.02 -18.20 -31.46
CA ILE A 626 -19.74 -18.63 -30.90
C ILE A 626 -18.85 -19.30 -31.92
N ARG A 627 -19.46 -20.06 -32.83
CA ARG A 627 -18.69 -20.66 -33.91
C ARG A 627 -18.09 -19.57 -34.78
N GLU A 628 -18.83 -18.47 -34.92
CA GLU A 628 -18.39 -17.38 -35.78
C GLU A 628 -17.23 -16.60 -35.17
N LEU A 629 -17.16 -16.60 -33.83
CA LEU A 629 -16.06 -15.96 -33.12
C LEU A 629 -14.75 -16.58 -33.50
N PHE A 630 -14.78 -17.86 -33.86
CA PHE A 630 -13.56 -18.58 -34.22
C PHE A 630 -13.61 -19.03 -35.68
N GLU A 631 -14.05 -18.13 -36.55
CA GLU A 631 -14.16 -18.39 -37.99
C GLU A 631 -15.17 -19.48 -38.31
N LEU A 647 4.50 -28.83 -29.44
CA LEU A 647 4.51 -27.46 -28.93
C LEU A 647 3.88 -26.46 -29.90
N SER A 648 2.68 -26.01 -29.54
CA SER A 648 2.04 -24.88 -30.22
C SER A 648 2.44 -23.60 -29.49
N PHE A 649 3.03 -22.67 -30.24
CA PHE A 649 3.52 -21.44 -29.65
C PHE A 649 3.38 -20.28 -30.60
N ILE A 650 2.70 -19.24 -30.15
CA ILE A 650 2.56 -18.02 -30.92
C ILE A 650 3.05 -16.86 -30.04
N SER A 651 4.12 -16.20 -30.47
CA SER A 651 4.70 -15.12 -29.67
C SER A 651 3.81 -13.89 -29.60
N VAL A 652 3.34 -13.57 -28.40
CA VAL A 652 2.60 -12.33 -28.18
C VAL A 652 3.50 -11.12 -28.43
N GLY A 653 4.73 -11.20 -27.94
CA GLY A 653 5.66 -10.09 -28.04
C GLY A 653 5.96 -9.73 -29.48
N ASN A 654 6.34 -10.73 -30.27
CA ASN A 654 6.66 -10.45 -31.66
C ASN A 654 5.46 -10.19 -32.55
N LYS A 655 4.30 -10.73 -32.21
CA LYS A 655 3.09 -10.31 -32.90
C LYS A 655 2.89 -8.79 -32.71
N PHE A 656 3.00 -8.35 -31.46
CA PHE A 656 2.82 -6.95 -31.11
C PHE A 656 3.84 -6.07 -31.82
N LYS A 657 5.11 -6.45 -31.78
CA LYS A 657 6.15 -5.74 -32.52
C LYS A 657 5.80 -5.58 -34.02
N THR A 658 5.35 -6.66 -34.63
CA THR A 658 5.02 -6.63 -36.04
C THR A 658 3.85 -5.67 -36.30
N GLN A 659 2.81 -5.74 -35.48
CA GLN A 659 1.70 -4.80 -35.58
C GLN A 659 2.12 -3.33 -35.44
N LEU A 660 3.00 -3.03 -34.48
CA LEU A 660 3.44 -1.67 -34.25
C LEU A 660 4.34 -1.15 -35.35
N ASN A 661 5.15 -2.01 -35.94
CA ASN A 661 6.01 -1.55 -37.03
C ASN A 661 5.21 -1.16 -38.27
N LEU A 662 4.17 -1.94 -38.58
CA LEU A 662 3.23 -1.63 -39.64
C LEU A 662 2.50 -0.32 -39.38
N LEU A 663 2.09 -0.11 -38.14
CA LEU A 663 1.46 1.14 -37.76
C LEU A 663 2.44 2.27 -38.02
N LEU A 664 3.69 2.07 -37.61
CA LEU A 664 4.67 3.14 -37.74
C LEU A 664 4.92 3.48 -39.21
N ASP A 665 4.92 2.46 -40.05
CA ASP A 665 5.09 2.65 -41.49
C ASP A 665 3.93 3.50 -41.98
N LYS A 666 2.73 3.20 -41.50
CA LYS A 666 1.58 3.99 -41.86
C LYS A 666 1.73 5.44 -41.35
N LEU A 667 2.16 5.59 -40.10
CA LEU A 667 2.36 6.93 -39.56
C LEU A 667 3.40 7.74 -40.32
N ARG A 668 4.47 7.07 -40.76
CA ARG A 668 5.54 7.77 -41.48
C ARG A 668 5.07 8.29 -42.83
N SER A 669 4.06 7.65 -43.40
CA SER A 669 3.53 8.03 -44.69
C SER A 669 2.52 9.18 -44.57
N THR A 670 2.39 9.77 -43.39
CA THR A 670 1.42 10.83 -43.19
C THR A 670 2.09 12.09 -42.67
N GLY A 671 1.35 13.21 -42.73
CA GLY A 671 1.70 14.39 -41.97
C GLY A 671 1.21 14.14 -40.53
N ALA A 672 2.03 14.50 -39.54
CA ALA A 672 1.74 14.18 -38.15
C ALA A 672 1.63 15.40 -37.28
N SER A 673 0.58 15.43 -36.48
CA SER A 673 0.40 16.45 -35.45
C SER A 673 0.44 15.78 -34.07
N PHE A 674 0.79 16.55 -33.06
CA PHE A 674 1.06 15.96 -31.77
C PHE A 674 0.36 16.71 -30.67
N ILE A 675 -0.36 15.97 -29.83
CA ILE A 675 -0.95 16.50 -28.61
C ILE A 675 -0.26 15.78 -27.43
N ARG A 676 0.45 16.52 -26.60
CA ARG A 676 1.11 15.94 -25.44
C ARG A 676 0.25 16.17 -24.21
N CYS A 677 -0.30 15.07 -23.69
CA CYS A 677 -1.14 15.14 -22.50
C CYS A 677 -0.32 14.98 -21.24
N ILE A 678 -0.71 15.72 -20.22
CA ILE A 678 -0.01 15.83 -18.96
C ILE A 678 -0.93 15.50 -17.80
N LYS A 679 -0.50 14.60 -16.92
CA LYS A 679 -1.30 14.25 -15.76
C LYS A 679 -0.83 15.14 -14.62
N PRO A 680 -1.71 16.01 -14.09
CA PRO A 680 -1.26 17.03 -13.14
C PRO A 680 -0.94 16.46 -11.74
N ASN A 681 -1.47 15.30 -11.39
CA ASN A 681 -1.27 14.77 -10.05
C ASN A 681 -1.60 13.28 -9.93
N LEU A 682 -1.28 12.67 -8.77
CA LEU A 682 -1.49 11.23 -8.61
C LEU A 682 -2.84 10.90 -7.95
N LYS A 683 -3.68 11.91 -7.76
CA LYS A 683 -4.89 11.74 -6.97
C LYS A 683 -6.19 11.97 -7.73
N MET A 684 -6.14 12.11 -9.05
CA MET A 684 -7.34 12.40 -9.83
C MET A 684 -8.15 13.63 -9.35
N THR A 685 -7.49 14.63 -8.80
CA THR A 685 -8.21 15.81 -8.37
C THR A 685 -7.99 16.97 -9.32
N SER A 686 -8.96 17.87 -9.32
CA SER A 686 -8.92 19.11 -10.05
C SER A 686 -8.17 20.14 -9.23
N HIS A 687 -7.57 21.11 -9.90
CA HIS A 687 -6.88 22.21 -9.22
C HIS A 687 -5.74 21.78 -8.28
N HIS A 688 -5.02 20.73 -8.65
CA HIS A 688 -3.81 20.34 -7.93
C HIS A 688 -2.67 20.09 -8.93
N PHE A 689 -2.03 21.19 -9.32
CA PHE A 689 -0.89 21.18 -10.22
C PHE A 689 0.34 20.75 -9.40
N GLU A 690 0.85 19.55 -9.64
CA GLU A 690 2.10 19.14 -8.99
C GLU A 690 3.32 19.51 -9.87
N GLY A 691 3.97 20.61 -9.54
CA GLY A 691 5.03 21.13 -10.39
C GLY A 691 6.12 20.13 -10.74
N ALA A 692 6.68 19.45 -9.73
CA ALA A 692 7.77 18.51 -9.98
C ALA A 692 7.32 17.34 -10.84
N GLN A 693 6.08 16.90 -10.65
CA GLN A 693 5.53 15.81 -11.44
C GLN A 693 5.31 16.26 -12.87
N ILE A 694 4.84 17.48 -13.03
CA ILE A 694 4.55 18.03 -14.35
C ILE A 694 5.84 18.38 -15.08
N LEU A 695 6.79 19.01 -14.39
CA LEU A 695 8.08 19.33 -14.97
C LEU A 695 8.74 18.05 -15.50
N SER A 696 8.65 16.98 -14.70
CA SER A 696 9.26 15.72 -15.08
C SER A 696 8.72 15.21 -16.40
N GLN A 697 7.41 15.33 -16.61
CA GLN A 697 6.79 14.93 -17.87
C GLN A 697 7.11 15.86 -19.06
N LEU A 698 7.23 17.16 -18.81
CA LEU A 698 7.67 18.10 -19.83
C LEU A 698 9.08 17.73 -20.29
N GLN A 699 9.92 17.29 -19.35
CA GLN A 699 11.28 16.92 -19.70
C GLN A 699 11.30 15.63 -20.53
N CYS A 700 10.69 14.60 -19.97
N CYS A 700 10.73 14.56 -20.00
CA CYS A 700 10.70 13.26 -20.57
CA CYS A 700 10.86 13.29 -20.68
C CYS A 700 10.02 13.19 -21.93
C CYS A 700 10.00 13.17 -21.95
N SER A 701 9.04 14.07 -22.15
CA SER A 701 8.29 14.08 -23.41
C SER A 701 9.08 14.77 -24.54
N GLY A 702 10.18 15.40 -24.16
CA GLY A 702 10.99 16.12 -25.14
C GLY A 702 10.54 17.55 -25.36
N MET A 703 9.50 17.99 -24.66
CA MET A 703 8.97 19.35 -24.89
C MET A 703 9.91 20.48 -24.47
N VAL A 704 10.79 20.26 -23.50
CA VAL A 704 11.75 21.29 -23.19
C VAL A 704 12.73 21.44 -24.37
N SER A 705 13.12 20.30 -24.95
CA SER A 705 14.01 20.31 -26.11
C SER A 705 13.33 20.95 -27.33
N VAL A 706 12.08 20.58 -27.58
CA VAL A 706 11.30 21.18 -28.66
C VAL A 706 11.18 22.69 -28.51
N LEU A 707 10.78 23.16 -27.33
CA LEU A 707 10.70 24.59 -27.10
C LEU A 707 12.04 25.28 -27.42
N ASP A 708 13.15 24.65 -27.04
CA ASP A 708 14.49 25.17 -27.34
C ASP A 708 14.76 25.28 -28.87
N LEU A 709 14.50 24.21 -29.62
CA LEU A 709 14.66 24.22 -31.06
C LEU A 709 13.72 25.22 -31.76
N MET A 710 12.47 25.27 -31.32
CA MET A 710 11.42 26.10 -31.89
C MET A 710 11.59 27.59 -31.72
N GLN A 711 12.10 28.01 -30.56
CA GLN A 711 12.38 29.42 -30.29
C GLN A 711 13.11 30.06 -31.47
N GLY A 712 13.97 29.30 -32.14
CA GLY A 712 14.68 29.77 -33.32
C GLY A 712 14.46 28.90 -34.54
N GLY A 713 13.30 28.27 -34.63
CA GLY A 713 12.97 27.38 -35.74
C GLY A 713 11.90 27.92 -36.67
N PHE A 714 11.47 27.10 -37.60
CA PHE A 714 10.53 27.55 -38.62
C PHE A 714 9.52 26.45 -38.90
N PRO A 715 8.41 26.47 -38.15
CA PRO A 715 7.43 25.40 -38.30
C PRO A 715 6.68 25.40 -39.64
N SER A 716 6.61 26.52 -40.35
CA SER A 716 5.88 26.56 -41.63
C SER A 716 6.81 26.79 -42.83
N ARG A 717 6.58 26.05 -43.91
CA ARG A 717 7.38 26.23 -45.11
C ARG A 717 6.70 25.62 -46.33
N ALA A 718 7.17 26.06 -47.49
CA ALA A 718 6.80 25.50 -48.79
C ALA A 718 7.80 26.00 -49.83
N SER A 719 7.97 25.24 -50.91
CA SER A 719 8.95 25.55 -51.93
C SER A 719 8.60 26.80 -52.74
N PHE A 720 9.63 27.59 -53.05
CA PHE A 720 9.52 28.71 -53.97
C PHE A 720 8.77 28.33 -55.24
N HIS A 721 9.18 27.22 -55.84
CA HIS A 721 8.64 26.82 -57.13
C HIS A 721 7.16 26.49 -57.11
N GLU A 722 6.71 25.83 -56.06
CA GLU A 722 5.31 25.45 -55.97
C GLU A 722 4.48 26.70 -55.71
N LEU A 723 5.02 27.62 -54.92
CA LEU A 723 4.36 28.89 -54.70
C LEU A 723 4.19 29.62 -56.02
N TYR A 724 5.30 29.87 -56.71
CA TYR A 724 5.28 30.50 -58.04
C TYR A 724 4.31 29.82 -59.00
N ASN A 725 4.47 28.50 -59.14
CA ASN A 725 3.63 27.72 -60.05
C ASN A 725 2.14 27.80 -59.77
N MET A 726 1.78 28.13 -58.53
CA MET A 726 0.38 28.24 -58.13
C MET A 726 -0.25 29.61 -58.49
N TYR A 727 0.55 30.68 -58.45
CA TYR A 727 0.07 32.01 -58.82
C TYR A 727 0.30 32.32 -60.30
N LYS A 728 1.08 31.47 -60.98
CA LYS A 728 1.56 31.75 -62.33
C LYS A 728 0.44 32.16 -63.29
N LYS A 729 -0.59 31.33 -63.40
CA LYS A 729 -1.66 31.56 -64.36
C LYS A 729 -2.47 32.84 -64.12
N TYR A 730 -2.19 33.52 -63.01
CA TYR A 730 -2.85 34.79 -62.70
C TYR A 730 -1.88 35.96 -62.83
N MET A 731 -0.62 35.66 -63.13
CA MET A 731 0.38 36.71 -63.16
C MET A 731 0.35 37.46 -64.48
N PRO A 732 0.34 38.80 -64.40
CA PRO A 732 0.62 39.57 -65.62
C PRO A 732 2.09 39.38 -65.92
N ASP A 733 2.46 39.62 -67.16
CA ASP A 733 3.81 39.31 -67.62
C ASP A 733 4.91 39.91 -66.76
N LYS A 734 4.68 41.09 -66.20
CA LYS A 734 5.67 41.75 -65.35
C LYS A 734 6.12 40.89 -64.15
N LEU A 735 5.20 40.10 -63.59
CA LEU A 735 5.49 39.22 -62.45
C LEU A 735 6.02 37.85 -62.89
N ALA A 736 5.30 37.21 -63.80
CA ALA A 736 5.72 35.93 -64.37
C ALA A 736 7.21 35.86 -64.74
N ARG A 737 7.77 37.01 -65.15
CA ARG A 737 9.17 37.07 -65.57
C ARG A 737 10.15 37.00 -64.39
N LEU A 738 9.67 37.32 -63.21
CA LEU A 738 10.51 37.23 -62.02
C LEU A 738 10.82 35.78 -61.74
N ASP A 739 12.04 35.49 -61.30
CA ASP A 739 12.27 34.13 -60.84
C ASP A 739 11.39 33.87 -59.59
N PRO A 740 10.94 32.62 -59.41
CA PRO A 740 10.10 32.17 -58.30
C PRO A 740 10.45 32.83 -56.97
N ARG A 741 11.72 32.84 -56.62
CA ARG A 741 12.19 33.43 -55.39
C ARG A 741 11.85 34.90 -55.27
N LEU A 742 11.94 35.64 -56.38
CA LEU A 742 11.74 37.09 -56.34
C LEU A 742 10.27 37.50 -56.36
N PHE A 743 9.43 36.73 -57.08
CA PHE A 743 7.98 36.87 -56.94
C PHE A 743 7.54 36.69 -55.48
N CYS A 744 8.11 35.70 -54.79
CA CYS A 744 7.76 35.47 -53.40
C CYS A 744 8.09 36.70 -52.58
N LYS A 745 9.28 37.27 -52.80
CA LYS A 745 9.70 38.44 -52.03
C LYS A 745 8.71 39.56 -52.25
N ALA A 746 8.22 39.67 -53.48
CA ALA A 746 7.28 40.71 -53.83
C ALA A 746 5.93 40.47 -53.17
N LEU A 747 5.43 39.24 -53.29
CA LEU A 747 4.16 38.86 -52.67
C LEU A 747 4.18 39.09 -51.16
N PHE A 748 5.30 38.75 -50.51
CA PHE A 748 5.40 38.93 -49.06
C PHE A 748 5.50 40.40 -48.68
N LYS A 749 6.29 41.16 -49.41
CA LYS A 749 6.38 42.60 -49.14
C LYS A 749 5.04 43.34 -49.40
N ALA A 750 4.28 42.90 -50.38
CA ALA A 750 2.97 43.49 -50.68
C ALA A 750 1.95 43.16 -49.59
N LEU A 751 2.13 42.00 -48.95
CA LEU A 751 1.21 41.52 -47.93
C LEU A 751 1.55 42.05 -46.53
N GLY A 752 2.37 43.09 -46.48
CA GLY A 752 2.70 43.75 -45.22
C GLY A 752 3.65 42.94 -44.35
N LEU A 753 4.01 41.76 -44.82
CA LEU A 753 4.83 40.83 -44.07
C LEU A 753 6.21 41.41 -43.74
N ASN A 754 6.58 41.36 -42.48
CA ASN A 754 7.88 41.84 -42.03
C ASN A 754 8.92 40.75 -42.27
N GLU A 755 10.16 41.11 -42.58
CA GLU A 755 11.12 40.06 -42.93
C GLU A 755 11.89 39.45 -41.76
N ILE A 756 11.60 39.90 -40.55
CA ILE A 756 12.10 39.19 -39.37
C ILE A 756 11.28 37.90 -39.24
N ASP A 757 10.12 37.90 -39.89
CA ASP A 757 9.11 36.88 -39.73
C ASP A 757 9.29 35.68 -40.65
N TYR A 758 10.14 35.80 -41.66
CA TYR A 758 10.42 34.67 -42.55
C TYR A 758 11.87 34.60 -42.97
N LYS A 759 12.22 33.54 -43.68
CA LYS A 759 13.58 33.32 -44.09
C LYS A 759 13.59 32.41 -45.30
N PHE A 760 14.35 32.82 -46.29
CA PHE A 760 14.46 32.10 -47.56
C PHE A 760 15.58 31.08 -47.41
N GLY A 761 15.27 29.83 -47.69
CA GLY A 761 16.29 28.80 -47.62
C GLY A 761 16.79 28.54 -49.03
N LEU A 762 17.35 27.36 -49.26
CA LEU A 762 17.82 27.02 -50.59
C LEU A 762 16.66 26.82 -51.56
N THR A 763 15.69 25.99 -51.17
CA THR A 763 14.54 25.71 -52.04
C THR A 763 13.19 26.11 -51.44
N LYS A 764 13.16 26.41 -50.14
CA LYS A 764 11.89 26.71 -49.50
C LYS A 764 11.95 28.03 -48.78
N VAL A 765 10.80 28.66 -48.62
CA VAL A 765 10.73 29.79 -47.72
C VAL A 765 10.11 29.27 -46.41
N PHE A 766 10.61 29.78 -45.27
CA PHE A 766 10.31 29.28 -43.95
C PHE A 766 9.70 30.40 -43.12
N PHE A 767 8.61 30.10 -42.40
CA PHE A 767 8.00 31.06 -41.47
C PHE A 767 8.17 30.66 -40.01
N ARG A 768 8.34 31.67 -39.17
CA ARG A 768 8.63 31.49 -37.77
C ARG A 768 7.34 31.19 -36.98
N PRO A 769 7.48 30.73 -35.73
CA PRO A 769 6.28 30.53 -34.90
C PRO A 769 5.48 31.83 -34.83
N GLY A 770 4.15 31.73 -34.77
CA GLY A 770 3.33 32.92 -34.59
C GLY A 770 2.87 33.54 -35.90
N LYS A 771 3.21 32.88 -37.00
CA LYS A 771 2.93 33.40 -38.33
C LYS A 771 2.12 32.43 -39.16
N PHE A 772 1.35 31.57 -38.48
CA PHE A 772 0.56 30.57 -39.18
C PHE A 772 -0.55 31.21 -40.00
N ALA A 773 -1.16 32.26 -39.48
CA ALA A 773 -2.22 32.94 -40.20
C ALA A 773 -1.68 33.51 -41.53
N GLU A 774 -0.60 34.28 -41.43
CA GLU A 774 0.08 34.86 -42.60
C GLU A 774 0.55 33.80 -43.59
N PHE A 775 1.03 32.67 -43.08
CA PHE A 775 1.50 31.61 -43.97
C PHE A 775 0.35 30.88 -44.70
N ASP A 776 -0.77 30.71 -44.01
CA ASP A 776 -1.98 30.12 -44.59
C ASP A 776 -2.60 30.99 -45.71
N GLN A 777 -2.62 32.31 -45.53
CA GLN A 777 -3.08 33.23 -46.58
C GLN A 777 -2.23 33.07 -47.85
N ILE A 778 -0.96 32.79 -47.68
CA ILE A 778 -0.07 32.59 -48.81
C ILE A 778 -0.31 31.25 -49.52
N MET A 779 -0.70 30.23 -48.77
CA MET A 779 -0.97 28.91 -49.35
C MET A 779 -2.36 28.76 -49.96
N LYS A 780 -3.25 29.70 -49.67
CA LYS A 780 -4.66 29.57 -50.07
C LYS A 780 -4.74 29.43 -51.58
N SER A 781 -5.39 28.37 -52.06
CA SER A 781 -5.34 28.03 -53.48
C SER A 781 -6.63 28.39 -54.23
N ASP A 782 -7.63 28.84 -53.48
CA ASP A 782 -8.90 29.40 -53.99
C ASP A 782 -8.64 30.52 -55.02
N PRO A 783 -9.01 30.27 -56.30
CA PRO A 783 -8.75 31.17 -57.44
C PRO A 783 -9.10 32.65 -57.21
N ASP A 784 -10.21 32.91 -56.55
CA ASP A 784 -10.56 34.27 -56.13
C ASP A 784 -9.49 34.85 -55.20
N HIS A 785 -8.94 34.00 -54.33
CA HIS A 785 -7.94 34.45 -53.38
C HIS A 785 -6.59 34.71 -54.07
N LEU A 786 -6.23 33.83 -54.99
CA LEU A 786 -4.97 33.95 -55.74
C LEU A 786 -4.98 35.19 -56.62
N ALA A 787 -6.11 35.42 -57.29
CA ALA A 787 -6.24 36.62 -58.12
C ALA A 787 -6.21 37.86 -57.23
N GLU A 788 -6.81 37.77 -56.05
CA GLU A 788 -6.85 38.95 -55.17
C GLU A 788 -5.46 39.31 -54.69
N LEU A 789 -4.62 38.32 -54.41
CA LEU A 789 -3.27 38.62 -53.92
C LEU A 789 -2.37 39.10 -55.06
N VAL A 790 -2.53 38.51 -56.23
CA VAL A 790 -1.84 39.00 -57.41
C VAL A 790 -2.21 40.46 -57.65
N LYS A 791 -3.51 40.75 -57.54
CA LYS A 791 -4.01 42.11 -57.70
C LYS A 791 -3.31 43.06 -56.74
N ARG A 792 -3.08 42.60 -55.52
CA ARG A 792 -2.40 43.40 -54.51
C ARG A 792 -0.93 43.58 -54.84
N VAL A 793 -0.33 42.57 -55.48
CA VAL A 793 1.07 42.71 -55.89
C VAL A 793 1.19 43.76 -57.00
N ASN A 794 0.32 43.69 -58.00
CA ASN A 794 0.33 44.66 -59.11
C ASN A 794 0.22 46.06 -58.60
N HIS A 795 -0.71 46.27 -57.71
CA HIS A 795 -0.94 47.60 -57.17
C HIS A 795 0.33 48.05 -56.45
N TRP A 796 0.90 47.15 -55.65
CA TRP A 796 2.11 47.45 -54.89
C TRP A 796 3.32 47.88 -55.75
N LEU A 797 3.38 47.41 -57.01
CA LEU A 797 4.50 47.77 -57.88
C LEU A 797 4.40 49.18 -58.52
N LYS B 14 -5.02 -33.34 58.58
CA LYS B 14 -4.89 -33.06 57.15
C LYS B 14 -4.49 -31.59 56.86
N PRO B 15 -3.35 -31.41 56.19
CA PRO B 15 -2.72 -30.10 55.95
C PRO B 15 -3.54 -29.17 55.06
N VAL B 16 -3.51 -27.90 55.41
CA VAL B 16 -4.23 -26.91 54.63
C VAL B 16 -3.40 -25.67 54.34
N TRP B 17 -3.95 -24.81 53.48
CA TRP B 17 -3.30 -23.56 53.07
C TRP B 17 -3.90 -22.38 53.82
N ALA B 18 -3.05 -21.58 54.43
CA ALA B 18 -3.50 -20.40 55.16
C ALA B 18 -2.59 -19.21 54.84
N PRO B 19 -3.10 -17.98 55.01
CA PRO B 19 -2.37 -16.77 54.58
C PRO B 19 -0.99 -16.56 55.18
N HIS B 20 -0.10 -16.01 54.37
CA HIS B 20 1.26 -15.65 54.75
C HIS B 20 1.63 -14.37 53.98
N PRO B 21 2.21 -13.37 54.68
CA PRO B 21 2.36 -12.02 54.11
C PRO B 21 3.35 -11.92 52.95
N THR B 22 4.38 -12.77 52.90
CA THR B 22 5.31 -12.71 51.79
C THR B 22 5.20 -13.90 50.83
N ASP B 23 4.80 -15.07 51.32
CA ASP B 23 4.61 -16.20 50.41
C ASP B 23 3.20 -16.33 49.86
N GLY B 24 2.28 -15.47 50.32
CA GLY B 24 0.90 -15.61 49.95
C GLY B 24 0.16 -16.62 50.83
N PHE B 25 0.65 -17.86 50.83
CA PHE B 25 0.04 -18.91 51.61
C PHE B 25 1.11 -19.82 52.20
N GLN B 26 0.83 -20.38 53.37
CA GLN B 26 1.71 -21.35 54.02
C GLN B 26 0.93 -22.60 54.42
N VAL B 27 1.65 -23.73 54.50
CA VAL B 27 1.10 -25.01 54.90
C VAL B 27 0.87 -25.02 56.39
N GLY B 28 -0.31 -25.47 56.80
CA GLY B 28 -0.59 -25.61 58.22
C GLY B 28 -1.61 -26.68 58.53
N ASN B 29 -1.80 -26.93 59.82
CA ASN B 29 -2.85 -27.83 60.30
C ASN B 29 -3.84 -27.04 61.15
N ILE B 30 -5.11 -27.29 60.97
CA ILE B 30 -6.11 -26.66 61.84
C ILE B 30 -6.13 -27.33 63.23
N VAL B 31 -5.85 -26.55 64.27
CA VAL B 31 -5.80 -27.10 65.62
C VAL B 31 -6.88 -26.58 66.57
N ASP B 32 -7.72 -25.67 66.09
CA ASP B 32 -8.88 -25.20 66.85
C ASP B 32 -9.79 -24.41 65.93
N ILE B 33 -10.97 -24.09 66.44
CA ILE B 33 -11.99 -23.40 65.67
C ILE B 33 -12.83 -22.48 66.57
N GLY B 34 -13.10 -21.28 66.06
CA GLY B 34 -13.91 -20.29 66.74
C GLY B 34 -14.91 -19.71 65.76
N PRO B 35 -15.81 -18.84 66.24
CA PRO B 35 -16.97 -18.35 65.48
C PRO B 35 -16.64 -17.86 64.05
N ASP B 36 -15.55 -17.13 63.89
CA ASP B 36 -15.09 -16.85 62.54
C ASP B 36 -13.58 -16.89 62.54
N SER B 37 -13.04 -18.08 62.79
CA SER B 37 -11.62 -18.19 63.07
C SER B 37 -11.18 -19.64 63.10
N LEU B 38 -10.10 -19.94 62.40
CA LEU B 38 -9.43 -21.21 62.57
C LEU B 38 -8.07 -20.92 63.18
N THR B 39 -7.66 -21.74 64.13
CA THR B 39 -6.32 -21.61 64.68
C THR B 39 -5.39 -22.53 63.90
N ILE B 40 -4.33 -21.97 63.32
CA ILE B 40 -3.44 -22.74 62.45
C ILE B 40 -2.05 -22.97 63.05
N GLU B 41 -1.59 -24.20 63.00
CA GLU B 41 -0.20 -24.50 63.34
C GLU B 41 0.59 -24.77 62.06
N PRO B 42 1.63 -23.95 61.80
CA PRO B 42 2.47 -24.09 60.61
C PRO B 42 3.22 -25.42 60.68
N LEU B 43 3.48 -26.03 59.53
CA LEU B 43 4.27 -27.26 59.49
C LEU B 43 5.64 -27.07 60.16
N ASN B 44 6.06 -28.11 60.88
CA ASN B 44 7.31 -28.10 61.63
C ASN B 44 7.46 -26.89 62.57
N GLN B 45 6.40 -26.60 63.33
CA GLN B 45 6.41 -25.54 64.34
C GLN B 45 5.41 -25.87 65.45
N LYS B 46 5.63 -26.98 66.15
CA LYS B 46 4.69 -27.46 67.15
C LYS B 46 4.31 -26.41 68.20
N GLY B 47 5.26 -25.53 68.51
CA GLY B 47 4.98 -24.45 69.46
C GLY B 47 3.89 -23.51 69.00
N LYS B 48 4.18 -22.76 67.95
CA LYS B 48 3.43 -21.57 67.55
C LYS B 48 2.04 -21.81 66.94
N THR B 49 1.19 -20.78 66.99
CA THR B 49 -0.05 -20.74 66.21
C THR B 49 -0.31 -19.34 65.64
N PHE B 50 -1.24 -19.27 64.70
CA PHE B 50 -1.78 -17.99 64.23
C PHE B 50 -3.26 -18.15 63.86
N LEU B 51 -3.99 -17.04 63.83
CA LEU B 51 -5.40 -17.07 63.47
C LEU B 51 -5.66 -16.71 62.00
N ALA B 52 -6.74 -17.23 61.45
CA ALA B 52 -7.15 -16.92 60.08
C ALA B 52 -8.67 -17.03 60.01
N LEU B 53 -9.30 -16.19 59.20
CA LEU B 53 -10.73 -16.36 58.96
C LEU B 53 -10.95 -17.65 58.17
N ILE B 54 -12.10 -18.28 58.32
CA ILE B 54 -12.39 -19.56 57.70
C ILE B 54 -12.29 -19.52 56.17
N ASN B 55 -12.78 -18.45 55.58
CA ASN B 55 -12.74 -18.27 54.12
C ASN B 55 -11.36 -17.87 53.56
N GLN B 56 -10.37 -17.73 54.44
CA GLN B 56 -8.98 -17.48 54.04
C GLN B 56 -8.15 -18.78 54.10
N VAL B 57 -8.83 -19.89 54.34
CA VAL B 57 -8.14 -21.15 54.52
C VAL B 57 -8.63 -22.10 53.43
N PHE B 58 -7.70 -22.83 52.84
CA PHE B 58 -8.04 -23.62 51.68
C PHE B 58 -7.44 -25.00 51.79
N PRO B 59 -8.15 -25.99 51.23
CA PRO B 59 -7.62 -27.35 51.15
C PRO B 59 -6.39 -27.37 50.25
N ALA B 60 -5.47 -28.27 50.55
CA ALA B 60 -4.22 -28.43 49.82
C ALA B 60 -4.17 -29.78 49.12
N GLU B 61 -3.48 -29.85 47.99
CA GLU B 61 -3.20 -31.12 47.32
C GLU B 61 -2.46 -32.08 48.27
N GLU B 62 -2.89 -33.34 48.25
CA GLU B 62 -2.32 -34.37 49.12
C GLU B 62 -0.82 -34.54 48.92
N ASP B 63 -0.41 -34.56 47.65
CA ASP B 63 1.00 -34.68 47.30
C ASP B 63 1.53 -33.31 46.92
N SER B 64 2.41 -32.77 47.74
CA SER B 64 2.81 -31.38 47.62
C SER B 64 3.94 -31.19 46.63
N LYS B 65 4.62 -32.30 46.31
CA LYS B 65 5.81 -32.23 45.49
C LYS B 65 5.55 -32.53 44.03
N LYS B 66 4.39 -33.09 43.72
CA LYS B 66 4.00 -33.27 42.33
C LYS B 66 3.31 -32.02 41.79
N ASP B 67 3.30 -31.89 40.47
CA ASP B 67 2.59 -30.80 39.83
C ASP B 67 1.76 -31.39 38.72
N VAL B 68 0.85 -30.58 38.20
CA VAL B 68 0.05 -30.97 37.07
C VAL B 68 0.22 -29.91 35.96
N GLU B 69 0.20 -30.35 34.71
CA GLU B 69 0.35 -29.47 33.57
C GLU B 69 -0.82 -28.51 33.37
N ASP B 70 -2.02 -28.94 33.76
CA ASP B 70 -3.19 -28.12 33.64
C ASP B 70 -3.75 -27.98 35.04
N ASN B 71 -4.03 -26.74 35.42
CA ASN B 71 -4.49 -26.45 36.77
C ASN B 71 -5.91 -26.99 37.02
N CYS B 72 -6.64 -27.26 35.96
CA CYS B 72 -7.96 -27.87 36.01
C CYS B 72 -7.91 -29.34 36.50
N SER B 73 -6.70 -29.91 36.59
CA SER B 73 -6.48 -31.27 37.07
C SER B 73 -6.29 -31.29 38.56
N LEU B 74 -6.28 -30.12 39.20
CA LEU B 74 -6.10 -30.09 40.65
C LEU B 74 -7.30 -30.76 41.37
N MET B 75 -7.05 -31.48 42.46
CA MET B 75 -8.15 -32.06 43.20
C MET B 75 -8.98 -30.92 43.76
N TYR B 76 -8.30 -29.97 44.41
CA TYR B 76 -8.97 -28.77 44.88
C TYR B 76 -8.58 -27.54 44.00
N LEU B 77 -9.58 -26.86 43.45
CA LEU B 77 -9.33 -25.71 42.61
C LEU B 77 -9.51 -24.40 43.33
N ASN B 78 -8.42 -23.84 43.86
CA ASN B 78 -8.49 -22.53 44.51
C ASN B 78 -7.20 -21.72 44.34
N GLU B 79 -7.19 -20.48 44.81
CA GLU B 79 -6.06 -19.61 44.55
C GLU B 79 -4.79 -20.10 45.21
N ALA B 80 -4.93 -20.78 46.34
CA ALA B 80 -3.78 -21.28 47.07
C ALA B 80 -3.09 -22.48 46.40
N THR B 81 -3.89 -23.39 45.86
CA THR B 81 -3.35 -24.55 45.18
C THR B 81 -2.85 -24.15 43.77
N LEU B 82 -3.51 -23.17 43.16
CA LEU B 82 -3.06 -22.61 41.88
C LEU B 82 -1.66 -22.01 42.05
N LEU B 83 -1.49 -21.18 43.07
CA LEU B 83 -0.22 -20.56 43.38
C LEU B 83 0.84 -21.61 43.61
N HIS B 84 0.50 -22.63 44.39
CA HIS B 84 1.43 -23.71 44.70
C HIS B 84 1.85 -24.57 43.52
N ASN B 85 0.89 -24.97 42.70
CA ASN B 85 1.20 -25.72 41.48
C ASN B 85 2.20 -24.96 40.59
N ILE B 86 1.90 -23.70 40.38
CA ILE B 86 2.71 -22.84 39.55
C ILE B 86 4.11 -22.74 40.15
N LYS B 87 4.19 -22.72 41.48
CA LYS B 87 5.45 -22.59 42.20
C LYS B 87 6.34 -23.83 42.11
N VAL B 88 5.74 -24.99 42.29
CA VAL B 88 6.47 -26.25 42.16
C VAL B 88 7.03 -26.41 40.74
N ARG B 89 6.22 -26.08 39.74
CA ARG B 89 6.67 -26.11 38.35
C ARG B 89 7.85 -25.19 38.08
N TYR B 90 7.73 -23.94 38.52
CA TYR B 90 8.77 -22.93 38.36
C TYR B 90 10.10 -23.38 38.99
N SER B 91 10.00 -24.10 40.12
CA SER B 91 11.17 -24.62 40.82
C SER B 91 11.85 -25.70 39.99
N LYS B 92 11.12 -26.28 39.06
CA LYS B 92 11.68 -27.31 38.17
C LYS B 92 11.91 -26.72 36.77
N ASP B 93 12.01 -25.40 36.68
CA ASP B 93 12.20 -24.71 35.38
C ASP B 93 11.11 -25.06 34.38
N ARG B 94 9.89 -25.24 34.88
CA ARG B 94 8.73 -25.43 34.03
C ARG B 94 7.93 -24.15 34.16
N ILE B 95 8.14 -23.23 33.22
CA ILE B 95 7.62 -21.87 33.39
C ILE B 95 6.24 -21.73 32.82
N TYR B 96 5.82 -22.72 32.02
CA TYR B 96 4.51 -22.67 31.37
C TYR B 96 3.52 -23.65 32.03
N THR B 97 2.27 -23.24 32.18
CA THR B 97 1.28 -24.04 32.88
C THR B 97 -0.07 -23.66 32.32
N TYR B 98 -0.95 -24.64 32.10
CA TYR B 98 -2.27 -24.32 31.56
C TYR B 98 -3.30 -23.94 32.63
N VAL B 99 -4.29 -23.17 32.20
CA VAL B 99 -5.62 -23.20 32.82
C VAL B 99 -6.47 -23.49 31.61
N ALA B 100 -6.75 -24.77 31.37
CA ALA B 100 -7.39 -25.19 30.12
C ALA B 100 -6.61 -24.76 28.87
N ASN B 101 -7.20 -23.90 28.04
CA ASN B 101 -6.55 -23.49 26.79
C ASN B 101 -5.86 -22.12 26.91
N ILE B 102 -5.73 -21.63 28.14
CA ILE B 102 -5.06 -20.37 28.42
C ILE B 102 -3.73 -20.71 29.05
N LEU B 103 -2.69 -19.98 28.67
CA LEU B 103 -1.36 -20.27 29.17
C LEU B 103 -0.96 -19.29 30.25
N ILE B 104 -0.28 -19.78 31.26
CA ILE B 104 0.33 -18.92 32.25
C ILE B 104 1.84 -19.09 32.10
N ALA B 105 2.56 -17.97 31.98
CA ALA B 105 4.01 -18.03 31.77
C ALA B 105 4.76 -17.20 32.80
N VAL B 106 5.58 -17.87 33.62
CA VAL B 106 6.36 -17.16 34.62
C VAL B 106 7.78 -16.91 34.12
N ASN B 107 8.15 -15.64 33.98
CA ASN B 107 9.49 -15.26 33.56
C ASN B 107 10.58 -15.98 34.37
N PRO B 108 11.43 -16.76 33.69
CA PRO B 108 12.51 -17.45 34.41
C PRO B 108 13.68 -16.50 34.73
N TYR B 109 13.82 -15.43 33.96
CA TYR B 109 14.99 -14.55 34.05
C TYR B 109 16.34 -15.27 33.83
N PHE B 110 16.33 -16.38 33.10
CA PHE B 110 17.56 -16.99 32.57
C PHE B 110 17.17 -17.87 31.39
N ASP B 111 18.13 -18.16 30.52
CA ASP B 111 17.84 -19.00 29.37
C ASP B 111 17.73 -20.44 29.82
N ILE B 112 16.58 -21.07 29.60
CA ILE B 112 16.42 -22.46 30.01
C ILE B 112 16.77 -23.35 28.83
N PRO B 113 17.73 -24.27 29.06
CA PRO B 113 18.28 -25.07 27.96
C PRO B 113 17.25 -25.81 27.09
N LYS B 114 17.40 -25.67 25.77
CA LYS B 114 16.74 -26.53 24.78
C LYS B 114 15.26 -26.25 24.47
N ILE B 115 14.54 -25.52 25.31
CA ILE B 115 13.09 -25.45 25.12
C ILE B 115 12.62 -24.57 24.00
N TYR B 116 13.55 -23.85 23.36
CA TYR B 116 13.20 -23.09 22.16
C TYR B 116 13.99 -23.57 20.95
N SER B 117 14.61 -24.75 21.09
CA SER B 117 15.33 -25.38 19.98
C SER B 117 14.42 -25.65 18.79
N SER B 118 14.99 -25.69 17.60
CA SER B 118 14.22 -25.96 16.38
C SER B 118 13.64 -27.36 16.50
N GLU B 119 14.35 -28.19 17.24
CA GLU B 119 13.93 -29.54 17.52
C GLU B 119 12.61 -29.51 18.30
N THR B 120 12.58 -28.71 19.36
CA THR B 120 11.36 -28.56 20.17
C THR B 120 10.26 -27.96 19.30
N ILE B 121 10.62 -27.01 18.43
CA ILE B 121 9.65 -26.48 17.47
C ILE B 121 8.97 -27.61 16.68
N LYS B 122 9.77 -28.50 16.09
CA LYS B 122 9.23 -29.63 15.33
C LYS B 122 8.34 -30.54 16.18
N SER B 123 8.68 -30.75 17.44
CA SER B 123 7.91 -31.66 18.27
C SER B 123 6.50 -31.15 18.61
N TYR B 124 6.23 -29.86 18.41
CA TYR B 124 4.93 -29.31 18.74
C TYR B 124 4.03 -29.16 17.53
N GLN B 125 4.57 -29.43 16.35
CA GLN B 125 3.79 -29.21 15.13
C GLN B 125 2.61 -30.18 15.06
N GLY B 126 1.41 -29.63 14.87
CA GLY B 126 0.20 -30.42 14.76
C GLY B 126 -0.27 -31.14 16.02
N LYS B 127 0.52 -31.13 17.09
CA LYS B 127 0.09 -31.71 18.37
C LYS B 127 -1.08 -30.93 19.00
N SER B 128 -2.09 -31.66 19.47
CA SER B 128 -3.24 -31.09 20.15
C SER B 128 -2.84 -30.64 21.54
N LEU B 129 -3.52 -29.64 22.08
CA LEU B 129 -3.27 -29.15 23.43
C LEU B 129 -3.33 -30.29 24.44
N GLY B 130 -2.37 -30.32 25.36
CA GLY B 130 -2.36 -31.37 26.35
C GLY B 130 -1.65 -32.63 25.91
N THR B 131 -1.41 -32.80 24.61
CA THR B 131 -0.63 -33.95 24.17
C THR B 131 0.87 -33.66 24.20
N MET B 132 1.23 -32.45 24.64
CA MET B 132 2.63 -32.10 24.92
C MET B 132 2.63 -31.24 26.19
N PRO B 133 3.76 -31.19 26.89
CA PRO B 133 3.85 -30.27 28.03
C PRO B 133 3.50 -28.84 27.62
N PRO B 134 2.92 -28.06 28.56
CA PRO B 134 2.45 -26.72 28.21
C PRO B 134 3.59 -25.86 27.65
N HIS B 135 3.30 -25.10 26.61
CA HIS B 135 4.35 -24.36 25.94
C HIS B 135 3.73 -23.26 25.12
N VAL B 136 4.46 -22.18 24.94
CA VAL B 136 4.02 -21.07 24.10
C VAL B 136 3.84 -21.59 22.67
N PHE B 137 4.67 -22.55 22.29
CA PHE B 137 4.54 -23.15 20.96
C PHE B 137 3.16 -23.82 20.75
N ALA B 138 2.60 -24.44 21.78
CA ALA B 138 1.32 -25.16 21.63
C ALA B 138 0.20 -24.15 21.46
N ILE B 139 0.36 -23.02 22.13
CA ILE B 139 -0.59 -21.93 21.99
C ILE B 139 -0.55 -21.47 20.56
N ALA B 140 0.67 -21.33 20.03
CA ALA B 140 0.88 -20.93 18.64
C ALA B 140 0.28 -21.95 17.66
N ASP B 141 0.57 -23.24 17.87
CA ASP B 141 0.01 -24.23 16.97
C ASP B 141 -1.52 -24.26 16.99
N LYS B 142 -2.09 -24.15 18.18
CA LYS B 142 -3.54 -24.15 18.32
C LYS B 142 -4.18 -23.02 17.52
N ALA B 143 -3.55 -21.85 17.52
CA ALA B 143 -4.06 -20.71 16.75
C ALA B 143 -3.98 -20.97 15.25
N PHE B 144 -2.94 -21.68 14.82
CA PHE B 144 -2.81 -22.08 13.43
C PHE B 144 -3.87 -23.13 13.06
N ARG B 145 -3.91 -24.21 13.83
CA ARG B 145 -4.90 -25.26 13.66
C ARG B 145 -6.30 -24.63 13.50
N ASP B 146 -6.66 -23.71 14.39
CA ASP B 146 -7.95 -23.03 14.30
C ASP B 146 -8.14 -22.17 13.06
N MET B 147 -7.10 -21.42 12.71
CA MET B 147 -7.20 -20.53 11.56
C MET B 147 -7.54 -21.34 10.33
N LYS B 148 -6.91 -22.50 10.23
CA LYS B 148 -7.05 -23.41 9.09
C LYS B 148 -8.44 -24.03 9.05
N VAL B 149 -8.79 -24.73 10.12
CA VAL B 149 -10.10 -25.35 10.27
C VAL B 149 -11.26 -24.35 10.15
N LEU B 150 -11.45 -23.49 11.15
CA LEU B 150 -12.59 -22.58 11.19
C LEU B 150 -12.55 -21.48 10.14
N LYS B 151 -11.44 -21.38 9.42
CA LYS B 151 -11.22 -20.27 8.50
C LYS B 151 -11.57 -18.90 9.09
N LEU B 152 -10.92 -18.60 10.22
CA LEU B 152 -11.11 -17.37 10.96
C LEU B 152 -9.71 -16.87 11.29
N SER B 153 -9.44 -15.58 11.09
CA SER B 153 -8.16 -15.04 11.49
C SER B 153 -8.03 -15.10 13.01
N GLN B 154 -6.80 -15.20 13.51
CA GLN B 154 -6.57 -15.47 14.93
C GLN B 154 -5.71 -14.40 15.62
N SER B 155 -5.98 -14.18 16.90
CA SER B 155 -5.19 -13.27 17.75
C SER B 155 -4.60 -14.02 18.92
N ILE B 156 -3.32 -13.78 19.17
CA ILE B 156 -2.67 -14.26 20.39
C ILE B 156 -2.31 -13.02 21.21
N ILE B 157 -3.00 -12.88 22.35
CA ILE B 157 -2.88 -11.73 23.22
C ILE B 157 -1.95 -12.10 24.36
N VAL B 158 -0.84 -11.39 24.50
CA VAL B 158 0.16 -11.68 25.53
C VAL B 158 0.13 -10.56 26.57
N SER B 159 -0.25 -10.86 27.79
CA SER B 159 -0.48 -9.80 28.75
C SER B 159 0.47 -9.93 29.95
N GLY B 160 0.49 -8.91 30.80
CA GLY B 160 1.33 -8.97 31.97
C GLY B 160 1.95 -7.62 32.22
N GLU B 161 2.44 -7.40 33.44
CA GLU B 161 3.03 -6.11 33.76
C GLU B 161 4.43 -5.96 33.17
N SER B 162 4.97 -4.74 33.28
CA SER B 162 6.33 -4.50 32.79
C SER B 162 7.31 -5.55 33.34
N GLY B 163 8.08 -6.16 32.46
CA GLY B 163 9.10 -7.11 32.87
C GLY B 163 8.62 -8.56 32.93
N ALA B 164 7.35 -8.83 32.63
CA ALA B 164 6.77 -10.17 32.85
C ALA B 164 7.20 -11.20 31.82
N GLY B 165 7.49 -10.73 30.61
CA GLY B 165 7.91 -11.66 29.56
C GLY B 165 7.09 -11.59 28.30
N LYS B 166 6.33 -10.52 28.13
CA LYS B 166 5.50 -10.41 26.95
C LYS B 166 6.30 -10.37 25.62
N THR B 167 7.42 -9.65 25.61
CA THR B 167 8.19 -9.53 24.37
C THR B 167 8.88 -10.81 23.96
N GLU B 168 9.61 -11.44 24.88
CA GLU B 168 10.22 -12.76 24.64
C GLU B 168 9.22 -13.79 24.12
N ASN B 169 8.08 -13.90 24.80
CA ASN B 169 7.07 -14.84 24.36
C ASN B 169 6.49 -14.49 23.01
N THR B 170 6.27 -13.20 22.75
CA THR B 170 5.89 -12.76 21.39
C THR B 170 6.88 -13.25 20.29
N LYS B 171 8.17 -13.13 20.56
CA LYS B 171 9.17 -13.59 19.61
C LYS B 171 9.24 -15.12 19.53
N PHE B 172 9.00 -15.81 20.64
CA PHE B 172 8.90 -17.27 20.55
C PHE B 172 7.77 -17.67 19.59
N VAL B 173 6.61 -17.03 19.73
CA VAL B 173 5.47 -17.33 18.89
C VAL B 173 5.76 -17.12 17.41
N LEU B 174 6.32 -15.96 17.08
CA LEU B 174 6.57 -15.62 15.68
C LEU B 174 7.63 -16.55 15.07
N ARG B 175 8.61 -16.93 15.89
CA ARG B 175 9.64 -17.82 15.41
C ARG B 175 8.97 -19.15 15.08
N TYR B 176 8.15 -19.65 16.00
CA TYR B 176 7.45 -20.91 15.82
C TYR B 176 6.63 -20.94 14.52
N LEU B 177 5.78 -19.93 14.33
CA LEU B 177 4.91 -19.90 13.15
C LEU B 177 5.66 -19.82 11.81
N THR B 178 6.69 -18.98 11.74
CA THR B 178 7.39 -18.78 10.48
C THR B 178 8.25 -19.99 10.16
N GLU B 179 8.88 -20.54 11.19
CA GLU B 179 9.74 -21.69 11.00
C GLU B 179 8.89 -22.93 10.68
N SER B 180 7.70 -23.02 11.27
CA SER B 180 6.83 -24.17 11.12
C SER B 180 5.95 -24.11 9.88
N TYR B 181 5.35 -22.95 9.62
CA TYR B 181 4.28 -22.84 8.62
C TYR B 181 4.61 -21.87 7.52
N GLY B 182 5.89 -21.55 7.43
CA GLY B 182 6.34 -20.58 6.46
C GLY B 182 6.94 -21.24 5.25
N THR B 183 7.18 -20.43 4.24
CA THR B 183 7.70 -20.86 2.95
C THR B 183 9.01 -21.65 3.00
N GLY B 184 9.77 -21.49 4.09
CA GLY B 184 11.10 -22.06 4.18
C GLY B 184 12.13 -21.21 3.45
N GLN B 185 11.69 -20.05 2.96
CA GLN B 185 12.55 -19.10 2.24
C GLN B 185 12.83 -17.81 3.04
N ASP B 186 13.53 -16.86 2.40
CA ASP B 186 14.03 -15.66 3.08
C ASP B 186 13.00 -14.87 3.86
N ILE B 187 11.82 -14.68 3.28
CA ILE B 187 10.77 -13.87 3.92
C ILE B 187 10.43 -14.32 5.35
N ASP B 188 10.58 -15.62 5.60
CA ASP B 188 10.31 -16.20 6.91
C ASP B 188 11.20 -15.60 7.97
N ASP B 189 12.47 -15.42 7.60
CA ASP B 189 13.44 -14.90 8.52
C ASP B 189 13.22 -13.43 8.70
N ARG B 190 12.62 -12.81 7.68
CA ARG B 190 12.48 -11.37 7.72
C ARG B 190 11.48 -10.98 8.80
N ILE B 191 10.40 -11.73 8.92
CA ILE B 191 9.42 -11.47 9.97
C ILE B 191 10.05 -11.57 11.37
N VAL B 192 10.98 -12.52 11.55
CA VAL B 192 11.75 -12.68 12.79
C VAL B 192 12.85 -11.61 13.00
N GLU B 193 13.44 -11.11 11.92
CA GLU B 193 14.49 -10.11 12.10
C GLU B 193 13.93 -8.72 12.38
N ALA B 194 12.70 -8.48 11.97
CA ALA B 194 11.99 -7.24 12.27
C ALA B 194 12.06 -6.81 13.74
N ASN B 195 11.79 -7.74 14.65
CA ASN B 195 11.65 -7.38 16.06
C ASN B 195 12.93 -6.78 16.68
N PRO B 196 14.09 -7.44 16.49
CA PRO B 196 15.38 -6.86 16.85
C PRO B 196 15.50 -5.41 16.43
N LEU B 197 15.09 -5.15 15.21
CA LEU B 197 15.23 -3.83 14.62
C LEU B 197 14.37 -2.82 15.36
N LEU B 198 13.10 -3.16 15.59
CA LEU B 198 12.21 -2.25 16.30
C LEU B 198 12.64 -2.05 17.75
N GLU B 199 13.25 -3.08 18.34
CA GLU B 199 13.73 -2.97 19.71
C GLU B 199 14.83 -1.93 19.84
N ALA B 200 15.62 -1.78 18.79
CA ALA B 200 16.71 -0.82 18.82
C ALA B 200 16.15 0.59 18.95
N PHE B 201 15.06 0.88 18.25
CA PHE B 201 14.52 2.24 18.24
C PHE B 201 13.39 2.44 19.26
N GLY B 202 12.82 1.34 19.75
CA GLY B 202 11.62 1.40 20.57
C GLY B 202 11.68 0.84 21.99
N ASN B 203 12.77 0.13 22.31
CA ASN B 203 12.98 -0.38 23.65
C ASN B 203 14.04 0.42 24.40
N ALA B 204 13.95 0.43 25.72
CA ALA B 204 14.90 1.19 26.54
C ALA B 204 14.98 0.55 27.90
N LYS B 205 16.05 0.87 28.63
CA LYS B 205 16.22 0.42 30.00
C LYS B 205 15.36 1.28 30.91
N THR B 206 14.45 0.65 31.64
CA THR B 206 13.76 1.30 32.75
C THR B 206 14.15 0.54 34.02
N VAL B 207 13.76 1.05 35.18
CA VAL B 207 14.08 0.36 36.42
C VAL B 207 13.40 -1.01 36.49
N ARG B 208 12.28 -1.18 35.77
CA ARG B 208 11.54 -2.44 35.77
C ARG B 208 12.08 -3.46 34.78
N ASN B 209 12.60 -3.00 33.65
CA ASN B 209 12.99 -3.91 32.57
C ASN B 209 14.20 -3.33 31.84
N ASN B 210 15.27 -4.10 31.75
CA ASN B 210 16.45 -3.68 31.00
C ASN B 210 16.11 -3.48 29.53
N ASN B 211 15.15 -4.27 29.00
CA ASN B 211 14.74 -4.22 27.61
C ASN B 211 13.26 -3.87 27.48
N SER B 212 12.85 -2.80 28.14
CA SER B 212 11.44 -2.41 28.18
C SER B 212 10.89 -1.86 26.85
N SER B 213 9.79 -2.44 26.38
CA SER B 213 9.11 -1.88 25.22
C SER B 213 8.46 -0.56 25.54
N ARG B 214 8.77 0.48 24.80
CA ARG B 214 8.21 1.78 25.10
C ARG B 214 7.12 2.14 24.09
N PHE B 215 6.69 1.14 23.33
CA PHE B 215 5.61 1.28 22.36
C PHE B 215 4.87 -0.04 22.33
N GLY B 216 3.65 -0.04 21.80
CA GLY B 216 2.89 -1.26 21.64
C GLY B 216 2.91 -1.70 20.20
N LYS B 217 2.85 -3.01 19.97
CA LYS B 217 2.80 -3.50 18.60
C LYS B 217 1.85 -4.66 18.38
N PHE B 218 1.30 -4.73 17.18
CA PHE B 218 0.51 -5.88 16.75
C PHE B 218 1.16 -6.44 15.49
N VAL B 219 1.61 -7.69 15.56
CA VAL B 219 2.28 -8.31 14.44
C VAL B 219 1.43 -9.41 13.85
N GLU B 220 1.06 -9.23 12.59
CA GLU B 220 0.21 -10.18 11.89
C GLU B 220 1.03 -10.97 10.89
N ILE B 221 1.00 -12.29 10.97
CA ILE B 221 1.52 -13.12 9.89
C ILE B 221 0.32 -13.47 9.01
N HIS B 222 0.36 -13.08 7.73
CA HIS B 222 -0.76 -13.37 6.82
C HIS B 222 -0.58 -14.65 6.01
N PHE B 223 -1.67 -15.38 5.80
CA PHE B 223 -1.60 -16.64 5.05
C PHE B 223 -2.50 -16.62 3.83
N ASN B 224 -2.28 -17.55 2.91
CA ASN B 224 -3.21 -17.80 1.81
C ASN B 224 -4.18 -18.93 2.15
N GLU B 225 -5.04 -19.30 1.19
CA GLU B 225 -6.01 -20.38 1.39
C GLU B 225 -5.31 -21.71 1.67
N LYS B 226 -4.07 -21.83 1.20
CA LYS B 226 -3.26 -23.00 1.42
C LYS B 226 -2.68 -23.05 2.84
N SER B 227 -2.94 -22.01 3.63
CA SER B 227 -2.35 -21.84 4.98
C SER B 227 -0.81 -21.76 4.96
N SER B 228 -0.28 -21.06 3.96
CA SER B 228 1.14 -20.81 3.85
C SER B 228 1.37 -19.32 3.98
N VAL B 229 2.55 -18.95 4.49
CA VAL B 229 2.85 -17.56 4.81
C VAL B 229 3.18 -16.76 3.59
N VAL B 230 2.44 -15.68 3.41
CA VAL B 230 2.61 -14.81 2.27
C VAL B 230 3.32 -13.50 2.66
N GLY B 231 3.18 -13.12 3.93
CA GLY B 231 3.88 -11.95 4.44
C GLY B 231 3.36 -11.48 5.78
N GLY B 232 3.68 -10.25 6.15
CA GLY B 232 3.24 -9.74 7.42
C GLY B 232 2.97 -8.25 7.47
N PHE B 233 2.50 -7.80 8.63
CA PHE B 233 2.27 -6.39 8.83
C PHE B 233 2.37 -6.03 10.30
N VAL B 234 3.15 -4.99 10.58
CA VAL B 234 3.38 -4.54 11.94
C VAL B 234 2.70 -3.20 12.21
N SER B 235 1.77 -3.18 13.16
CA SER B 235 1.14 -1.93 13.62
C SER B 235 1.77 -1.48 14.93
N HIS B 236 2.05 -0.19 15.06
CA HIS B 236 2.67 0.31 16.26
C HIS B 236 1.83 1.38 16.91
N TYR B 237 1.92 1.45 18.24
CA TYR B 237 1.11 2.36 19.03
C TYR B 237 1.96 3.15 20.03
N LEU B 238 1.86 4.47 19.93
CA LEU B 238 2.36 5.43 20.92
C LEU B 238 3.75 5.19 21.50
N LEU B 239 4.79 5.53 20.73
CA LEU B 239 6.14 5.54 21.23
C LEU B 239 6.24 6.61 22.33
N GLU B 240 6.83 6.26 23.46
CA GLU B 240 7.01 7.21 24.54
C GLU B 240 7.98 8.32 24.08
N LYS B 241 7.57 9.59 24.22
CA LYS B 241 8.35 10.69 23.66
C LYS B 241 9.35 11.36 24.59
N SER B 242 9.03 11.44 25.87
CA SER B 242 9.85 12.21 26.78
C SER B 242 11.21 11.60 26.94
N ARG B 243 11.28 10.28 26.82
CA ARG B 243 12.50 9.52 26.94
C ARG B 243 13.54 9.94 25.90
N ILE B 244 13.07 10.50 24.79
CA ILE B 244 13.97 10.96 23.76
C ILE B 244 14.94 12.04 24.27
N CYS B 245 14.44 12.89 25.18
CA CYS B 245 15.18 14.05 25.70
C CYS B 245 15.72 13.93 27.10
N VAL B 246 15.04 13.19 27.97
CA VAL B 246 15.49 13.05 29.35
C VAL B 246 15.07 11.74 30.01
N GLN B 247 15.91 11.22 30.91
CA GLN B 247 15.62 10.00 31.65
C GLN B 247 16.05 10.17 33.11
N GLY B 248 15.47 9.35 33.99
CA GLY B 248 15.88 9.30 35.39
C GLY B 248 17.25 8.66 35.51
N LYS B 249 17.87 8.78 36.67
CA LYS B 249 19.27 8.42 36.82
C LYS B 249 19.59 6.93 36.58
N GLU B 250 18.58 6.07 36.65
CA GLU B 250 18.83 4.66 36.50
C GLU B 250 18.27 4.12 35.20
N GLU B 251 17.78 5.02 34.36
CA GLU B 251 17.20 4.63 33.08
C GLU B 251 18.07 5.10 31.92
N ARG B 252 17.77 4.61 30.72
CA ARG B 252 18.40 5.11 29.50
C ARG B 252 17.38 5.50 28.46
N ASN B 253 17.86 6.28 27.49
CA ASN B 253 17.18 6.52 26.24
C ASN B 253 17.08 5.21 25.44
N TYR B 254 16.46 5.26 24.28
CA TYR B 254 16.38 4.10 23.40
C TYR B 254 17.73 3.46 23.09
N HIS B 255 17.73 2.14 22.93
CA HIS B 255 18.95 1.34 22.80
C HIS B 255 19.82 1.85 21.66
N ILE B 256 19.18 2.36 20.62
CA ILE B 256 19.89 2.67 19.40
C ILE B 256 21.08 3.61 19.64
N PHE B 257 20.87 4.63 20.48
CA PHE B 257 21.90 5.58 20.86
C PHE B 257 23.12 4.91 21.46
N TYR B 258 22.90 3.91 22.31
CA TYR B 258 24.00 3.23 23.00
C TYR B 258 24.65 2.20 22.11
N ARG B 259 23.83 1.53 21.31
CA ARG B 259 24.35 0.56 20.36
C ARG B 259 25.29 1.24 19.37
N LEU B 260 24.86 2.38 18.86
CA LEU B 260 25.66 3.17 17.94
C LEU B 260 26.97 3.63 18.59
N CYS B 261 26.89 4.24 19.77
CA CYS B 261 28.11 4.70 20.42
C CYS B 261 29.11 3.58 20.74
N ALA B 262 28.59 2.44 21.18
CA ALA B 262 29.45 1.37 21.67
C ALA B 262 30.01 0.66 20.47
N GLY B 263 29.24 0.68 19.39
CA GLY B 263 29.48 -0.23 18.30
C GLY B 263 29.95 0.33 16.98
N ALA B 264 29.65 1.60 16.71
CA ALA B 264 30.00 2.16 15.42
C ALA B 264 31.51 2.12 15.17
N SER B 265 31.89 1.79 13.95
CA SER B 265 33.27 1.92 13.51
C SER B 265 33.73 3.36 13.68
N GLU B 266 35.04 3.53 13.76
CA GLU B 266 35.64 4.87 13.78
C GLU B 266 35.17 5.76 12.64
N ASP B 267 35.09 5.18 11.44
CA ASP B 267 34.59 5.92 10.29
C ASP B 267 33.20 6.50 10.56
N ILE B 268 32.30 5.69 11.11
CA ILE B 268 30.95 6.17 11.41
C ILE B 268 30.97 7.14 12.58
N ARG B 269 31.77 6.81 13.60
CA ARG B 269 31.90 7.72 14.73
C ARG B 269 32.26 9.11 14.22
N GLU B 270 33.29 9.18 13.36
CA GLU B 270 33.77 10.43 12.78
C GLU B 270 32.70 11.18 11.96
N ARG B 271 32.02 10.50 11.05
CA ARG B 271 31.05 11.17 10.19
C ARG B 271 29.88 11.76 10.99
N LEU B 272 29.58 11.14 12.13
CA LEU B 272 28.40 11.51 12.91
C LEU B 272 28.78 12.34 14.13
N HIS B 273 30.08 12.53 14.32
CA HIS B 273 30.63 13.29 15.44
C HIS B 273 30.15 12.70 16.78
N LEU B 274 30.30 11.39 16.94
CA LEU B 274 29.88 10.72 18.15
C LEU B 274 31.01 10.64 19.16
N SER B 275 30.65 10.51 20.43
CA SER B 275 31.61 10.33 21.49
C SER B 275 30.88 9.66 22.64
N SER B 276 31.52 9.57 23.79
CA SER B 276 30.96 8.83 24.90
C SER B 276 29.61 9.47 25.30
N PRO B 277 28.65 8.63 25.74
CA PRO B 277 27.28 9.08 26.05
C PRO B 277 27.20 10.27 27.00
N ASP B 278 28.17 10.39 27.91
CA ASP B 278 28.18 11.54 28.85
C ASP B 278 28.29 12.89 28.14
N ASN B 279 28.66 12.88 26.86
CA ASN B 279 28.82 14.13 26.13
C ASN B 279 27.54 14.70 25.55
N PHE B 280 26.39 14.09 25.89
CA PHE B 280 25.10 14.48 25.30
C PHE B 280 23.98 14.69 26.31
N ARG B 281 23.35 15.86 26.26
CA ARG B 281 22.26 16.18 27.19
C ARG B 281 21.18 15.10 27.12
N TYR B 282 20.95 14.57 25.93
CA TYR B 282 19.86 13.66 25.72
C TYR B 282 20.12 12.25 26.27
N LEU B 283 21.35 11.98 26.67
CA LEU B 283 21.71 10.75 27.36
C LEU B 283 22.22 10.96 28.78
N ASN B 284 22.85 12.10 29.05
CA ASN B 284 23.71 12.21 30.24
C ASN B 284 23.02 12.48 31.59
N ARG B 285 21.71 12.61 31.58
CA ARG B 285 20.97 12.71 32.82
C ARG B 285 20.52 11.32 33.22
N GLY B 286 20.57 10.40 32.27
CA GLY B 286 20.27 9.03 32.56
C GLY B 286 21.55 8.26 32.82
N CYS B 287 21.42 6.96 32.92
CA CYS B 287 22.56 6.10 33.12
C CYS B 287 23.37 5.97 31.82
N THR B 288 24.67 6.26 31.91
CA THR B 288 25.50 6.35 30.71
C THR B 288 26.32 5.08 30.44
N ARG B 289 26.06 4.03 31.19
CA ARG B 289 26.81 2.79 31.09
C ARG B 289 26.26 1.91 29.97
N TYR B 290 27.10 1.02 29.45
CA TYR B 290 26.68 0.04 28.47
C TYR B 290 26.41 -1.27 29.17
N PHE B 291 25.48 -2.04 28.60
CA PHE B 291 25.42 -3.46 28.84
C PHE B 291 26.60 -4.13 28.15
N ALA B 292 27.40 -4.83 28.93
CA ALA B 292 28.54 -5.55 28.38
C ALA B 292 28.99 -6.55 29.41
N ASN B 293 29.76 -7.53 28.95
CA ASN B 293 30.46 -8.42 29.86
C ASN B 293 31.97 -8.31 29.62
N LYS B 294 32.75 -9.14 30.34
CA LYS B 294 34.21 -9.07 30.31
C LYS B 294 34.73 -9.14 28.91
N GLU B 295 34.17 -10.07 28.15
CA GLU B 295 34.59 -10.22 26.77
C GLU B 295 34.20 -9.00 25.93
N THR B 296 32.92 -8.63 25.95
CA THR B 296 32.45 -7.57 25.04
C THR B 296 32.95 -6.17 25.39
N ASP B 297 33.22 -5.96 26.68
CA ASP B 297 33.83 -4.71 27.13
C ASP B 297 35.11 -4.40 26.33
N LYS B 298 35.89 -5.45 26.06
CA LYS B 298 37.16 -5.29 25.34
C LYS B 298 36.98 -4.88 23.88
N GLN B 299 35.77 -5.09 23.34
CA GLN B 299 35.52 -4.74 21.94
C GLN B 299 35.05 -3.30 21.76
N ILE B 300 34.65 -2.68 22.88
CA ILE B 300 34.26 -1.29 22.90
C ILE B 300 35.49 -0.36 23.08
N LEU B 301 35.75 0.51 22.09
CA LEU B 301 36.88 1.43 22.18
C LEU B 301 36.81 2.32 23.42
N GLN B 302 37.98 2.70 23.93
CA GLN B 302 38.08 3.53 25.12
C GLN B 302 37.42 4.88 24.97
N ASN B 303 37.41 5.39 23.75
CA ASN B 303 36.81 6.71 23.54
C ASN B 303 35.28 6.67 23.54
N ARG B 304 34.69 5.50 23.79
CA ARG B 304 33.24 5.39 23.85
C ARG B 304 32.76 5.31 25.28
N LYS B 305 33.70 5.17 26.22
CA LYS B 305 33.30 4.90 27.58
C LYS B 305 33.24 6.15 28.44
N SER B 306 32.08 6.36 29.06
CA SER B 306 31.82 7.50 29.92
C SER B 306 32.51 7.31 31.27
N PRO B 307 32.75 8.40 32.01
CA PRO B 307 33.36 8.27 33.34
C PRO B 307 32.62 7.29 34.22
N GLU B 308 31.30 7.40 34.29
CA GLU B 308 30.46 6.45 35.01
C GLU B 308 30.82 5.00 34.67
N TYR B 309 31.00 4.72 33.38
CA TYR B 309 31.30 3.35 32.96
C TYR B 309 32.66 2.89 33.50
N LEU B 310 33.65 3.78 33.37
CA LEU B 310 34.99 3.52 33.89
C LEU B 310 35.00 3.39 35.42
N LYS B 311 34.19 4.19 36.10
CA LYS B 311 34.10 4.07 37.57
C LYS B 311 33.38 2.80 38.03
N ALA B 312 32.14 2.57 37.56
CA ALA B 312 31.28 1.51 38.11
C ALA B 312 31.26 0.20 37.33
N GLY B 313 31.84 0.19 36.13
CA GLY B 313 31.83 -1.00 35.29
C GLY B 313 30.58 -1.07 34.43
N SER B 314 30.45 -2.13 33.64
CA SER B 314 29.32 -2.28 32.73
C SER B 314 28.02 -2.66 33.44
N LEU B 315 26.90 -2.50 32.75
CA LEU B 315 25.63 -3.05 33.24
C LEU B 315 25.61 -4.53 32.86
N LYS B 316 24.94 -5.35 33.68
CA LYS B 316 24.88 -6.79 33.49
C LYS B 316 23.50 -7.26 33.08
N ASP B 317 23.44 -8.14 32.09
CA ASP B 317 22.18 -8.67 31.63
C ASP B 317 22.46 -9.91 30.85
N PRO B 318 21.56 -10.91 30.95
CA PRO B 318 21.83 -12.18 30.27
C PRO B 318 21.46 -12.12 28.79
N LEU B 319 20.74 -11.09 28.39
CA LEU B 319 20.31 -10.95 27.00
C LEU B 319 20.99 -9.75 26.33
N LEU B 320 20.78 -8.56 26.88
CA LEU B 320 21.32 -7.32 26.35
C LEU B 320 22.85 -7.19 26.34
N ASP B 321 23.37 -6.66 25.24
CA ASP B 321 24.80 -6.34 25.06
C ASP B 321 24.92 -5.29 23.97
N ASP B 322 25.27 -4.06 24.37
CA ASP B 322 25.22 -2.93 23.45
C ASP B 322 26.12 -3.12 22.25
N HIS B 323 27.34 -3.60 22.47
CA HIS B 323 28.22 -3.82 21.34
C HIS B 323 27.75 -5.00 20.51
N GLY B 324 27.37 -6.11 21.16
CA GLY B 324 26.95 -7.27 20.39
C GLY B 324 25.63 -7.02 19.67
N ASP B 325 24.76 -6.21 20.29
CA ASP B 325 23.45 -5.92 19.71
C ASP B 325 23.58 -4.96 18.52
N PHE B 326 24.60 -4.12 18.53
CA PHE B 326 24.85 -3.28 17.38
C PHE B 326 25.16 -4.15 16.16
N ILE B 327 26.08 -5.10 16.33
CA ILE B 327 26.47 -6.00 15.26
C ILE B 327 25.25 -6.82 14.75
N ARG B 328 24.50 -7.42 15.67
CA ARG B 328 23.28 -8.15 15.29
C ARG B 328 22.24 -7.26 14.64
N MET B 329 22.12 -6.01 15.10
CA MET B 329 21.17 -5.09 14.49
C MET B 329 21.50 -4.79 13.00
N CYS B 330 22.77 -4.52 12.71
CA CYS B 330 23.23 -4.37 11.33
C CYS B 330 23.12 -5.65 10.49
N THR B 331 23.53 -6.78 11.04
CA THR B 331 23.32 -8.07 10.35
C THR B 331 21.86 -8.21 9.95
N ALA B 332 20.97 -7.88 10.88
CA ALA B 332 19.53 -7.93 10.68
C ALA B 332 19.04 -6.90 9.66
N MET B 333 19.67 -5.73 9.63
CA MET B 333 19.28 -4.72 8.66
C MET B 333 19.61 -5.19 7.24
N LYS B 334 20.70 -5.93 7.09
CA LYS B 334 21.10 -6.44 5.77
C LYS B 334 20.17 -7.57 5.32
N LYS B 335 19.73 -8.39 6.27
CA LYS B 335 18.83 -9.50 5.97
C LYS B 335 17.48 -9.04 5.46
N ILE B 336 16.88 -8.08 6.12
CA ILE B 336 15.62 -7.56 5.61
C ILE B 336 15.82 -6.69 4.37
N GLY B 337 17.08 -6.35 4.07
CA GLY B 337 17.43 -5.72 2.81
C GLY B 337 17.73 -4.24 2.79
N LEU B 338 18.20 -3.67 3.90
CA LEU B 338 18.67 -2.30 3.88
C LEU B 338 20.10 -2.35 3.43
N ASP B 339 20.47 -1.42 2.55
CA ASP B 339 21.85 -1.31 2.14
C ASP B 339 22.53 -0.32 3.08
N ASP B 340 23.85 -0.23 2.98
CA ASP B 340 24.63 0.64 3.87
C ASP B 340 24.21 2.11 3.88
N GLU B 341 23.65 2.61 2.77
CA GLU B 341 23.20 4.00 2.70
C GLU B 341 21.92 4.25 3.49
N GLU B 342 20.94 3.36 3.34
CA GLU B 342 19.73 3.43 4.14
C GLU B 342 20.15 3.36 5.61
N LYS B 343 21.16 2.54 5.88
CA LYS B 343 21.59 2.28 7.24
C LYS B 343 22.23 3.53 7.82
N LEU B 344 23.16 4.13 7.07
CA LEU B 344 23.80 5.37 7.51
C LEU B 344 22.80 6.53 7.59
N ASP B 345 21.80 6.52 6.72
CA ASP B 345 20.70 7.48 6.79
C ASP B 345 19.98 7.47 8.14
N LEU B 346 19.67 6.28 8.65
CA LEU B 346 19.04 6.13 9.97
C LEU B 346 19.97 6.69 11.05
N PHE B 347 21.23 6.24 11.04
CA PHE B 347 22.22 6.67 12.01
C PHE B 347 22.44 8.19 12.03
N ARG B 348 22.30 8.81 10.85
CA ARG B 348 22.52 10.24 10.68
C ARG B 348 21.45 10.98 11.46
N VAL B 349 20.19 10.62 11.24
CA VAL B 349 19.12 11.22 12.00
C VAL B 349 19.27 11.05 13.52
N VAL B 350 19.69 9.86 13.96
CA VAL B 350 19.93 9.62 15.39
C VAL B 350 21.01 10.57 15.95
N ALA B 351 22.13 10.66 15.25
CA ALA B 351 23.24 11.56 15.64
C ALA B 351 22.79 13.01 15.61
N GLY B 352 22.05 13.38 14.58
CA GLY B 352 21.49 14.72 14.47
C GLY B 352 20.61 15.10 15.66
N VAL B 353 19.72 14.18 16.05
CA VAL B 353 18.90 14.40 17.24
C VAL B 353 19.80 14.61 18.47
N LEU B 354 20.83 13.80 18.61
CA LEU B 354 21.74 13.97 19.76
C LEU B 354 22.41 15.35 19.81
N HIS B 355 22.94 15.82 18.69
CA HIS B 355 23.59 17.12 18.63
C HIS B 355 22.58 18.25 18.81
N LEU B 356 21.39 18.07 18.27
CA LEU B 356 20.29 19.01 18.52
C LEU B 356 20.16 19.32 20.01
N GLY B 357 20.31 18.29 20.84
CA GLY B 357 20.11 18.42 22.28
C GLY B 357 21.24 19.14 23.00
N ASN B 358 22.38 19.23 22.32
CA ASN B 358 23.55 19.89 22.91
C ASN B 358 23.54 21.42 22.71
N ILE B 359 22.56 21.90 21.96
CA ILE B 359 22.36 23.33 21.77
C ILE B 359 21.84 23.99 23.05
N ASP B 360 22.66 24.84 23.64
CA ASP B 360 22.31 25.55 24.88
C ASP B 360 21.89 26.99 24.65
N PHE B 361 21.18 27.57 25.62
CA PHE B 361 20.72 28.95 25.47
C PHE B 361 21.05 29.81 26.69
N GLU B 362 21.10 31.13 26.47
CA GLU B 362 21.47 32.09 27.52
C GLU B 362 20.72 33.41 27.34
N GLU B 363 20.44 34.08 28.46
CA GLU B 363 19.66 35.32 28.51
C GLU B 363 19.94 36.33 27.40
N GLY B 370 15.26 38.49 25.20
CA GLY B 370 15.15 37.07 24.90
C GLY B 370 16.41 36.28 25.20
N CYS B 371 16.76 35.36 24.31
CA CYS B 371 17.94 34.51 24.52
C CYS B 371 18.81 34.35 23.26
N ASN B 372 20.04 33.85 23.46
CA ASN B 372 20.93 33.49 22.36
C ASN B 372 21.53 32.11 22.62
N LEU B 373 22.07 31.45 21.60
CA LEU B 373 22.82 30.22 21.83
C LEU B 373 24.09 30.62 22.54
N LYS B 374 24.47 29.86 23.56
CA LYS B 374 25.77 30.08 24.16
C LYS B 374 26.79 29.76 23.08
N ASN B 375 27.87 30.53 23.01
CA ASN B 375 28.83 30.41 21.91
C ASN B 375 29.49 29.03 21.89
N LYS B 376 29.60 28.41 23.06
CA LYS B 376 30.16 27.07 23.17
C LYS B 376 29.29 26.03 22.45
N SER B 377 28.02 26.35 22.23
CA SER B 377 27.07 25.44 21.55
C SER B 377 27.11 25.57 20.03
N THR B 378 28.05 26.34 19.50
CA THR B 378 28.10 26.55 18.06
C THR B 378 28.52 25.28 17.32
N GLN B 379 29.48 24.55 17.88
CA GLN B 379 29.82 23.23 17.33
C GLN B 379 28.59 22.29 17.22
N ALA B 380 27.80 22.19 18.29
CA ALA B 380 26.58 21.36 18.28
C ALA B 380 25.63 21.75 17.16
N LEU B 381 25.37 23.06 17.05
CA LEU B 381 24.54 23.64 16.02
C LEU B 381 25.01 23.30 14.60
N GLU B 382 26.30 23.36 14.35
CA GLU B 382 26.84 23.00 13.05
C GLU B 382 26.59 21.52 12.74
N TYR B 383 27.02 20.63 13.63
CA TYR B 383 26.84 19.20 13.44
C TYR B 383 25.37 18.86 13.26
N CYS B 384 24.53 19.46 14.09
CA CYS B 384 23.11 19.20 13.99
C CYS B 384 22.59 19.62 12.62
N ALA B 385 22.91 20.85 12.24
CA ALA B 385 22.45 21.37 10.95
C ALA B 385 22.99 20.55 9.78
N GLU B 386 24.24 20.11 9.88
CA GLU B 386 24.84 19.29 8.82
C GLU B 386 24.12 17.95 8.71
N LEU B 387 24.01 17.22 9.82
CA LEU B 387 23.39 15.90 9.80
C LEU B 387 21.92 15.99 9.42
N LEU B 388 21.27 17.09 9.79
CA LEU B 388 19.85 17.21 9.52
C LEU B 388 19.56 17.97 8.22
N GLY B 389 20.61 18.31 7.48
CA GLY B 389 20.46 19.01 6.20
C GLY B 389 19.79 20.37 6.31
N LEU B 390 20.07 21.08 7.39
CA LEU B 390 19.43 22.36 7.63
C LEU B 390 20.47 23.46 7.53
N ASP B 391 20.02 24.69 7.39
CA ASP B 391 20.92 25.83 7.47
C ASP B 391 21.05 26.26 8.92
N GLN B 392 22.30 26.43 9.36
CA GLN B 392 22.62 26.86 10.72
C GLN B 392 21.72 27.97 11.20
N ASP B 393 21.53 28.97 10.35
CA ASP B 393 20.91 30.21 10.79
C ASP B 393 19.41 30.08 10.95
N ASP B 394 18.75 29.37 10.05
CA ASP B 394 17.31 29.10 10.22
C ASP B 394 17.07 28.30 11.49
N LEU B 395 17.91 27.29 11.72
CA LEU B 395 17.78 26.47 12.90
C LEU B 395 17.89 27.35 14.14
N ARG B 396 18.89 28.21 14.19
CA ARG B 396 19.11 29.09 15.34
C ARG B 396 17.94 30.06 15.53
N VAL B 397 17.45 30.59 14.42
CA VAL B 397 16.33 31.52 14.46
C VAL B 397 15.04 30.82 14.91
N SER B 398 14.82 29.60 14.41
CA SER B 398 13.63 28.85 14.79
C SER B 398 13.61 28.44 16.26
N LEU B 399 14.79 28.27 16.82
CA LEU B 399 14.90 27.86 18.23
C LEU B 399 14.87 29.02 19.23
N THR B 400 15.04 30.25 18.76
CA THR B 400 15.20 31.40 19.66
C THR B 400 14.10 32.45 19.55
N THR B 401 13.24 32.31 18.55
CA THR B 401 12.21 33.29 18.27
C THR B 401 10.94 32.60 17.83
N ARG B 402 9.80 33.22 18.11
CA ARG B 402 8.52 32.69 17.61
C ARG B 402 7.70 33.80 16.93
N VAL B 403 6.40 33.56 16.76
CA VAL B 403 5.53 34.54 16.13
C VAL B 403 4.22 34.74 16.91
N VAL B 418 10.10 38.16 17.59
CA VAL B 418 9.54 37.82 18.90
C VAL B 418 10.46 36.85 19.68
N PRO B 419 11.48 37.40 20.34
CA PRO B 419 12.45 36.58 21.10
C PRO B 419 11.79 35.69 22.15
N LEU B 420 12.36 34.50 22.34
CA LEU B 420 11.86 33.55 23.33
C LEU B 420 12.84 33.50 24.52
N LYS B 421 12.33 33.26 25.72
CA LYS B 421 13.21 33.11 26.87
C LYS B 421 13.83 31.71 26.83
N VAL B 422 14.89 31.54 27.62
CA VAL B 422 15.65 30.30 27.58
C VAL B 422 14.78 29.05 27.64
N GLU B 423 13.93 28.97 28.67
CA GLU B 423 12.97 27.86 28.83
C GLU B 423 12.19 27.57 27.56
N GLN B 424 11.78 28.63 26.87
CA GLN B 424 10.96 28.49 25.68
C GLN B 424 11.77 27.92 24.53
N ALA B 425 13.05 28.32 24.46
CA ALA B 425 13.93 27.84 23.43
C ALA B 425 14.21 26.36 23.68
N ASN B 426 14.47 26.01 24.94
CA ASN B 426 14.64 24.63 25.38
C ASN B 426 13.50 23.72 24.95
N ASN B 427 12.28 24.21 25.11
CA ASN B 427 11.07 23.49 24.71
C ASN B 427 10.96 23.34 23.22
N ALA B 428 11.41 24.35 22.48
CA ALA B 428 11.41 24.28 21.02
C ALA B 428 12.44 23.26 20.55
N ARG B 429 13.62 23.27 21.15
CA ARG B 429 14.68 22.33 20.81
C ARG B 429 14.19 20.91 21.01
N ASP B 430 13.67 20.64 22.21
CA ASP B 430 13.21 19.30 22.59
C ASP B 430 12.04 18.85 21.74
N ALA B 431 11.15 19.78 21.39
CA ALA B 431 9.95 19.43 20.65
C ALA B 431 10.30 18.95 19.25
N LEU B 432 11.34 19.58 18.70
CA LEU B 432 11.85 19.23 17.39
C LEU B 432 12.52 17.86 17.40
N ALA B 433 13.40 17.66 18.38
CA ALA B 433 13.99 16.34 18.65
C ALA B 433 12.91 15.23 18.70
N LYS B 434 11.87 15.45 19.51
CA LYS B 434 10.86 14.41 19.72
C LYS B 434 10.12 14.07 18.43
N THR B 435 9.76 15.08 17.66
CA THR B 435 9.04 14.85 16.42
C THR B 435 9.95 14.15 15.41
N VAL B 436 11.20 14.57 15.34
CA VAL B 436 12.12 13.99 14.37
C VAL B 436 12.35 12.52 14.64
N TYR B 437 12.67 12.20 15.89
CA TYR B 437 12.90 10.80 16.25
C TYR B 437 11.64 9.96 16.05
N SER B 438 10.51 10.53 16.41
CA SER B 438 9.23 9.82 16.31
C SER B 438 8.96 9.45 14.86
N HIS B 439 9.24 10.39 13.97
CA HIS B 439 9.00 10.20 12.54
C HIS B 439 10.00 9.19 11.98
N LEU B 440 11.22 9.22 12.51
CA LEU B 440 12.19 8.19 12.20
C LEU B 440 11.65 6.80 12.57
N PHE B 441 11.03 6.70 13.76
CA PHE B 441 10.53 5.42 14.24
C PHE B 441 9.42 4.95 13.32
N ASP B 442 8.50 5.86 12.99
CA ASP B 442 7.45 5.55 12.01
C ASP B 442 8.02 4.96 10.72
N HIS B 443 9.05 5.60 10.19
CA HIS B 443 9.72 5.16 8.98
C HIS B 443 10.32 3.77 9.15
N VAL B 444 11.07 3.57 10.23
CA VAL B 444 11.56 2.24 10.56
C VAL B 444 10.46 1.16 10.53
N VAL B 445 9.33 1.41 11.19
CA VAL B 445 8.25 0.42 11.17
C VAL B 445 7.73 0.16 9.74
N ASN B 446 7.44 1.23 9.02
CA ASN B 446 7.05 1.17 7.61
C ASN B 446 8.07 0.47 6.73
N ARG B 447 9.33 0.85 6.87
CA ARG B 447 10.42 0.17 6.19
C ARG B 447 10.38 -1.32 6.45
N VAL B 448 10.06 -1.71 7.69
CA VAL B 448 9.99 -3.11 8.04
C VAL B 448 8.82 -3.77 7.32
N ASN B 449 7.67 -3.09 7.28
CA ASN B 449 6.52 -3.62 6.60
C ASN B 449 6.78 -3.79 5.08
N GLN B 450 7.65 -2.95 4.54
CA GLN B 450 7.95 -3.01 3.10
C GLN B 450 8.82 -4.24 2.72
N CYS B 451 9.43 -4.90 3.70
CA CYS B 451 10.29 -6.02 3.37
C CYS B 451 9.55 -7.36 3.35
N PHE B 452 8.29 -7.34 3.79
CA PHE B 452 7.45 -8.54 3.72
C PHE B 452 5.98 -8.28 3.33
N PRO B 453 5.75 -7.44 2.30
CA PRO B 453 4.37 -7.07 1.98
C PRO B 453 3.68 -8.19 1.21
N PHE B 454 2.37 -8.07 1.05
CA PHE B 454 1.61 -9.11 0.42
C PHE B 454 0.46 -8.54 -0.41
N GLU B 455 0.23 -9.17 -1.55
CA GLU B 455 -0.84 -8.76 -2.46
C GLU B 455 -2.20 -9.01 -1.84
N THR B 456 -2.41 -10.24 -1.37
CA THR B 456 -3.65 -10.59 -0.69
C THR B 456 -3.47 -11.76 0.29
N SER B 457 -4.45 -11.97 1.17
CA SER B 457 -4.38 -13.06 2.13
C SER B 457 -5.78 -13.57 2.50
N SER B 458 -5.85 -14.84 2.90
CA SER B 458 -7.12 -15.41 3.34
C SER B 458 -7.38 -15.10 4.82
N TYR B 459 -6.31 -15.15 5.60
CA TYR B 459 -6.40 -14.83 7.02
C TYR B 459 -5.03 -14.57 7.63
N PHE B 460 -5.04 -14.18 8.90
CA PHE B 460 -3.81 -13.89 9.62
C PHE B 460 -3.79 -14.44 11.04
N ILE B 461 -2.59 -14.50 11.60
CA ILE B 461 -2.43 -14.72 13.02
C ILE B 461 -1.67 -13.53 13.62
N GLY B 462 -2.35 -12.76 14.46
CA GLY B 462 -1.74 -11.56 15.01
C GLY B 462 -1.29 -11.78 16.44
N VAL B 463 -0.09 -11.29 16.77
CA VAL B 463 0.39 -11.32 18.15
C VAL B 463 0.39 -9.90 18.72
N LEU B 464 -0.32 -9.70 19.83
CA LEU B 464 -0.35 -8.41 20.52
C LEU B 464 0.70 -8.38 21.63
N ASP B 465 1.66 -7.46 21.50
CA ASP B 465 2.69 -7.20 22.51
C ASP B 465 2.67 -5.70 22.89
N ILE B 466 1.88 -5.33 23.90
CA ILE B 466 1.79 -3.95 24.34
C ILE B 466 2.85 -3.68 25.39
N ALA B 467 3.07 -2.41 25.70
CA ALA B 467 3.86 -2.02 26.87
C ALA B 467 3.07 -2.32 28.15
N GLY B 468 3.67 -3.01 29.11
CA GLY B 468 2.89 -3.52 30.22
C GLY B 468 2.72 -2.57 31.39
N PHE B 469 1.73 -2.87 32.25
CA PHE B 469 1.42 -2.09 33.43
C PHE B 469 2.68 -1.74 34.24
N GLU B 470 2.87 -0.46 34.54
CA GLU B 470 4.07 -0.04 35.27
C GLU B 470 3.74 1.18 36.14
N TYR B 471 4.47 1.33 37.24
CA TYR B 471 4.37 2.52 38.07
C TYR B 471 5.72 2.74 38.71
N PHE B 472 6.01 3.98 39.06
CA PHE B 472 7.27 4.34 39.72
C PHE B 472 7.00 5.34 40.82
N GLU B 473 8.07 5.92 41.36
CA GLU B 473 7.92 6.90 42.42
C GLU B 473 7.14 8.08 41.93
N HIS B 474 7.41 8.46 40.70
CA HIS B 474 6.73 9.57 40.07
C HIS B 474 6.12 9.05 38.80
N ASN B 475 4.82 9.22 38.68
CA ASN B 475 4.12 8.72 37.52
C ASN B 475 3.54 9.85 36.74
N SER B 476 3.64 9.75 35.43
CA SER B 476 3.29 10.87 34.59
C SER B 476 2.43 10.41 33.42
N PHE B 477 2.32 11.27 32.40
CA PHE B 477 1.45 11.01 31.27
C PHE B 477 1.83 9.73 30.53
N GLU B 478 3.12 9.47 30.41
CA GLU B 478 3.60 8.23 29.80
C GLU B 478 2.99 7.00 30.50
N GLN B 479 3.01 7.00 31.84
CA GLN B 479 2.54 5.85 32.60
C GLN B 479 1.04 5.79 32.49
N PHE B 480 0.40 6.96 32.46
CA PHE B 480 -1.06 7.02 32.29
C PHE B 480 -1.50 6.39 30.98
N CYS B 481 -0.83 6.71 29.87
CA CYS B 481 -1.23 6.13 28.57
C CYS B 481 -0.95 4.64 28.52
N ILE B 482 0.25 4.22 28.96
CA ILE B 482 0.56 2.79 29.02
C ILE B 482 -0.46 1.99 29.85
N ASN B 483 -0.75 2.46 31.06
CA ASN B 483 -1.65 1.76 31.98
C ASN B 483 -3.09 1.78 31.50
N TYR B 484 -3.50 2.85 30.80
CA TYR B 484 -4.80 2.88 30.16
C TYR B 484 -4.90 1.78 29.10
N CYS B 485 -3.84 1.61 28.34
CA CYS B 485 -3.85 0.61 27.29
C CYS B 485 -3.95 -0.79 27.91
N ASN B 486 -3.30 -1.01 29.05
CA ASN B 486 -3.42 -2.28 29.75
C ASN B 486 -4.84 -2.56 30.27
N GLU B 487 -5.56 -1.52 30.66
CA GLU B 487 -6.96 -1.66 31.10
C GLU B 487 -7.81 -2.18 29.96
N LYS B 488 -7.64 -1.58 28.79
CA LYS B 488 -8.45 -1.95 27.64
C LYS B 488 -8.27 -3.41 27.33
N LEU B 489 -7.01 -3.86 27.37
CA LEU B 489 -6.68 -5.22 27.04
C LEU B 489 -7.29 -6.17 28.04
N GLN B 490 -7.21 -5.81 29.31
CA GLN B 490 -7.75 -6.65 30.36
C GLN B 490 -9.29 -6.69 30.29
N GLN B 491 -9.91 -5.59 29.87
CA GLN B 491 -11.37 -5.59 29.67
C GLN B 491 -11.74 -6.55 28.54
N PHE B 492 -10.90 -6.62 27.52
CA PHE B 492 -11.12 -7.56 26.44
C PHE B 492 -11.00 -8.99 26.92
N PHE B 493 -10.04 -9.25 27.81
CA PHE B 493 -9.92 -10.58 28.37
C PHE B 493 -11.22 -10.90 29.14
N ASN B 494 -11.66 -9.97 29.97
CA ASN B 494 -12.87 -10.15 30.77
C ASN B 494 -14.07 -10.41 29.89
N GLU B 495 -14.17 -9.63 28.83
CA GLU B 495 -15.30 -9.73 27.92
C GLU B 495 -15.32 -11.09 27.23
N ARG B 496 -14.18 -11.49 26.69
CA ARG B 496 -14.14 -12.68 25.85
C ARG B 496 -14.18 -13.97 26.68
N ILE B 497 -13.47 -13.98 27.80
CA ILE B 497 -13.31 -15.20 28.57
C ILE B 497 -14.26 -15.31 29.76
N LEU B 498 -14.53 -14.21 30.44
CA LEU B 498 -15.36 -14.28 31.62
C LEU B 498 -16.83 -13.96 31.35
N LYS B 499 -17.10 -13.03 30.43
CA LYS B 499 -18.49 -12.66 30.14
C LYS B 499 -19.11 -13.47 29.00
N GLU B 500 -18.49 -13.48 27.83
CA GLU B 500 -19.09 -14.19 26.70
C GLU B 500 -19.18 -15.69 26.95
N GLU B 501 -18.15 -16.25 27.57
CA GLU B 501 -18.14 -17.67 27.88
C GLU B 501 -19.36 -18.02 28.74
N GLN B 502 -19.66 -17.18 29.73
CA GLN B 502 -20.80 -17.47 30.60
C GLN B 502 -22.14 -17.21 29.91
N GLU B 503 -22.16 -16.33 28.92
CA GLU B 503 -23.39 -16.07 28.21
C GLU B 503 -23.69 -17.19 27.22
N LEU B 504 -22.64 -17.90 26.81
CA LEU B 504 -22.78 -19.02 25.90
C LEU B 504 -23.31 -20.23 26.68
N TYR B 505 -22.89 -20.37 27.93
CA TYR B 505 -23.37 -21.45 28.77
C TYR B 505 -24.86 -21.27 29.11
N GLN B 506 -25.24 -20.03 29.41
CA GLN B 506 -26.65 -19.68 29.65
C GLN B 506 -27.51 -19.98 28.42
N LYS B 507 -27.14 -19.42 27.27
CA LYS B 507 -27.91 -19.59 26.03
C LYS B 507 -28.05 -21.06 25.63
N GLU B 508 -27.09 -21.90 26.02
CA GLU B 508 -27.09 -23.30 25.62
C GLU B 508 -27.68 -24.25 26.67
N GLY B 509 -28.13 -23.70 27.79
CA GLY B 509 -28.78 -24.46 28.83
C GLY B 509 -27.92 -25.50 29.54
N LEU B 510 -26.61 -25.25 29.59
CA LEU B 510 -25.68 -26.17 30.24
C LEU B 510 -25.73 -26.07 31.77
N GLY B 511 -26.34 -24.99 32.26
CA GLY B 511 -26.42 -24.73 33.68
C GLY B 511 -25.12 -24.67 34.48
N VAL B 512 -24.07 -24.07 33.90
CA VAL B 512 -22.80 -23.92 34.62
C VAL B 512 -22.96 -22.91 35.75
N ASN B 513 -22.41 -23.21 36.92
CA ASN B 513 -22.41 -22.23 38.00
C ASN B 513 -21.79 -20.88 37.56
N GLU B 514 -22.56 -19.81 37.72
CA GLU B 514 -22.12 -18.48 37.35
C GLU B 514 -20.96 -18.02 38.24
N VAL B 515 -19.93 -17.46 37.62
CA VAL B 515 -18.82 -16.93 38.38
C VAL B 515 -18.86 -15.40 38.30
N HIS B 516 -18.74 -14.77 39.47
CA HIS B 516 -18.78 -13.32 39.56
C HIS B 516 -17.38 -12.76 39.70
N TYR B 517 -17.10 -11.69 38.97
CA TYR B 517 -15.77 -11.08 38.96
C TYR B 517 -15.89 -9.56 39.02
N VAL B 518 -14.83 -8.91 39.49
CA VAL B 518 -14.78 -7.44 39.46
C VAL B 518 -14.33 -6.98 38.07
N ASP B 519 -15.25 -6.31 37.39
CA ASP B 519 -15.03 -5.85 36.03
C ASP B 519 -14.44 -4.45 36.08
N ASN B 520 -13.88 -3.99 34.97
CA ASN B 520 -13.10 -2.76 35.00
C ASN B 520 -13.57 -1.75 33.97
N GLN B 521 -14.73 -2.00 33.36
CA GLN B 521 -15.30 -1.05 32.40
C GLN B 521 -15.48 0.35 33.00
N ASP B 522 -15.79 0.45 34.29
CA ASP B 522 -15.83 1.77 34.90
C ASP B 522 -14.47 2.48 34.83
N CYS B 523 -13.37 1.76 35.00
CA CYS B 523 -12.05 2.41 34.86
C CYS B 523 -11.86 2.99 33.46
N ILE B 524 -12.30 2.25 32.46
CA ILE B 524 -12.25 2.68 31.06
C ILE B 524 -13.16 3.88 30.77
N ASP B 525 -14.36 3.86 31.34
CA ASP B 525 -15.32 4.95 31.21
C ASP B 525 -14.81 6.24 31.82
N LEU B 526 -14.17 6.15 32.97
CA LEU B 526 -13.57 7.31 33.62
C LEU B 526 -12.56 8.02 32.70
N ILE B 527 -11.96 7.26 31.78
CA ILE B 527 -10.89 7.76 30.92
C ILE B 527 -11.42 8.15 29.54
N GLU B 528 -12.33 7.33 29.02
CA GLU B 528 -12.76 7.41 27.62
C GLU B 528 -14.03 8.21 27.37
N ALA B 529 -14.84 8.40 28.40
CA ALA B 529 -16.17 8.99 28.23
C ALA B 529 -16.08 10.29 27.46
N ARG B 530 -17.05 10.53 26.58
CA ARG B 530 -17.08 11.76 25.80
C ARG B 530 -17.37 12.91 26.75
N LEU B 531 -16.70 14.04 26.50
CA LEU B 531 -16.89 15.27 27.26
C LEU B 531 -16.37 15.24 28.68
N VAL B 532 -16.69 14.21 29.44
CA VAL B 532 -16.37 14.18 30.88
C VAL B 532 -15.26 13.19 31.26
N GLY B 533 -14.92 12.27 30.38
CA GLY B 533 -13.78 11.39 30.59
C GLY B 533 -12.47 12.18 30.60
N ILE B 534 -11.45 11.62 31.23
CA ILE B 534 -10.19 12.33 31.42
C ILE B 534 -9.54 12.78 30.09
N LEU B 535 -9.54 11.92 29.07
CA LEU B 535 -9.01 12.30 27.77
C LEU B 535 -9.68 13.57 27.21
N ASP B 536 -11.01 13.65 27.30
CA ASP B 536 -11.72 14.81 26.75
C ASP B 536 -11.51 16.09 27.57
N ILE B 537 -11.47 15.93 28.89
CA ILE B 537 -11.17 17.03 29.80
C ILE B 537 -9.77 17.60 29.54
N LEU B 538 -8.79 16.73 29.37
CA LEU B 538 -7.46 17.16 28.99
C LEU B 538 -7.47 17.93 27.66
N ASP B 539 -8.13 17.40 26.63
CA ASP B 539 -8.25 18.06 25.32
C ASP B 539 -8.83 19.48 25.43
N GLU B 540 -9.99 19.59 26.08
CA GLU B 540 -10.63 20.86 26.38
C GLU B 540 -9.63 21.86 26.97
N GLU B 541 -8.74 21.36 27.81
CA GLU B 541 -7.75 22.22 28.48
C GLU B 541 -6.72 22.76 27.51
N ASN B 542 -6.33 21.94 26.53
CA ASN B 542 -5.38 22.37 25.49
C ASN B 542 -5.92 23.54 24.68
N ARG B 543 -7.26 23.60 24.54
CA ARG B 543 -7.92 24.63 23.71
C ARG B 543 -8.32 25.91 24.46
N LEU B 544 -8.34 25.87 25.79
CA LEU B 544 -8.61 27.04 26.61
C LEU B 544 -7.56 28.16 26.38
N PRO B 545 -7.95 29.42 26.70
CA PRO B 545 -7.07 30.59 26.54
C PRO B 545 -5.70 30.44 27.19
N GLN B 546 -5.69 30.03 28.46
CA GLN B 546 -4.43 29.79 29.17
C GLN B 546 -4.46 28.39 29.80
N PRO B 547 -3.98 27.38 29.06
CA PRO B 547 -4.07 26.01 29.55
C PRO B 547 -3.32 25.82 30.86
N SER B 548 -3.98 25.23 31.85
CA SER B 548 -3.33 24.96 33.12
C SER B 548 -3.45 23.50 33.52
N ASP B 549 -2.33 22.89 33.95
CA ASP B 549 -2.37 21.53 34.51
C ASP B 549 -3.28 21.46 35.73
N GLN B 550 -3.17 22.49 36.58
CA GLN B 550 -3.96 22.56 37.81
C GLN B 550 -5.45 22.60 37.50
N HIS B 551 -5.81 23.34 36.45
CA HIS B 551 -7.20 23.54 36.05
C HIS B 551 -7.80 22.28 35.44
N PHE B 552 -6.99 21.57 34.65
CA PHE B 552 -7.35 20.26 34.15
C PHE B 552 -7.59 19.25 35.29
N THR B 553 -6.72 19.26 36.29
CA THR B 553 -6.81 18.29 37.38
C THR B 553 -8.04 18.55 38.25
N SER B 554 -8.31 19.83 38.54
CA SER B 554 -9.47 20.21 39.36
C SER B 554 -10.77 19.85 38.69
N ALA B 555 -10.81 20.02 37.37
CA ALA B 555 -11.98 19.60 36.59
C ALA B 555 -12.17 18.07 36.65
N VAL B 556 -11.08 17.32 36.60
CA VAL B 556 -11.18 15.86 36.60
C VAL B 556 -11.81 15.43 37.92
N HIS B 557 -11.32 15.99 39.01
CA HIS B 557 -11.86 15.73 40.34
C HIS B 557 -13.34 16.16 40.50
N GLN B 558 -13.67 17.36 40.04
CA GLN B 558 -15.01 17.91 40.20
C GLN B 558 -16.04 17.15 39.38
N LYS B 559 -15.67 16.75 38.17
CA LYS B 559 -16.58 16.06 37.28
C LYS B 559 -16.71 14.57 37.59
N HIS B 560 -15.91 14.06 38.54
CA HIS B 560 -15.99 12.65 38.99
C HIS B 560 -15.94 12.49 40.51
N LYS B 561 -16.67 13.37 41.21
CA LYS B 561 -16.76 13.30 42.67
C LYS B 561 -17.23 11.92 43.08
N ASP B 562 -16.52 11.28 44.01
CA ASP B 562 -16.87 9.95 44.54
C ASP B 562 -16.76 8.73 43.60
N HIS B 563 -16.34 8.95 42.36
CA HIS B 563 -16.16 7.85 41.43
C HIS B 563 -15.24 6.78 42.04
N PHE B 564 -15.68 5.53 41.94
CA PHE B 564 -14.98 4.41 42.55
C PHE B 564 -13.54 4.26 42.06
N ARG B 565 -13.29 4.62 40.79
CA ARG B 565 -12.00 4.45 40.15
C ARG B 565 -11.04 5.64 40.27
N LEU B 566 -11.49 6.75 40.89
CA LEU B 566 -10.68 7.97 40.98
C LEU B 566 -10.49 8.43 42.42
N SER B 567 -9.27 8.84 42.77
CA SER B 567 -9.06 9.46 44.08
C SER B 567 -8.01 10.56 44.05
N ILE B 568 -7.89 11.30 45.15
CA ILE B 568 -6.91 12.37 45.26
C ILE B 568 -5.63 11.81 45.83
N PRO B 569 -4.49 12.45 45.49
CA PRO B 569 -3.19 11.94 45.96
C PRO B 569 -3.06 11.74 47.47
N ARG B 570 -3.66 12.59 48.31
CA ARG B 570 -3.41 12.46 49.73
C ARG B 570 -3.94 11.15 50.32
N LYS B 571 -4.90 10.55 49.65
CA LYS B 571 -5.42 9.27 50.09
C LYS B 571 -4.58 8.09 49.60
N SER B 572 -3.41 8.39 49.04
CA SER B 572 -2.46 7.35 48.61
C SER B 572 -1.88 6.62 49.82
N LYS B 573 -1.41 5.40 49.61
CA LYS B 573 -0.87 4.61 50.70
C LYS B 573 0.60 4.95 50.88
N LEU B 574 1.26 5.30 49.80
CA LEU B 574 2.66 5.67 49.88
C LEU B 574 2.81 7.03 50.55
N ALA B 575 3.86 7.15 51.36
CA ALA B 575 4.15 8.35 52.13
C ALA B 575 4.39 9.52 51.19
N ILE B 576 5.17 9.22 50.15
CA ILE B 576 5.74 10.20 49.23
C ILE B 576 4.68 10.96 48.41
N HIS B 577 3.46 10.45 48.40
CA HIS B 577 2.40 11.05 47.62
C HIS B 577 1.46 11.89 48.47
N ARG B 578 1.64 11.85 49.80
CA ARG B 578 0.65 12.41 50.73
C ARG B 578 0.50 13.91 50.65
N ASN B 579 1.59 14.62 50.40
CA ASN B 579 1.54 16.08 50.40
C ASN B 579 1.37 16.65 48.99
N ILE B 580 1.15 15.77 48.02
CA ILE B 580 0.77 16.23 46.68
C ILE B 580 -0.62 16.85 46.77
N ARG B 581 -0.74 18.08 46.29
CA ARG B 581 -2.01 18.80 46.31
C ARG B 581 -3.04 18.19 45.36
N ASP B 582 -4.32 18.44 45.63
CA ASP B 582 -5.44 17.88 44.86
C ASP B 582 -5.35 18.25 43.39
N ASP B 583 -4.98 19.49 43.09
CA ASP B 583 -4.90 19.88 41.70
C ASP B 583 -3.55 19.53 41.07
N GLU B 584 -2.78 18.73 41.79
CA GLU B 584 -1.45 18.35 41.29
C GLU B 584 -1.36 16.90 40.88
N GLY B 585 -2.41 16.13 41.11
CA GLY B 585 -2.41 14.77 40.68
C GLY B 585 -3.74 14.09 40.88
N PHE B 586 -3.84 12.83 40.44
CA PHE B 586 -4.99 11.97 40.78
C PHE B 586 -4.58 10.50 40.89
N ILE B 587 -5.36 9.74 41.65
CA ILE B 587 -5.12 8.32 41.76
C ILE B 587 -6.14 7.62 40.89
N ILE B 588 -5.69 6.65 40.11
CA ILE B 588 -6.62 5.82 39.37
C ILE B 588 -6.52 4.41 39.93
N ARG B 589 -7.67 3.85 40.29
CA ARG B 589 -7.72 2.47 40.78
C ARG B 589 -7.75 1.52 39.60
N HIS B 590 -6.58 1.17 39.08
CA HIS B 590 -6.48 0.32 37.90
C HIS B 590 -6.79 -1.11 38.28
N PHE B 591 -7.15 -1.94 37.32
CA PHE B 591 -7.46 -3.34 37.65
C PHE B 591 -6.27 -3.98 38.35
N ALA B 592 -5.06 -3.46 38.12
CA ALA B 592 -3.85 -4.06 38.63
C ALA B 592 -3.31 -3.35 39.87
N GLY B 593 -3.99 -2.31 40.30
CA GLY B 593 -3.64 -1.64 41.55
C GLY B 593 -3.73 -0.13 41.36
N ALA B 594 -3.82 0.60 42.46
CA ALA B 594 -3.89 2.05 42.40
C ALA B 594 -2.54 2.66 42.02
N VAL B 595 -2.59 3.67 41.17
CA VAL B 595 -1.40 4.35 40.69
C VAL B 595 -1.65 5.85 40.82
N CYS B 596 -0.72 6.53 41.46
CA CYS B 596 -0.87 7.96 41.68
C CYS B 596 -0.09 8.72 40.60
N TYR B 597 -0.79 9.58 39.87
CA TYR B 597 -0.20 10.33 38.80
C TYR B 597 -0.04 11.77 39.22
N GLU B 598 1.16 12.30 39.04
CA GLU B 598 1.37 13.73 39.12
C GLU B 598 1.04 14.33 37.75
N THR B 599 0.21 15.36 37.74
CA THR B 599 -0.33 15.89 36.48
C THR B 599 0.45 17.04 35.83
N THR B 600 1.51 17.53 36.49
CA THR B 600 2.37 18.49 35.84
C THR B 600 2.83 17.96 34.47
N GLN B 601 2.74 18.81 33.45
CA GLN B 601 3.06 18.50 32.06
C GLN B 601 2.08 17.60 31.27
N PHE B 602 0.92 17.30 31.88
CA PHE B 602 -0.09 16.50 31.16
C PHE B 602 -0.56 17.24 29.94
N VAL B 603 -0.82 18.54 30.12
CA VAL B 603 -1.33 19.38 29.05
C VAL B 603 -0.34 19.46 27.90
N GLU B 604 0.89 19.86 28.19
CA GLU B 604 1.92 19.88 27.14
C GLU B 604 2.14 18.50 26.48
N LYS B 605 2.12 17.42 27.25
CA LYS B 605 2.41 16.10 26.67
C LYS B 605 1.27 15.56 25.83
N ASN B 606 0.07 16.09 26.02
CA ASN B 606 -1.10 15.66 25.25
C ASN B 606 -1.18 16.25 23.82
N ASN B 607 -0.26 17.18 23.53
CA ASN B 607 -0.19 17.84 22.21
C ASN B 607 0.85 17.23 21.28
N ASP B 608 0.39 16.57 20.23
CA ASP B 608 1.29 15.89 19.32
C ASP B 608 1.78 16.86 18.23
N ALA B 609 1.24 18.08 18.22
CA ALA B 609 1.51 19.02 17.15
C ALA B 609 2.81 19.79 17.35
N LEU B 610 3.56 19.87 16.27
CA LEU B 610 4.79 20.64 16.19
C LEU B 610 4.48 22.01 15.60
N HIS B 611 4.95 23.08 16.24
CA HIS B 611 4.75 24.45 15.76
C HIS B 611 5.18 24.62 14.30
N MET B 612 4.40 25.36 13.52
CA MET B 612 4.63 25.53 12.07
C MET B 612 6.05 25.94 11.67
N SER B 613 6.67 26.79 12.49
CA SER B 613 8.03 27.25 12.19
C SER B 613 9.01 26.08 12.23
N LEU B 614 8.86 25.20 13.22
CA LEU B 614 9.73 24.02 13.34
C LEU B 614 9.43 22.99 12.26
N GLU B 615 8.16 22.74 12.04
CA GLU B 615 7.74 21.86 10.95
C GLU B 615 8.37 22.32 9.65
N SER B 616 8.15 23.59 9.30
CA SER B 616 8.65 24.15 8.04
C SER B 616 10.14 23.93 7.90
N LEU B 617 10.88 24.20 8.97
CA LEU B 617 12.33 24.04 8.97
C LEU B 617 12.74 22.65 8.51
N ILE B 618 12.13 21.63 9.12
CA ILE B 618 12.51 20.24 8.85
C ILE B 618 12.03 19.74 7.45
N CYS B 619 10.84 20.17 7.03
CA CYS B 619 10.33 19.81 5.70
C CYS B 619 11.11 20.39 4.56
N GLU B 620 11.81 21.48 4.82
CA GLU B 620 12.52 22.20 3.77
C GLU B 620 13.99 21.80 3.78
N SER B 621 14.28 20.72 4.49
CA SER B 621 15.64 20.23 4.61
C SER B 621 16.27 19.95 3.24
N ARG B 622 17.58 20.18 3.13
CA ARG B 622 18.30 19.83 1.91
C ARG B 622 18.32 18.31 1.67
N ASP B 623 18.30 17.53 2.74
CA ASP B 623 18.38 16.06 2.60
C ASP B 623 17.02 15.42 2.26
N LYS B 624 16.97 14.74 1.12
CA LYS B 624 15.75 14.08 0.66
C LYS B 624 15.17 13.08 1.69
N PHE B 625 16.03 12.42 2.45
CA PHE B 625 15.58 11.42 3.44
C PHE B 625 14.81 12.10 4.56
N ILE B 626 15.39 13.19 5.10
CA ILE B 626 14.72 14.00 6.09
C ILE B 626 13.37 14.50 5.61
N ARG B 627 13.30 15.07 4.42
CA ARG B 627 12.03 15.60 3.90
C ARG B 627 11.00 14.50 3.80
N GLU B 628 11.45 13.34 3.36
CA GLU B 628 10.55 12.20 3.22
C GLU B 628 9.99 11.71 4.56
N LEU B 629 10.68 12.04 5.66
CA LEU B 629 10.18 11.69 6.99
C LEU B 629 8.89 12.46 7.27
N PHE B 630 8.68 13.56 6.54
CA PHE B 630 7.53 14.40 6.80
C PHE B 630 6.51 14.47 5.67
N GLU B 631 5.92 13.31 5.35
CA GLU B 631 4.86 13.10 4.33
C GLU B 631 5.41 12.91 2.90
N LEU B 647 -3.94 27.94 16.15
CA LEU B 647 -4.05 26.86 17.14
C LEU B 647 -3.57 25.52 16.61
N SER B 648 -2.34 25.16 16.94
CA SER B 648 -1.84 23.84 16.61
C SER B 648 -2.10 22.90 17.78
N PHE B 649 -3.04 21.96 17.60
CA PHE B 649 -3.33 20.96 18.62
C PHE B 649 -3.82 19.64 18.06
N ILE B 650 -3.06 18.57 18.29
CA ILE B 650 -3.54 17.22 17.95
C ILE B 650 -3.49 16.39 19.23
N SER B 651 -4.63 15.86 19.65
CA SER B 651 -4.67 15.11 20.91
C SER B 651 -3.85 13.82 20.82
N VAL B 652 -2.87 13.65 21.70
CA VAL B 652 -2.18 12.36 21.82
C VAL B 652 -3.10 11.28 22.39
N GLY B 653 -3.80 11.61 23.47
CA GLY B 653 -4.70 10.69 24.12
C GLY B 653 -5.85 10.18 23.24
N ASN B 654 -6.54 11.08 22.53
CA ASN B 654 -7.62 10.62 21.68
C ASN B 654 -7.14 9.97 20.39
N LYS B 655 -5.98 10.39 19.91
CA LYS B 655 -5.30 9.64 18.86
C LYS B 655 -5.09 8.20 19.31
N PHE B 656 -4.54 8.02 20.52
CA PHE B 656 -4.24 6.68 21.06
C PHE B 656 -5.53 5.86 21.18
N LYS B 657 -6.50 6.42 21.90
CA LYS B 657 -7.83 5.81 22.01
C LYS B 657 -8.42 5.31 20.70
N THR B 658 -8.34 6.14 19.66
CA THR B 658 -8.86 5.79 18.35
C THR B 658 -8.17 4.57 17.77
N GLN B 659 -6.84 4.61 17.75
CA GLN B 659 -6.04 3.45 17.35
C GLN B 659 -6.40 2.21 18.16
N LEU B 660 -6.58 2.35 19.47
CA LEU B 660 -6.83 1.18 20.30
C LEU B 660 -8.20 0.56 19.99
N ASN B 661 -9.20 1.41 19.78
CA ASN B 661 -10.51 0.91 19.45
C ASN B 661 -10.54 0.26 18.06
N LEU B 662 -9.74 0.79 17.15
CA LEU B 662 -9.63 0.15 15.84
C LEU B 662 -9.01 -1.22 16.00
N LEU B 663 -7.99 -1.30 16.86
CA LEU B 663 -7.40 -2.59 17.20
C LEU B 663 -8.41 -3.49 17.90
N LEU B 664 -9.17 -2.94 18.82
CA LEU B 664 -10.16 -3.74 19.55
C LEU B 664 -11.19 -4.36 18.58
N ASP B 665 -11.66 -3.55 17.62
CA ASP B 665 -12.55 -4.05 16.58
C ASP B 665 -11.95 -5.26 15.87
N LYS B 666 -10.69 -5.11 15.44
CA LYS B 666 -10.01 -6.21 14.77
C LYS B 666 -9.91 -7.47 15.65
N LEU B 667 -9.60 -7.31 16.93
CA LEU B 667 -9.41 -8.51 17.74
C LEU B 667 -10.75 -9.20 18.01
N ARG B 668 -11.81 -8.42 18.06
CA ARG B 668 -13.14 -9.00 18.33
C ARG B 668 -13.56 -9.94 17.20
N SER B 669 -13.09 -9.64 16.00
CA SER B 669 -13.49 -10.35 14.81
C SER B 669 -12.55 -11.51 14.52
N THR B 670 -11.74 -11.86 15.51
CA THR B 670 -10.86 -13.02 15.40
C THR B 670 -11.14 -13.98 16.55
N GLY B 671 -10.69 -15.23 16.40
CA GLY B 671 -10.62 -16.13 17.54
C GLY B 671 -9.38 -15.75 18.34
N ALA B 672 -9.51 -15.64 19.65
CA ALA B 672 -8.45 -15.11 20.49
C ALA B 672 -7.88 -16.13 21.48
N SER B 673 -6.55 -16.19 21.57
CA SER B 673 -5.88 -17.00 22.58
C SER B 673 -5.11 -16.09 23.53
N PHE B 674 -4.96 -16.51 24.78
CA PHE B 674 -4.32 -15.66 25.77
C PHE B 674 -3.15 -16.35 26.46
N ILE B 675 -2.08 -15.58 26.66
CA ILE B 675 -0.91 -16.01 27.40
C ILE B 675 -0.76 -14.96 28.49
N ARG B 676 -0.83 -15.38 29.76
CA ARG B 676 -0.71 -14.43 30.85
C ARG B 676 0.69 -14.57 31.41
N CYS B 677 1.47 -13.49 31.28
CA CYS B 677 2.86 -13.50 31.71
C CYS B 677 2.92 -12.97 33.11
N ILE B 678 3.78 -13.60 33.90
CA ILE B 678 3.91 -13.28 35.30
C ILE B 678 5.35 -12.94 35.64
N LYS B 679 5.54 -11.85 36.39
CA LYS B 679 6.86 -11.46 36.92
C LYS B 679 7.06 -11.98 38.36
N PRO B 680 8.15 -12.75 38.56
CA PRO B 680 8.33 -13.52 39.79
C PRO B 680 8.89 -12.70 40.95
N ASN B 681 9.60 -11.61 40.66
CA ASN B 681 10.17 -10.77 41.71
C ASN B 681 10.51 -9.37 41.18
N LEU B 682 10.97 -8.49 42.05
CA LEU B 682 11.27 -7.13 41.62
C LEU B 682 12.77 -6.90 41.34
N LYS B 683 13.56 -7.97 41.29
CA LYS B 683 15.02 -7.83 41.26
C LYS B 683 15.65 -8.40 39.98
N MET B 684 14.82 -8.87 39.06
CA MET B 684 15.29 -9.55 37.84
C MET B 684 16.16 -10.77 38.11
N THR B 685 15.91 -11.49 39.19
CA THR B 685 16.69 -12.67 39.46
C THR B 685 15.95 -13.96 39.12
N SER B 686 16.72 -15.02 38.94
CA SER B 686 16.19 -16.33 38.63
C SER B 686 15.96 -17.07 39.96
N HIS B 687 15.14 -18.11 39.93
CA HIS B 687 14.76 -18.85 41.13
C HIS B 687 14.47 -18.01 42.38
N HIS B 688 13.73 -16.92 42.18
CA HIS B 688 13.17 -16.19 43.30
C HIS B 688 11.68 -15.93 43.10
N PHE B 689 10.89 -16.92 43.49
CA PHE B 689 9.44 -16.88 43.36
C PHE B 689 8.89 -16.16 44.57
N GLU B 690 8.40 -14.94 44.36
CA GLU B 690 7.76 -14.17 45.42
C GLU B 690 6.25 -14.46 45.43
N GLY B 691 5.83 -15.33 46.35
CA GLY B 691 4.45 -15.80 46.42
C GLY B 691 3.35 -14.74 46.45
N ALA B 692 3.44 -13.81 47.41
CA ALA B 692 2.50 -12.68 47.49
C ALA B 692 2.40 -11.87 46.19
N GLN B 693 3.55 -11.50 45.65
CA GLN B 693 3.61 -10.76 44.39
C GLN B 693 2.97 -11.51 43.24
N ILE B 694 3.24 -12.79 43.16
CA ILE B 694 2.68 -13.59 42.09
C ILE B 694 1.17 -13.84 42.29
N LEU B 695 0.75 -14.01 43.55
CA LEU B 695 -0.66 -14.23 43.84
C LEU B 695 -1.45 -12.99 43.45
N SER B 696 -0.87 -11.82 43.71
CA SER B 696 -1.54 -10.55 43.38
C SER B 696 -1.83 -10.46 41.90
N GLN B 697 -0.84 -10.91 41.10
CA GLN B 697 -0.96 -10.95 39.65
C GLN B 697 -1.97 -11.97 39.15
N LEU B 698 -1.94 -13.20 39.69
CA LEU B 698 -2.96 -14.20 39.38
C LEU B 698 -4.36 -13.68 39.69
N GLN B 699 -4.49 -12.89 40.76
CA GLN B 699 -5.80 -12.36 41.14
C GLN B 699 -6.26 -11.26 40.19
N CYS B 700 -5.43 -10.25 40.01
N CYS B 700 -5.44 -10.23 40.01
CA CYS B 700 -5.83 -9.10 39.21
CA CYS B 700 -5.86 -9.10 39.20
C CYS B 700 -5.92 -9.46 37.74
C CYS B 700 -5.88 -9.42 37.71
N SER B 701 -5.18 -10.47 37.30
CA SER B 701 -5.27 -10.88 35.90
C SER B 701 -6.62 -11.55 35.57
N GLY B 702 -7.34 -11.97 36.60
CA GLY B 702 -8.59 -12.66 36.42
C GLY B 702 -8.46 -14.17 36.45
N MET B 703 -7.24 -14.68 36.59
CA MET B 703 -7.01 -16.12 36.46
C MET B 703 -7.62 -16.95 37.58
N VAL B 704 -7.57 -16.46 38.81
CA VAL B 704 -8.31 -17.11 39.89
C VAL B 704 -9.80 -17.31 39.49
N SER B 705 -10.47 -16.25 39.02
CA SER B 705 -11.84 -16.33 38.48
C SER B 705 -11.99 -17.31 37.30
N VAL B 706 -11.05 -17.26 36.36
CA VAL B 706 -11.09 -18.18 35.24
C VAL B 706 -10.96 -19.62 35.69
N LEU B 707 -10.09 -19.88 36.67
CA LEU B 707 -9.97 -21.25 37.18
C LEU B 707 -11.29 -21.73 37.79
N ASP B 708 -11.96 -20.83 38.51
CA ASP B 708 -13.23 -21.14 39.14
C ASP B 708 -14.27 -21.47 38.05
N LEU B 709 -14.24 -20.74 36.94
CA LEU B 709 -15.16 -21.00 35.84
C LEU B 709 -14.78 -22.27 35.03
N MET B 710 -13.70 -22.93 35.41
CA MET B 710 -13.28 -24.17 34.74
C MET B 710 -13.69 -25.42 35.53
N GLN B 711 -13.80 -25.25 36.85
CA GLN B 711 -14.41 -26.23 37.73
C GLN B 711 -15.60 -26.91 37.07
N GLY B 712 -16.35 -26.14 36.28
CA GLY B 712 -17.52 -26.66 35.62
C GLY B 712 -17.79 -26.12 34.23
N GLY B 713 -16.75 -25.62 33.56
CA GLY B 713 -16.92 -25.07 32.23
C GLY B 713 -16.55 -26.06 31.14
N PHE B 714 -16.78 -25.68 29.89
CA PHE B 714 -16.47 -26.52 28.75
C PHE B 714 -15.79 -25.66 27.68
N PRO B 715 -14.45 -25.71 27.60
CA PRO B 715 -13.76 -24.81 26.66
C PRO B 715 -13.91 -25.18 25.19
N SER B 716 -14.22 -26.44 24.90
CA SER B 716 -14.23 -26.92 23.53
C SER B 716 -15.66 -27.18 23.04
N ARG B 717 -15.96 -26.87 21.78
CA ARG B 717 -17.33 -27.04 21.31
C ARG B 717 -17.57 -26.94 19.81
N ALA B 718 -18.74 -27.41 19.39
CA ALA B 718 -19.10 -27.40 17.97
C ALA B 718 -20.62 -27.49 17.78
N SER B 719 -21.09 -27.04 16.61
CA SER B 719 -22.50 -27.08 16.26
C SER B 719 -22.96 -28.50 15.96
N PHE B 720 -23.63 -29.14 16.91
CA PHE B 720 -24.17 -30.50 16.72
C PHE B 720 -25.43 -30.47 15.85
N HIS B 721 -25.29 -29.83 14.69
CA HIS B 721 -26.36 -29.62 13.73
C HIS B 721 -25.65 -29.26 12.43
N GLU B 722 -24.32 -29.32 12.48
CA GLU B 722 -23.43 -29.08 11.36
C GLU B 722 -22.24 -30.03 11.52
N LEU B 723 -22.35 -30.87 12.55
CA LEU B 723 -21.32 -31.86 12.87
C LEU B 723 -21.76 -33.22 12.34
N TYR B 724 -23.04 -33.54 12.52
CA TYR B 724 -23.61 -34.75 11.97
C TYR B 724 -23.57 -34.67 10.46
N ASN B 725 -24.06 -33.54 9.94
CA ASN B 725 -24.08 -33.26 8.51
C ASN B 725 -22.74 -33.51 7.82
N MET B 726 -21.66 -33.20 8.53
CA MET B 726 -20.31 -33.41 8.03
C MET B 726 -20.01 -34.92 7.90
N TYR B 727 -20.66 -35.72 8.72
CA TYR B 727 -20.58 -37.17 8.56
C TYR B 727 -21.70 -37.66 7.68
N LYS B 728 -22.47 -38.63 8.16
CA LYS B 728 -23.56 -39.24 7.41
C LYS B 728 -23.06 -39.96 6.15
N LYS B 729 -22.59 -39.17 5.18
CA LYS B 729 -22.16 -39.66 3.88
C LYS B 729 -21.19 -40.85 3.91
N TYR B 730 -20.71 -41.20 5.10
CA TYR B 730 -19.69 -42.24 5.24
C TYR B 730 -20.13 -43.33 6.22
N LEU B 735 -26.61 -47.91 6.63
CA LEU B 735 -26.33 -48.94 7.63
C LEU B 735 -26.02 -48.30 8.98
N ALA B 736 -25.34 -47.16 8.95
CA ALA B 736 -25.11 -46.36 10.15
C ALA B 736 -25.94 -45.09 10.06
N ARG B 737 -27.18 -45.24 9.60
CA ARG B 737 -28.14 -44.12 9.49
C ARG B 737 -28.56 -43.61 10.88
N LEU B 738 -29.31 -44.44 11.60
CA LEU B 738 -29.56 -44.19 13.04
C LEU B 738 -30.32 -42.92 13.37
N ASP B 739 -29.86 -42.25 14.43
CA ASP B 739 -30.36 -40.95 14.86
C ASP B 739 -29.18 -40.03 15.17
N PRO B 740 -29.27 -38.75 14.77
CA PRO B 740 -28.21 -37.74 14.95
C PRO B 740 -27.52 -37.72 16.32
N ARG B 741 -28.25 -37.40 17.40
CA ARG B 741 -27.61 -37.27 18.71
C ARG B 741 -27.02 -38.59 19.23
N LEU B 742 -27.49 -39.69 18.65
CA LEU B 742 -27.07 -41.02 19.07
C LEU B 742 -25.83 -41.42 18.30
N PHE B 743 -25.77 -40.97 17.06
CA PHE B 743 -24.60 -41.20 16.24
C PHE B 743 -23.37 -40.57 16.87
N CYS B 744 -23.55 -39.42 17.52
CA CYS B 744 -22.45 -38.72 18.15
C CYS B 744 -21.98 -39.48 19.37
N LYS B 745 -22.93 -39.85 20.23
CA LYS B 745 -22.61 -40.52 21.49
C LYS B 745 -21.78 -41.76 21.22
N ALA B 746 -21.96 -42.34 20.04
CA ALA B 746 -21.28 -43.59 19.71
C ALA B 746 -19.88 -43.31 19.19
N LEU B 747 -19.74 -42.18 18.50
CA LEU B 747 -18.44 -41.72 18.01
C LEU B 747 -17.56 -41.35 19.20
N PHE B 748 -18.16 -40.67 20.19
CA PHE B 748 -17.44 -40.28 21.40
C PHE B 748 -17.03 -41.49 22.21
N LYS B 749 -17.95 -42.45 22.37
CA LYS B 749 -17.64 -43.64 23.15
C LYS B 749 -16.57 -44.48 22.42
N ALA B 750 -16.45 -44.24 21.13
CA ALA B 750 -15.47 -44.92 20.30
C ALA B 750 -14.07 -44.34 20.50
N LEU B 751 -14.02 -43.04 20.73
CA LEU B 751 -12.76 -42.34 21.00
C LEU B 751 -12.47 -42.34 22.50
N GLY B 752 -12.95 -43.37 23.19
CA GLY B 752 -12.62 -43.56 24.59
C GLY B 752 -13.25 -42.58 25.56
N LEU B 753 -13.92 -41.54 25.04
CA LEU B 753 -14.65 -40.57 25.87
C LEU B 753 -15.79 -41.19 26.70
N ASN B 754 -15.89 -40.76 27.94
CA ASN B 754 -16.97 -41.22 28.82
C ASN B 754 -18.06 -40.18 28.93
N GLU B 755 -19.13 -40.53 29.64
CA GLU B 755 -20.33 -39.70 29.67
C GLU B 755 -20.09 -38.31 30.27
N ILE B 756 -19.34 -38.25 31.36
CA ILE B 756 -19.12 -36.97 32.02
C ILE B 756 -18.28 -36.00 31.18
N ASP B 757 -17.39 -36.54 30.35
CA ASP B 757 -16.47 -35.72 29.53
C ASP B 757 -17.14 -34.75 28.56
N TYR B 758 -18.47 -34.89 28.35
CA TYR B 758 -19.21 -34.01 27.45
C TYR B 758 -20.64 -33.69 27.89
N LYS B 759 -21.32 -32.90 27.06
CA LYS B 759 -22.64 -32.42 27.40
C LYS B 759 -23.24 -31.74 26.18
N PHE B 760 -24.52 -32.02 25.90
CA PHE B 760 -25.19 -31.41 24.76
C PHE B 760 -25.93 -30.15 25.19
N GLY B 761 -25.93 -29.15 24.30
CA GLY B 761 -26.72 -27.95 24.49
C GLY B 761 -27.68 -27.78 23.34
N LEU B 762 -28.55 -26.76 23.41
CA LEU B 762 -29.59 -26.54 22.42
C LEU B 762 -29.11 -26.70 20.98
N THR B 763 -28.02 -26.02 20.63
CA THR B 763 -27.50 -26.01 19.26
C THR B 763 -26.11 -26.64 19.12
N LYS B 764 -25.34 -26.61 20.20
CA LYS B 764 -23.95 -27.03 20.17
C LYS B 764 -23.63 -28.15 21.16
N VAL B 765 -22.54 -28.88 20.90
CA VAL B 765 -22.06 -29.90 21.83
C VAL B 765 -20.77 -29.41 22.50
N PHE B 766 -20.69 -29.59 23.81
CA PHE B 766 -19.57 -29.06 24.60
C PHE B 766 -18.71 -30.17 25.19
N PHE B 767 -17.44 -29.88 25.42
CA PHE B 767 -16.48 -30.86 25.94
C PHE B 767 -15.67 -30.24 27.08
N ARG B 768 -15.26 -31.10 28.00
CA ARG B 768 -14.53 -30.69 29.21
C ARG B 768 -13.04 -30.37 28.98
N PRO B 769 -12.43 -29.61 29.91
CA PRO B 769 -10.97 -29.43 29.88
C PRO B 769 -10.29 -30.79 29.90
N GLY B 770 -9.14 -30.92 29.25
CA GLY B 770 -8.40 -32.17 29.28
C GLY B 770 -8.82 -33.08 28.14
N LYS B 771 -9.71 -32.57 27.30
CA LYS B 771 -10.26 -33.38 26.22
C LYS B 771 -10.03 -32.79 24.83
N PHE B 772 -9.09 -31.86 24.71
CA PHE B 772 -8.84 -31.21 23.43
C PHE B 772 -8.41 -32.22 22.39
N ALA B 773 -7.64 -33.22 22.81
CA ALA B 773 -7.10 -34.20 21.87
C ALA B 773 -8.24 -34.92 21.13
N GLU B 774 -9.22 -35.38 21.91
CA GLU B 774 -10.37 -36.08 21.37
C GLU B 774 -11.24 -35.18 20.49
N PHE B 775 -11.52 -33.97 20.99
CA PHE B 775 -12.32 -33.00 20.25
C PHE B 775 -11.70 -32.68 18.88
N ASP B 776 -10.36 -32.60 18.85
CA ASP B 776 -9.66 -32.31 17.61
C ASP B 776 -9.91 -33.43 16.60
N GLN B 777 -9.75 -34.68 17.07
CA GLN B 777 -10.00 -35.86 16.24
C GLN B 777 -11.40 -35.84 15.66
N ILE B 778 -12.37 -35.53 16.50
CA ILE B 778 -13.75 -35.39 16.06
C ILE B 778 -13.89 -34.34 14.94
N MET B 779 -13.19 -33.23 15.08
CA MET B 779 -13.39 -32.10 14.18
C MET B 779 -12.64 -32.14 12.83
N LYS B 780 -11.71 -33.08 12.66
CA LYS B 780 -10.89 -33.11 11.45
C LYS B 780 -11.72 -33.41 10.19
N SER B 781 -11.54 -32.61 9.15
CA SER B 781 -12.34 -32.71 7.92
C SER B 781 -11.69 -33.44 6.75
N ASP B 782 -10.44 -33.88 6.93
CA ASP B 782 -9.74 -34.69 5.94
C ASP B 782 -10.61 -35.85 5.51
N PRO B 783 -10.94 -35.92 4.21
CA PRO B 783 -11.95 -36.85 3.68
C PRO B 783 -11.58 -38.29 3.98
N ASP B 784 -10.30 -38.60 3.86
CA ASP B 784 -9.79 -39.91 4.22
C ASP B 784 -10.07 -40.18 5.70
N HIS B 785 -9.61 -39.26 6.55
CA HIS B 785 -9.74 -39.40 8.00
C HIS B 785 -11.18 -39.57 8.47
N LEU B 786 -12.12 -38.95 7.76
CA LEU B 786 -13.53 -39.09 8.08
C LEU B 786 -13.99 -40.53 7.87
N ALA B 787 -13.31 -41.25 7.00
CA ALA B 787 -13.64 -42.65 6.74
C ALA B 787 -12.83 -43.61 7.63
N GLU B 788 -11.64 -43.18 8.05
CA GLU B 788 -10.83 -43.96 9.01
C GLU B 788 -11.53 -43.96 10.37
N LEU B 789 -12.54 -43.11 10.50
CA LEU B 789 -13.37 -43.04 11.70
C LEU B 789 -14.62 -43.91 11.57
N VAL B 790 -15.32 -43.81 10.43
CA VAL B 790 -16.53 -44.59 10.22
C VAL B 790 -16.23 -46.07 9.93
N LYS B 791 -14.95 -46.42 10.05
CA LYS B 791 -14.50 -47.82 9.97
C LYS B 791 -13.98 -48.28 11.35
N ARG B 792 -13.63 -47.32 12.20
CA ARG B 792 -13.24 -47.61 13.57
C ARG B 792 -14.48 -47.57 14.47
N VAL B 793 -15.55 -47.01 13.92
CA VAL B 793 -16.86 -47.00 14.57
C VAL B 793 -17.59 -48.31 14.32
N ASN B 794 -17.47 -48.83 13.10
CA ASN B 794 -18.10 -50.10 12.73
C ASN B 794 -17.44 -51.33 13.40
N HIS B 795 -16.11 -51.27 13.57
CA HIS B 795 -15.38 -52.34 14.27
C HIS B 795 -15.52 -52.18 15.79
N TRP B 796 -16.50 -51.38 16.18
CA TRP B 796 -16.90 -51.18 17.57
C TRP B 796 -18.38 -51.60 17.67
N LEU B 797 -18.72 -52.68 16.97
CA LEU B 797 -20.10 -53.17 16.93
C LEU B 797 -20.22 -54.65 17.34
PB ADP C . -5.67 8.28 -20.65
O1B ADP C . -6.45 7.77 -21.78
O2B ADP C . -5.10 7.25 -19.70
O3B ADP C . -4.63 9.27 -21.09
PA ADP C . -8.26 9.47 -20.09
O1A ADP C . -8.39 10.17 -21.42
O2A ADP C . -9.04 8.21 -19.88
O3A ADP C . -6.69 9.20 -19.80
O5' ADP C . -8.60 10.49 -18.90
C5' ADP C . -8.66 10.00 -17.55
C4' ADP C . -9.79 10.70 -16.82
O4' ADP C . -9.46 12.08 -16.69
C3' ADP C . -11.08 10.71 -17.64
O3' ADP C . -11.89 9.53 -17.53
C2' ADP C . -11.78 11.98 -17.24
O2' ADP C . -12.40 11.83 -15.97
C1' ADP C . -10.61 12.89 -16.94
N9 ADP C . -10.33 13.81 -18.07
C8 ADP C . -9.31 13.75 -18.93
N7 ADP C . -9.33 14.78 -19.79
C5 ADP C . -10.40 15.53 -19.50
C6 ADP C . -11.00 16.77 -20.02
N6 ADP C . -10.48 17.43 -21.07
N1 ADP C . -12.11 17.21 -19.42
C2 ADP C . -12.67 16.57 -18.39
N3 ADP C . -12.17 15.44 -17.85
C4 ADP C . -11.05 14.89 -18.36
V VO4 D . -4.67 5.08 -20.18
O1 VO4 D . -4.21 3.21 -20.51
O2 VO4 D . -6.23 5.13 -21.12
O3 VO4 D . -4.93 4.96 -18.29
O4 VO4 D . -3.04 5.74 -20.78
MG MG E . -7.32 5.88 -22.91
C1 GOL F . -16.91 7.39 -21.75
O1 GOL F . -15.72 7.86 -21.14
C2 GOL F . -17.61 6.50 -20.75
O2 GOL F . -18.98 6.85 -20.81
C3 GOL F . -17.37 5.00 -21.05
O3 GOL F . -18.16 4.50 -22.11
C1 GOL G . 5.37 12.72 -21.02
O1 GOL G . 4.05 12.90 -21.46
C2 GOL G . 5.76 11.28 -21.27
O2 GOL G . 5.61 10.62 -20.03
C3 GOL G . 4.87 10.72 -22.40
O3 GOL G . 4.61 9.34 -22.24
C1 GOL H . -24.02 5.80 -3.17
O1 GOL H . -23.47 7.07 -3.48
C2 GOL H . -23.17 5.07 -2.13
O2 GOL H . -22.21 5.95 -1.59
C3 GOL H . -24.09 4.53 -1.03
O3 GOL H . -24.10 3.11 -0.94
C1 GOL I . -32.68 -1.14 -14.00
O1 GOL I . -33.22 -1.88 -15.08
C2 GOL I . -32.37 -2.17 -12.94
O2 GOL I . -32.27 -3.39 -13.64
C3 GOL I . -31.01 -1.89 -12.28
O3 GOL I . -30.42 -3.12 -11.84
PB ADP J . 7.92 -7.38 28.93
O1B ADP J . 8.06 -7.54 27.48
O2B ADP J . 8.12 -6.03 29.56
O3B ADP J . 6.70 -8.04 29.45
PA ADP J . 10.30 -8.91 28.37
O1A ADP J . 9.64 -9.91 27.45
O2A ADP J . 11.15 -7.85 27.77
O3A ADP J . 9.20 -8.27 29.37
O5' ADP J . 11.22 -9.67 29.44
C5' ADP J . 12.09 -8.98 30.33
C4' ADP J . 13.35 -9.79 30.49
O4' ADP J . 13.06 -11.04 31.11
C3' ADP J . 13.94 -10.22 29.13
O3' ADP J . 14.71 -9.19 28.53
C2' ADP J . 14.77 -11.42 29.49
O2' ADP J . 16.02 -11.03 30.12
C1' ADP J . 13.93 -12.04 30.58
N9 ADP J . 13.03 -13.06 30.04
C8 ADP J . 11.71 -12.90 29.83
N7 ADP J . 11.19 -14.05 29.35
C5 ADP J . 12.18 -14.95 29.26
C6 ADP J . 12.31 -16.37 28.85
N6 ADP J . 11.24 -17.08 28.42
N1 ADP J . 13.54 -16.93 28.91
C2 ADP J . 14.62 -16.24 29.33
N3 ADP J . 14.57 -14.96 29.73
C4 ADP J . 13.40 -14.29 29.73
V VO4 K . 7.54 -4.02 29.07
O1 VO4 K . 7.08 -2.17 28.65
O2 VO4 K . 8.55 -4.37 27.56
O3 VO4 K . 8.73 -3.61 30.50
O4 VO4 K . 5.80 -4.65 29.39
MG MG L . 7.81 -5.76 25.91
C1 GOL M . 34.15 -3.68 32.44
O1 GOL M . 33.92 -2.53 33.21
C2 GOL M . 33.37 -4.84 33.05
O2 GOL M . 32.33 -4.34 33.87
C3 GOL M . 32.79 -5.73 31.96
O3 GOL M . 32.40 -6.94 32.58
C1 GOL N . 11.34 14.83 -3.31
O1 GOL N . 12.57 15.02 -3.99
C2 GOL N . 11.49 15.22 -1.84
O2 GOL N . 12.57 16.12 -1.77
C3 GOL N . 10.25 15.93 -1.33
O3 GOL N . 10.61 17.11 -0.61
#